data_6RP9
#
_entry.id   6RP9
#
_cell.length_a   106.570
_cell.length_b   85.610
_cell.length_c   171.920
_cell.angle_alpha   90.00
_cell.angle_beta   91.78
_cell.angle_gamma   90.00
#
_symmetry.space_group_name_H-M   'P 1 21 1'
#
loop_
_entity.id
_entity.type
_entity.pdbx_description
1 polymer 'HLA class I histocompatibility antigen, A-2 alpha chain'
2 polymer Beta-2-microglobulin
3 polymer 'Cancer/testis antigen 1'
4 polymer 'T-cell receptor alpha chain'
5 polymer 'T-cell receptor beta chain'
#
loop_
_entity_poly.entity_id
_entity_poly.type
_entity_poly.pdbx_seq_one_letter_code
_entity_poly.pdbx_strand_id
1 'polypeptide(L)'
;MGSHSMRYFFTSVSRPGRGEPRFIAVGYVDDTQFVRFDSDAASQRMEPRAPWIEQEGPEYWDGETRKVKAHSQTHRVDLG
TLRGYYNQSEAGSHTVQRMYGCDVGSDWRFLRGYHQYAYDGKDYIALKEDLRSWTAADMAAQTTKHKWEAAHVAEQLRAY
LEGTCVEWLRRYLENGKETLQRTDAPKTHMTHHAVSDHEATLRCWALSFYPAEITLTWQRDGEDQTQDTELVETRPAGDG
TFQKWAAVVVPSGQEQRYTCHVQHEGLPKPLTLRWEP
;
A,F
2 'polypeptide(L)'
;MIQRTPKIQVYSRHPAENGKSNFLNCYVSGFHPSDIEVDLLKNGERIEKVEHSDLSFSKDWSFYLLYYTEFTPTEKDEYA
CRVNHVTLSQPKIVKWDRDM
;
B,G
3 'polypeptide(L)' SLLMWITQV C,H
4 'polypeptide(L)'
;MQKEVEQNSGPLSVPEGAIASLNCTYSDRGSQSFFWYRQYSGKSPELIMFIYSNGDKEDGRFTAQLNKASQYVSLLIRDS
QPSDSATYLCALTRGPGNQFYFGTGTSLTVIPNIQNPDPAVYQLRDSKSSDKSVCLFTDFDSQTNVSQSKDSDVYITDKC
VLDMRSMDFKSNSAVAWSNKSDFACANAFNNSIIPEDTFFPSPESS
;
D,I,K
5 'polypeptide(L)'
;MGAGVSQSPRYKVTKRGQDVALRCDPISGHVSLYWYRQALGQGPEFLTYFNYEAQQDKSGLPNDRFSAERPEGSISTLTI
QRTEQRDSAMYRCASSSPGGVSTEAFFGQGTRLTVVEDLNKVFPPEVAVFEPSEAEISHTQKATLVCLATGFYPDHVELS
WWVNGKEVHSGVCTDPQPLKEQPALNDSRYALSSRLRVSATFWQDPRNHFRCQVQFYGLSENDEWTQDRAKPVTQIVSAE
AWGRAD
;
E,J,L
#
# COMPACT_ATOMS: atom_id res chain seq x y z
N GLY A 2 27.10 11.76 5.39
CA GLY A 2 27.13 12.91 6.35
C GLY A 2 28.20 13.94 6.01
N SER A 3 29.31 13.90 6.74
CA SER A 3 30.41 14.87 6.55
C SER A 3 31.20 14.58 5.28
N HIS A 4 31.69 15.64 4.65
CA HIS A 4 32.52 15.53 3.44
C HIS A 4 33.73 16.44 3.52
N SER A 5 34.65 16.31 2.55
CA SER A 5 35.89 17.10 2.52
C SER A 5 36.50 17.15 1.13
N MET A 6 37.20 18.26 0.84
CA MET A 6 38.08 18.39 -0.32
C MET A 6 39.49 18.66 0.17
N ARG A 7 40.48 18.02 -0.45
CA ARG A 7 41.88 18.19 -0.07
C ARG A 7 42.82 18.08 -1.28
N TYR A 8 43.83 18.94 -1.31
CA TYR A 8 44.89 18.90 -2.32
C TYR A 8 46.21 18.53 -1.67
N PHE A 9 46.94 17.59 -2.27
CA PHE A 9 48.23 17.11 -1.78
C PHE A 9 49.31 17.41 -2.80
N PHE A 10 50.41 18.04 -2.36
CA PHE A 10 51.52 18.43 -3.24
C PHE A 10 52.83 17.87 -2.73
N THR A 11 53.63 17.34 -3.64
CA THR A 11 54.94 16.79 -3.32
C THR A 11 55.97 17.37 -4.29
N SER A 12 57.14 17.78 -3.78
CA SER A 12 58.20 18.36 -4.60
C SER A 12 59.56 17.82 -4.17
N VAL A 13 60.26 17.14 -5.08
CA VAL A 13 61.51 16.44 -4.78
C VAL A 13 62.64 16.92 -5.70
N SER A 14 63.73 17.42 -5.09
CA SER A 14 64.88 17.91 -5.85
C SER A 14 65.72 16.77 -6.39
N ARG A 15 66.28 16.98 -7.59
CA ARG A 15 67.16 16.01 -8.27
C ARG A 15 68.39 16.76 -8.81
N PRO A 16 69.32 17.16 -7.90
CA PRO A 16 70.44 18.03 -8.30
C PRO A 16 71.31 17.50 -9.45
N GLY A 17 71.47 18.30 -10.49
CA GLY A 17 72.19 17.90 -11.70
C GLY A 17 71.49 16.89 -12.58
N ARG A 18 70.17 16.74 -12.42
CA ARG A 18 69.35 15.80 -13.19
C ARG A 18 68.03 16.48 -13.60
N GLY A 19 68.13 17.72 -14.11
CA GLY A 19 66.97 18.51 -14.48
C GLY A 19 66.32 19.20 -13.30
N GLU A 20 65.07 19.63 -13.48
CA GLU A 20 64.32 20.33 -12.44
C GLU A 20 63.78 19.36 -11.39
N PRO A 21 63.31 19.88 -10.24
CA PRO A 21 62.67 19.02 -9.25
C PRO A 21 61.36 18.39 -9.74
N ARG A 22 61.13 17.14 -9.34
CA ARG A 22 59.88 16.43 -9.64
C ARG A 22 58.77 17.01 -8.80
N PHE A 23 57.65 17.36 -9.43
CA PHE A 23 56.49 17.93 -8.74
C PHE A 23 55.23 17.16 -9.11
N ILE A 24 54.56 16.62 -8.09
CA ILE A 24 53.32 15.87 -8.26
C ILE A 24 52.26 16.49 -7.36
N ALA A 25 51.11 16.85 -7.95
CA ALA A 25 49.98 17.38 -7.22
C ALA A 25 48.77 16.50 -7.51
N VAL A 26 47.96 16.25 -6.47
CA VAL A 26 46.74 15.43 -6.60
C VAL A 26 45.62 16.00 -5.73
N GLY A 27 44.40 15.94 -6.25
CA GLY A 27 43.21 16.44 -5.55
C GLY A 27 42.24 15.31 -5.21
N TYR A 28 41.71 15.35 -3.99
CA TYR A 28 40.73 14.37 -3.51
C TYR A 28 39.42 15.06 -3.09
N VAL A 29 38.31 14.35 -3.28
CA VAL A 29 37.05 14.65 -2.58
C VAL A 29 36.70 13.39 -1.79
N ASP A 30 36.67 13.52 -0.46
CA ASP A 30 36.58 12.38 0.45
C ASP A 30 37.75 11.43 0.16
N ASP A 31 37.48 10.16 -0.19
CA ASP A 31 38.52 9.20 -0.56
C ASP A 31 38.58 8.92 -2.07
N THR A 32 37.94 9.78 -2.89
CA THR A 32 37.94 9.64 -4.34
C THR A 32 38.83 10.73 -4.95
N GLN A 33 39.91 10.31 -5.62
CA GLN A 33 40.77 11.24 -6.35
C GLN A 33 40.03 11.75 -7.59
N PHE A 34 40.26 13.01 -7.96
CA PHE A 34 39.62 13.61 -9.15
C PHE A 34 40.54 14.36 -10.13
N VAL A 35 41.68 14.89 -9.66
CA VAL A 35 42.64 15.56 -10.55
C VAL A 35 44.08 15.20 -10.19
N ARG A 36 44.98 15.45 -11.14
CA ARG A 36 46.41 15.33 -10.91
C ARG A 36 47.23 16.21 -11.85
N PHE A 37 48.46 16.50 -11.45
CA PHE A 37 49.46 17.17 -12.28
C PHE A 37 50.83 16.55 -12.02
N ASP A 38 51.58 16.30 -13.09
CA ASP A 38 52.93 15.74 -12.98
C ASP A 38 53.88 16.53 -13.88
N SER A 39 54.99 17.01 -13.31
CA SER A 39 55.95 17.84 -14.04
C SER A 39 56.77 17.07 -15.08
N ASP A 40 56.93 15.76 -14.88
CA ASP A 40 57.60 14.89 -15.87
C ASP A 40 56.67 14.40 -16.98
N ALA A 41 55.36 14.52 -16.81
CA ALA A 41 54.39 14.09 -17.83
C ALA A 41 54.43 14.97 -19.08
N ALA A 42 54.02 14.39 -20.21
CA ALA A 42 54.08 15.06 -21.51
C ALA A 42 53.08 16.21 -21.63
N SER A 43 51.86 15.97 -21.15
CA SER A 43 50.76 16.93 -21.27
C SER A 43 51.03 18.32 -20.70
N GLN A 44 51.72 18.38 -19.55
CA GLN A 44 51.95 19.63 -18.80
C GLN A 44 50.65 20.38 -18.49
N ARG A 45 49.64 19.61 -18.08
CA ARG A 45 48.31 20.12 -17.77
C ARG A 45 47.71 19.39 -16.58
N MET A 46 46.77 20.06 -15.91
CA MET A 46 45.96 19.42 -14.87
C MET A 46 45.00 18.46 -15.57
N GLU A 47 45.17 17.16 -15.33
CA GLU A 47 44.38 16.12 -15.99
C GLU A 47 43.27 15.60 -15.07
N PRO A 48 42.18 15.07 -15.65
CA PRO A 48 41.12 14.46 -14.86
C PRO A 48 41.44 13.01 -14.49
N ARG A 49 41.10 12.63 -13.25
CA ARG A 49 41.19 11.25 -12.78
C ARG A 49 39.88 10.82 -12.12
N ALA A 50 38.76 11.13 -12.79
CA ALA A 50 37.43 10.74 -12.34
C ALA A 50 36.42 11.02 -13.47
N PRO A 51 35.31 10.27 -13.51
CA PRO A 51 34.32 10.51 -14.58
C PRO A 51 33.56 11.83 -14.44
N TRP A 52 33.15 12.16 -13.22
CA TRP A 52 32.29 13.33 -12.96
C TRP A 52 32.94 14.70 -13.15
N ILE A 53 34.27 14.79 -13.01
CA ILE A 53 35.00 16.04 -13.22
C ILE A 53 35.15 16.42 -14.71
N GLU A 54 35.13 15.42 -15.59
CA GLU A 54 35.34 15.64 -17.04
C GLU A 54 34.33 16.57 -17.72
N GLN A 55 33.13 16.70 -17.15
CA GLN A 55 32.11 17.61 -17.67
C GLN A 55 32.47 19.11 -17.59
N GLU A 56 33.51 19.45 -16.82
CA GLU A 56 34.01 20.83 -16.73
C GLU A 56 34.53 21.32 -18.08
N GLY A 57 34.25 22.59 -18.40
CA GLY A 57 34.64 23.18 -19.68
C GLY A 57 36.12 23.53 -19.77
N PRO A 58 36.55 24.07 -20.94
CA PRO A 58 37.96 24.43 -21.13
C PRO A 58 38.50 25.48 -20.16
N GLU A 59 37.62 26.37 -19.69
CA GLU A 59 38.01 27.43 -18.75
C GLU A 59 38.47 26.90 -17.40
N TYR A 60 37.83 25.85 -16.90
CA TYR A 60 38.24 25.20 -15.65
C TYR A 60 39.64 24.61 -15.76
N TRP A 61 39.90 23.87 -16.82
CA TRP A 61 41.17 23.14 -17.00
C TRP A 61 42.35 24.07 -17.26
N ASP A 62 42.14 25.09 -18.09
CA ASP A 62 43.16 26.12 -18.30
C ASP A 62 43.50 26.83 -16.99
N GLY A 63 42.47 27.18 -16.21
CA GLY A 63 42.63 27.82 -14.91
C GLY A 63 43.37 26.99 -13.88
N GLU A 64 43.06 25.70 -13.81
CA GLU A 64 43.73 24.79 -12.88
C GLU A 64 45.17 24.49 -13.28
N THR A 65 45.44 24.46 -14.60
CA THR A 65 46.80 24.27 -15.11
C THR A 65 47.70 25.45 -14.76
N ARG A 66 47.19 26.67 -14.94
CA ARG A 66 47.92 27.89 -14.56
C ARG A 66 48.25 27.93 -13.07
N LYS A 67 47.27 27.58 -12.24
CA LYS A 67 47.44 27.58 -10.78
C LYS A 67 48.42 26.51 -10.30
N VAL A 68 48.28 25.29 -10.82
CA VAL A 68 49.16 24.18 -10.43
C VAL A 68 50.60 24.37 -10.95
N LYS A 69 50.76 25.02 -12.11
CA LYS A 69 52.09 25.44 -12.58
C LYS A 69 52.73 26.47 -11.66
N ALA A 70 51.91 27.40 -11.15
CA ALA A 70 52.38 28.39 -10.17
C ALA A 70 52.78 27.75 -8.85
N HIS A 71 52.07 26.69 -8.43
CA HIS A 71 52.47 25.89 -7.26
C HIS A 71 53.82 25.24 -7.48
N SER A 72 53.97 24.59 -8.64
CA SER A 72 55.18 23.85 -9.00
C SER A 72 56.42 24.72 -8.94
N GLN A 73 56.34 25.90 -9.54
CA GLN A 73 57.46 26.83 -9.60
C GLN A 73 57.76 27.48 -8.24
N THR A 74 56.72 27.66 -7.42
CA THR A 74 56.88 28.20 -6.06
C THR A 74 57.60 27.21 -5.15
N HIS A 75 57.19 25.94 -5.19
CA HIS A 75 57.81 24.91 -4.36
C HIS A 75 59.21 24.50 -4.85
N ARG A 76 59.51 24.81 -6.12
CA ARG A 76 60.88 24.72 -6.63
C ARG A 76 61.80 25.70 -5.89
N VAL A 77 61.31 26.93 -5.71
CA VAL A 77 62.04 27.97 -4.97
C VAL A 77 62.12 27.63 -3.49
N ASP A 78 61.04 27.06 -2.94
CA ASP A 78 61.00 26.65 -1.53
C ASP A 78 62.10 25.64 -1.19
N LEU A 79 62.38 24.71 -2.11
CA LEU A 79 63.49 23.75 -1.95
C LEU A 79 64.83 24.47 -1.80
N GLY A 80 65.10 25.38 -2.72
CA GLY A 80 66.31 26.22 -2.66
C GLY A 80 66.37 27.07 -1.40
N THR A 81 65.23 27.63 -1.00
CA THR A 81 65.12 28.44 0.21
C THR A 81 65.40 27.61 1.47
N LEU A 82 64.78 26.43 1.54
CA LEU A 82 64.91 25.55 2.71
C LEU A 82 66.32 24.94 2.84
N ARG A 83 66.95 24.67 1.70
CA ARG A 83 68.36 24.22 1.67
C ARG A 83 69.28 25.26 2.33
N GLY A 84 69.07 26.53 1.97
CA GLY A 84 69.80 27.64 2.59
C GLY A 84 69.47 27.87 4.05
N TYR A 85 68.20 27.68 4.41
CA TYR A 85 67.73 27.80 5.80
C TYR A 85 68.41 26.77 6.72
N TYR A 86 68.38 25.50 6.30
CA TYR A 86 68.98 24.39 7.08
C TYR A 86 70.47 24.15 6.79
N ASN A 87 71.03 24.89 5.83
CA ASN A 87 72.48 24.90 5.55
C ASN A 87 72.98 23.53 5.07
N GLN A 88 72.31 23.01 4.04
CA GLN A 88 72.60 21.69 3.46
C GLN A 88 73.25 21.84 2.09
N SER A 89 73.98 20.80 1.67
CA SER A 89 74.71 20.82 0.40
C SER A 89 73.78 20.79 -0.81
N GLU A 90 74.29 21.25 -1.94
CA GLU A 90 73.52 21.35 -3.19
C GLU A 90 73.19 19.98 -3.79
N ALA A 91 74.11 19.03 -3.67
CA ALA A 91 73.96 17.71 -4.30
C ALA A 91 72.95 16.79 -3.61
N GLY A 92 72.65 17.02 -2.33
CA GLY A 92 71.68 16.19 -1.60
C GLY A 92 70.24 16.41 -2.05
N SER A 93 69.49 15.31 -2.15
CA SER A 93 68.06 15.37 -2.52
C SER A 93 67.20 15.58 -1.28
N HIS A 94 66.16 16.41 -1.41
CA HIS A 94 65.26 16.75 -0.30
C HIS A 94 63.81 16.86 -0.78
N THR A 95 62.88 16.70 0.15
CA THR A 95 61.44 16.63 -0.14
C THR A 95 60.67 17.79 0.51
N VAL A 96 59.71 18.35 -0.21
CA VAL A 96 58.79 19.36 0.30
C VAL A 96 57.37 18.86 0.06
N GLN A 97 56.61 18.69 1.14
CA GLN A 97 55.22 18.24 1.06
C GLN A 97 54.29 19.33 1.59
N ARG A 98 53.15 19.49 0.93
CA ARG A 98 52.13 20.46 1.32
C ARG A 98 50.73 19.87 1.16
N MET A 99 49.86 20.21 2.11
CA MET A 99 48.46 19.80 2.10
C MET A 99 47.58 20.97 2.51
N TYR A 100 46.51 21.21 1.77
CA TYR A 100 45.44 22.10 2.23
C TYR A 100 44.07 21.65 1.73
N GLY A 101 43.04 22.19 2.37
CA GLY A 101 41.65 21.84 2.06
C GLY A 101 40.68 22.19 3.17
N CYS A 102 39.44 21.76 3.00
CA CYS A 102 38.34 22.11 3.92
C CYS A 102 37.40 20.93 4.15
N ASP A 103 36.75 20.94 5.32
CA ASP A 103 35.73 19.95 5.69
C ASP A 103 34.34 20.59 5.74
N VAL A 104 33.32 19.76 5.56
CA VAL A 104 31.92 20.18 5.73
C VAL A 104 31.12 19.12 6.49
N GLY A 105 30.09 19.56 7.20
CA GLY A 105 29.19 18.67 7.95
C GLY A 105 28.10 18.07 7.08
N SER A 106 27.07 17.54 7.72
CA SER A 106 25.91 16.98 7.02
C SER A 106 25.13 18.04 6.26
N ASP A 107 25.03 19.24 6.85
CA ASP A 107 24.38 20.39 6.22
C ASP A 107 25.18 21.08 5.07
N TRP A 108 26.39 20.59 4.79
CA TRP A 108 27.29 21.14 3.75
C TRP A 108 27.81 22.55 4.06
N ARG A 109 27.82 22.93 5.35
CA ARG A 109 28.39 24.21 5.80
C ARG A 109 29.85 23.99 6.20
N PHE A 110 30.58 25.08 6.36
CA PHE A 110 32.00 25.04 6.73
C PHE A 110 32.19 24.46 8.13
N LEU A 111 32.86 23.31 8.22
CA LEU A 111 33.17 22.66 9.50
C LEU A 111 34.52 23.16 10.01
N ARG A 112 35.56 22.96 9.20
CA ARG A 112 36.91 23.45 9.52
C ARG A 112 37.82 23.44 8.29
N GLY A 113 38.96 24.12 8.40
CA GLY A 113 39.97 24.17 7.34
C GLY A 113 41.37 23.94 7.87
N TYR A 114 42.31 23.72 6.96
CA TYR A 114 43.72 23.49 7.33
C TYR A 114 44.68 23.70 6.16
N HIS A 115 45.94 23.95 6.50
CA HIS A 115 46.98 24.26 5.53
C HIS A 115 48.32 24.00 6.19
N GLN A 116 49.05 23.00 5.70
CA GLN A 116 50.25 22.49 6.38
C GLN A 116 51.39 22.23 5.41
N TYR A 117 52.62 22.37 5.92
CA TYR A 117 53.85 22.14 5.16
C TYR A 117 54.72 21.12 5.89
N ALA A 118 55.56 20.43 5.13
CA ALA A 118 56.54 19.48 5.68
C ALA A 118 57.80 19.46 4.82
N TYR A 119 58.95 19.36 5.49
CA TYR A 119 60.26 19.28 4.82
C TYR A 119 60.99 18.04 5.33
N ASP A 120 61.36 17.15 4.42
CA ASP A 120 62.04 15.88 4.75
C ASP A 120 61.26 15.06 5.77
N GLY A 121 59.95 14.96 5.58
CA GLY A 121 59.10 14.13 6.43
C GLY A 121 58.53 14.80 7.66
N LYS A 122 59.34 15.58 8.38
CA LYS A 122 58.88 16.27 9.60
C LYS A 122 57.98 17.45 9.28
N ASP A 123 57.21 17.89 10.29
CA ASP A 123 56.35 19.06 10.18
C ASP A 123 57.22 20.31 10.11
N TYR A 124 56.89 21.22 9.18
CA TYR A 124 57.60 22.50 9.04
C TYR A 124 56.76 23.63 9.62
N ILE A 125 55.64 23.93 8.99
CA ILE A 125 54.75 25.00 9.43
C ILE A 125 53.29 24.65 9.11
N ALA A 126 52.39 25.05 10.00
CA ALA A 126 50.99 24.67 9.91
C ALA A 126 50.08 25.80 10.37
N LEU A 127 49.02 26.05 9.60
CA LEU A 127 47.99 27.02 9.95
C LEU A 127 47.09 26.39 11.02
N LYS A 128 46.89 27.12 12.12
CA LYS A 128 46.06 26.64 13.23
C LYS A 128 44.57 26.63 12.88
N GLU A 129 43.76 26.00 13.73
CA GLU A 129 42.32 25.79 13.47
C GLU A 129 41.52 27.10 13.34
N ASP A 130 41.95 28.14 14.06
CA ASP A 130 41.32 29.47 13.95
C ASP A 130 41.60 30.20 12.62
N LEU A 131 42.61 29.74 11.88
CA LEU A 131 42.97 30.29 10.55
C LEU A 131 43.48 31.73 10.59
N ARG A 132 44.07 32.12 11.72
CA ARG A 132 44.67 33.44 11.89
C ARG A 132 46.08 33.44 12.50
N SER A 133 46.67 32.25 12.70
CA SER A 133 47.95 32.12 13.39
C SER A 133 48.65 30.80 13.05
N TRP A 134 49.96 30.79 13.17
CA TRP A 134 50.80 29.67 12.70
C TRP A 134 51.50 28.92 13.84
N THR A 135 51.90 27.69 13.53
CA THR A 135 52.69 26.86 14.43
C THR A 135 54.04 26.59 13.78
N ALA A 136 55.11 27.11 14.39
CA ALA A 136 56.47 26.98 13.87
C ALA A 136 57.18 25.84 14.59
N ALA A 137 57.70 24.88 13.81
CA ALA A 137 58.38 23.70 14.37
C ALA A 137 59.75 24.03 14.97
N ASP A 138 60.52 24.87 14.29
CA ASP A 138 61.90 25.18 14.69
C ASP A 138 62.33 26.56 14.20
N MET A 139 63.61 26.91 14.46
CA MET A 139 64.25 28.16 14.00
C MET A 139 63.85 28.60 12.58
N ALA A 140 63.97 27.68 11.63
CA ALA A 140 63.68 27.95 10.23
C ALA A 140 62.20 28.26 9.96
N ALA A 141 61.31 27.54 10.62
CA ALA A 141 59.86 27.75 10.46
C ALA A 141 59.39 29.11 10.97
N GLN A 142 60.07 29.64 11.98
CA GLN A 142 59.78 30.98 12.49
C GLN A 142 60.21 32.09 11.52
N THR A 143 61.28 31.84 10.75
CA THR A 143 61.70 32.75 9.67
C THR A 143 60.60 32.89 8.61
N THR A 144 60.00 31.77 8.22
CA THR A 144 58.84 31.75 7.32
C THR A 144 57.60 32.36 7.98
N LYS A 145 57.42 32.12 9.28
CA LYS A 145 56.31 32.69 10.05
C LYS A 145 56.36 34.21 10.10
N HIS A 146 57.54 34.78 10.37
CA HIS A 146 57.72 36.24 10.40
C HIS A 146 57.42 36.89 9.03
N LYS A 147 57.76 36.21 7.95
CA LYS A 147 57.46 36.68 6.59
C LYS A 147 55.96 36.63 6.28
N TRP A 148 55.31 35.52 6.65
CA TRP A 148 53.89 35.28 6.34
C TRP A 148 52.91 36.05 7.23
N GLU A 149 53.34 36.38 8.45
CA GLU A 149 52.59 37.30 9.32
C GLU A 149 52.62 38.73 8.77
N ALA A 150 53.79 39.13 8.27
CA ALA A 150 53.96 40.43 7.60
C ALA A 150 53.14 40.54 6.31
N ALA A 151 53.07 39.44 5.54
CA ALA A 151 52.35 39.42 4.26
C ALA A 151 50.83 39.14 4.37
N HIS A 152 50.32 38.97 5.60
CA HIS A 152 48.89 38.70 5.84
C HIS A 152 48.37 37.52 5.01
N VAL A 153 49.09 36.40 5.10
CA VAL A 153 48.78 35.20 4.32
C VAL A 153 47.57 34.46 4.89
N ALA A 154 47.48 34.39 6.22
CA ALA A 154 46.35 33.74 6.90
C ALA A 154 44.99 34.31 6.49
N GLU A 155 44.89 35.64 6.41
CA GLU A 155 43.67 36.32 5.95
C GLU A 155 43.28 35.93 4.52
N GLN A 156 44.30 35.77 3.68
CA GLN A 156 44.11 35.31 2.29
C GLN A 156 43.67 33.84 2.24
N LEU A 157 44.30 32.99 3.05
CA LEU A 157 43.95 31.56 3.11
C LEU A 157 42.59 31.29 3.75
N ARG A 158 42.27 32.04 4.81
CA ARG A 158 40.98 31.90 5.50
C ARG A 158 39.79 32.16 4.57
N ALA A 159 39.93 33.18 3.71
CA ALA A 159 38.90 33.52 2.72
C ALA A 159 38.63 32.39 1.73
N TYR A 160 39.70 31.75 1.26
CA TYR A 160 39.61 30.58 0.39
C TYR A 160 38.95 29.40 1.12
N LEU A 161 39.55 29.01 2.25
CA LEU A 161 39.14 27.82 3.00
C LEU A 161 37.69 27.84 3.47
N GLU A 162 37.21 29.01 3.91
CA GLU A 162 35.80 29.18 4.27
C GLU A 162 34.93 29.40 3.05
N GLY A 163 35.34 30.34 2.18
CA GLY A 163 34.54 30.77 1.04
C GLY A 163 34.62 29.88 -0.19
N THR A 164 35.75 29.95 -0.88
CA THR A 164 35.90 29.31 -2.20
C THR A 164 35.95 27.78 -2.11
N CYS A 165 36.79 27.27 -1.22
CA CYS A 165 36.98 25.82 -1.01
C CYS A 165 35.66 25.07 -0.79
N VAL A 166 34.77 25.66 -0.01
CA VAL A 166 33.48 25.04 0.32
C VAL A 166 32.54 25.07 -0.88
N GLU A 167 32.50 26.20 -1.58
CA GLU A 167 31.64 26.38 -2.76
C GLU A 167 31.97 25.38 -3.88
N TRP A 168 33.25 25.14 -4.11
CA TRP A 168 33.69 24.12 -5.09
C TRP A 168 33.42 22.70 -4.60
N LEU A 169 33.62 22.45 -3.30
CA LEU A 169 33.30 21.16 -2.69
C LEU A 169 31.81 20.84 -2.83
N ARG A 170 30.95 21.82 -2.52
CA ARG A 170 29.49 21.68 -2.74
C ARG A 170 29.17 21.35 -4.19
N ARG A 171 29.82 22.06 -5.11
CA ARG A 171 29.57 21.90 -6.55
C ARG A 171 30.03 20.55 -7.09
N TYR A 172 31.17 20.06 -6.61
CA TYR A 172 31.66 18.73 -7.00
C TYR A 172 30.76 17.60 -6.47
N LEU A 173 30.28 17.73 -5.24
CA LEU A 173 29.37 16.75 -4.65
C LEU A 173 28.07 16.58 -5.45
N GLU A 174 27.53 17.68 -5.96
CA GLU A 174 26.34 17.64 -6.82
C GLU A 174 26.65 17.09 -8.21
N ASN A 175 27.79 17.47 -8.79
CA ASN A 175 28.22 16.96 -10.10
C ASN A 175 28.40 15.44 -10.09
N GLY A 176 29.18 14.96 -9.12
CA GLY A 176 29.42 13.52 -8.95
C GLY A 176 28.55 12.93 -7.86
N LYS A 177 27.24 13.10 -8.00
CA LYS A 177 26.27 12.60 -7.02
C LYS A 177 26.27 11.07 -6.94
N GLU A 178 26.30 10.44 -8.12
CA GLU A 178 26.30 8.98 -8.21
C GLU A 178 27.57 8.32 -7.66
N THR A 179 28.70 9.04 -7.70
CA THR A 179 29.99 8.54 -7.22
C THR A 179 30.24 8.94 -5.77
N LEU A 180 30.21 10.24 -5.49
CA LEU A 180 30.69 10.77 -4.20
C LEU A 180 29.71 10.57 -3.05
N GLN A 181 28.42 10.78 -3.31
CA GLN A 181 27.37 10.64 -2.29
C GLN A 181 26.82 9.21 -2.13
N ARG A 182 27.40 8.23 -2.84
CA ARG A 182 27.04 6.83 -2.67
C ARG A 182 27.58 6.29 -1.35
N THR A 183 27.19 5.07 -1.02
CA THR A 183 27.64 4.41 0.20
C THR A 183 27.54 2.88 0.06
N ASP A 184 28.60 2.29 -0.49
CA ASP A 184 28.66 0.84 -0.74
C ASP A 184 28.92 0.09 0.57
N ALA A 185 28.07 -0.89 0.88
CA ALA A 185 28.22 -1.69 2.10
C ALA A 185 29.32 -2.75 1.92
N PRO A 186 29.99 -3.14 3.03
CA PRO A 186 31.04 -4.15 2.94
C PRO A 186 30.50 -5.57 2.81
N LYS A 187 31.05 -6.33 1.86
CA LYS A 187 30.70 -7.73 1.67
C LYS A 187 31.63 -8.59 2.52
N THR A 188 31.15 -8.99 3.70
CA THR A 188 31.96 -9.68 4.69
C THR A 188 31.87 -11.21 4.57
N HIS A 189 32.92 -11.87 5.05
CA HIS A 189 32.93 -13.33 5.23
C HIS A 189 34.08 -13.73 6.16
N MET A 190 33.94 -14.87 6.82
CA MET A 190 34.97 -15.40 7.72
C MET A 190 35.70 -16.58 7.05
N THR A 191 36.96 -16.80 7.44
CA THR A 191 37.75 -17.94 6.94
C THR A 191 38.61 -18.55 8.06
N HIS A 192 38.68 -19.89 8.05
CA HIS A 192 39.38 -20.66 9.08
C HIS A 192 40.66 -21.29 8.50
N HIS A 193 41.74 -21.20 9.28
CA HIS A 193 43.03 -21.79 8.91
C HIS A 193 43.72 -22.34 10.16
N ALA A 194 44.01 -23.64 10.16
CA ALA A 194 44.70 -24.29 11.27
C ALA A 194 46.20 -24.01 11.21
N VAL A 195 46.74 -23.46 12.29
CA VAL A 195 48.18 -23.18 12.41
C VAL A 195 48.93 -24.43 12.91
N SER A 196 48.33 -25.15 13.86
CA SER A 196 48.91 -26.36 14.42
C SER A 196 47.81 -27.27 15.00
N ASP A 197 48.20 -28.35 15.70
CA ASP A 197 47.25 -29.21 16.42
C ASP A 197 46.49 -28.44 17.51
N HIS A 198 47.19 -27.54 18.20
CA HIS A 198 46.62 -26.72 19.27
C HIS A 198 45.91 -25.47 18.74
N GLU A 199 46.56 -24.77 17.81
CA GLU A 199 46.13 -23.43 17.37
C GLU A 199 45.25 -23.41 16.11
N ALA A 200 44.60 -22.27 15.89
CA ALA A 200 43.74 -22.04 14.71
C ALA A 200 43.43 -20.55 14.53
N THR A 201 43.53 -20.06 13.29
CA THR A 201 43.32 -18.64 12.98
C THR A 201 41.96 -18.39 12.33
N LEU A 202 41.24 -17.37 12.82
CA LEU A 202 39.96 -16.94 12.25
C LEU A 202 40.09 -15.53 11.70
N ARG A 203 40.09 -15.40 10.37
CA ARG A 203 40.17 -14.10 9.69
C ARG A 203 38.78 -13.62 9.33
N CYS A 204 38.51 -12.33 9.57
CA CYS A 204 37.22 -11.71 9.30
C CYS A 204 37.36 -10.63 8.23
N TRP A 205 36.85 -10.91 7.03
CA TRP A 205 36.99 -10.02 5.87
C TRP A 205 35.95 -8.90 5.81
N ALA A 206 36.24 -7.91 4.96
CA ALA A 206 35.32 -6.83 4.63
C ALA A 206 35.75 -6.23 3.30
N LEU A 207 35.00 -6.53 2.24
CA LEU A 207 35.40 -6.21 0.86
C LEU A 207 34.42 -5.26 0.16
N SER A 208 34.96 -4.50 -0.79
CA SER A 208 34.18 -3.58 -1.64
C SER A 208 33.25 -2.65 -0.85
N PHE A 209 33.84 -1.71 -0.10
CA PHE A 209 33.08 -0.71 0.65
C PHE A 209 33.60 0.70 0.40
N TYR A 210 32.75 1.69 0.71
CA TYR A 210 33.08 3.11 0.55
C TYR A 210 32.14 3.94 1.45
N PRO A 211 32.65 4.92 2.21
CA PRO A 211 34.06 5.32 2.27
C PRO A 211 34.94 4.37 3.10
N ALA A 212 36.23 4.68 3.18
CA ALA A 212 37.23 3.79 3.81
C ALA A 212 37.12 3.68 5.34
N GLU A 213 36.36 4.58 5.98
CA GLU A 213 36.13 4.53 7.43
C GLU A 213 35.37 3.26 7.82
N ILE A 214 36.05 2.38 8.55
CA ILE A 214 35.48 1.08 8.95
C ILE A 214 36.13 0.62 10.26
N THR A 215 35.38 -0.16 11.03
CA THR A 215 35.85 -0.71 12.31
C THR A 215 35.62 -2.21 12.33
N LEU A 216 36.70 -2.97 12.58
CA LEU A 216 36.63 -4.43 12.69
C LEU A 216 37.26 -4.88 14.02
N THR A 217 36.41 -5.13 15.02
CA THR A 217 36.84 -5.58 16.34
C THR A 217 36.42 -7.02 16.59
N TRP A 218 37.08 -7.67 17.56
CA TRP A 218 36.75 -9.02 17.99
C TRP A 218 36.32 -9.04 19.46
N GLN A 219 35.47 -10.00 19.81
CA GLN A 219 34.98 -10.18 21.17
C GLN A 219 34.97 -11.67 21.53
N ARG A 220 35.32 -11.99 22.78
CA ARG A 220 35.29 -13.37 23.29
C ARG A 220 34.07 -13.57 24.20
N ASP A 221 32.93 -13.83 23.58
CA ASP A 221 31.64 -14.05 24.27
C ASP A 221 31.23 -12.81 25.11
N GLY A 222 30.88 -11.74 24.40
CA GLY A 222 30.42 -10.48 25.01
C GLY A 222 31.51 -9.44 25.13
N GLU A 223 32.52 -9.73 25.94
CA GLU A 223 33.60 -8.78 26.26
C GLU A 223 34.59 -8.62 25.11
N ASP A 224 35.14 -7.42 24.98
CA ASP A 224 36.18 -7.14 23.97
C ASP A 224 37.50 -7.81 24.33
N GLN A 225 38.25 -8.18 23.29
CA GLN A 225 39.64 -8.65 23.43
C GLN A 225 40.42 -8.12 22.23
N THR A 226 40.59 -6.80 22.21
CA THR A 226 41.26 -6.10 21.09
C THR A 226 42.78 -6.32 21.04
N GLN A 227 43.36 -6.81 22.12
CA GLN A 227 44.74 -7.32 22.09
C GLN A 227 44.73 -8.74 21.53
N ASP A 228 45.82 -9.11 20.85
CA ASP A 228 45.90 -10.33 20.01
C ASP A 228 44.85 -10.33 18.88
N THR A 229 44.83 -9.22 18.13
CA THR A 229 43.99 -9.07 16.94
C THR A 229 44.84 -8.46 15.81
N GLU A 230 45.21 -9.29 14.84
CA GLU A 230 46.09 -8.86 13.74
C GLU A 230 45.33 -8.00 12.73
N LEU A 231 45.36 -6.68 12.94
CA LEU A 231 44.79 -5.71 11.99
C LEU A 231 45.78 -5.39 10.87
N VAL A 232 45.25 -4.88 9.75
CA VAL A 232 46.06 -4.39 8.64
C VAL A 232 45.50 -3.05 8.16
N GLU A 233 46.31 -2.33 7.39
CA GLU A 233 45.88 -1.07 6.77
C GLU A 233 44.66 -1.29 5.88
N THR A 234 43.72 -0.36 5.94
CA THR A 234 42.60 -0.33 5.01
C THR A 234 43.19 -0.03 3.63
N ARG A 235 43.11 -1.02 2.75
CA ARG A 235 43.81 -0.99 1.46
C ARG A 235 42.84 -0.76 0.29
N PRO A 236 43.30 -0.09 -0.78
CA PRO A 236 42.45 0.15 -1.94
C PRO A 236 42.36 -1.06 -2.86
N ALA A 237 41.13 -1.42 -3.25
CA ALA A 237 40.91 -2.51 -4.20
C ALA A 237 41.41 -2.17 -5.60
N GLY A 238 41.30 -0.89 -5.97
CA GLY A 238 41.72 -0.39 -7.29
C GLY A 238 40.59 0.15 -8.13
N ASP A 239 39.34 -0.23 -7.79
CA ASP A 239 38.14 0.19 -8.54
C ASP A 239 37.29 1.23 -7.78
N GLY A 240 37.89 1.93 -6.82
CA GLY A 240 37.19 2.93 -6.01
C GLY A 240 36.85 2.48 -4.60
N THR A 241 36.58 1.18 -4.43
CA THR A 241 36.25 0.61 -3.13
C THR A 241 37.48 0.12 -2.37
N PHE A 242 37.30 -0.10 -1.07
CA PHE A 242 38.38 -0.50 -0.17
C PHE A 242 38.21 -1.90 0.44
N GLN A 243 39.27 -2.40 1.07
CA GLN A 243 39.30 -3.71 1.69
C GLN A 243 39.96 -3.64 3.07
N LYS A 244 39.55 -4.53 3.97
CA LYS A 244 40.18 -4.66 5.30
C LYS A 244 39.87 -6.02 5.92
N TRP A 245 40.77 -6.51 6.78
CA TRP A 245 40.49 -7.69 7.60
C TRP A 245 41.17 -7.66 8.97
N ALA A 246 40.63 -8.45 9.90
CA ALA A 246 41.17 -8.61 11.24
C ALA A 246 41.18 -10.10 11.59
N ALA A 247 42.34 -10.61 12.01
CA ALA A 247 42.52 -12.03 12.34
C ALA A 247 42.75 -12.23 13.83
N VAL A 248 42.41 -13.42 14.32
CA VAL A 248 42.62 -13.81 15.72
C VAL A 248 43.01 -15.28 15.84
N VAL A 249 43.91 -15.59 16.78
CA VAL A 249 44.35 -16.96 17.04
C VAL A 249 43.49 -17.54 18.17
N VAL A 250 42.95 -18.75 17.95
CA VAL A 250 41.98 -19.37 18.86
C VAL A 250 42.34 -20.85 19.09
N PRO A 251 42.04 -21.40 20.28
CA PRO A 251 42.19 -22.86 20.47
C PRO A 251 41.26 -23.69 19.57
N SER A 252 41.72 -24.87 19.16
CA SER A 252 40.97 -25.73 18.24
C SER A 252 39.71 -26.29 18.91
N GLY A 253 38.55 -25.96 18.34
CA GLY A 253 37.25 -26.36 18.89
C GLY A 253 36.57 -25.31 19.77
N GLN A 254 37.00 -24.05 19.65
CA GLN A 254 36.37 -22.92 20.35
C GLN A 254 36.19 -21.71 19.43
N GLU A 255 35.87 -21.98 18.16
CA GLU A 255 35.72 -20.93 17.13
C GLU A 255 34.41 -20.17 17.29
N GLN A 256 33.33 -20.88 17.63
CA GLN A 256 31.99 -20.28 17.77
C GLN A 256 31.79 -19.46 19.06
N ARG A 257 32.77 -19.47 19.97
CA ARG A 257 32.81 -18.49 21.07
C ARG A 257 33.09 -17.07 20.59
N TYR A 258 33.95 -16.93 19.58
CA TYR A 258 34.40 -15.63 19.07
C TYR A 258 33.49 -15.09 17.97
N THR A 259 33.31 -13.77 17.96
CA THR A 259 32.50 -13.08 16.94
C THR A 259 33.18 -11.79 16.46
N CYS A 260 32.98 -11.47 15.18
CA CYS A 260 33.55 -10.28 14.54
C CYS A 260 32.47 -9.19 14.36
N HIS A 261 32.62 -8.08 15.06
CA HIS A 261 31.72 -6.92 14.92
C HIS A 261 32.23 -5.99 13.83
N VAL A 262 31.32 -5.57 12.93
CA VAL A 262 31.65 -4.70 11.80
C VAL A 262 30.74 -3.48 11.79
N GLN A 263 31.33 -2.30 11.65
CA GLN A 263 30.60 -1.03 11.65
C GLN A 263 30.95 -0.24 10.41
N HIS A 264 29.93 0.29 9.72
CA HIS A 264 30.12 1.04 8.49
C HIS A 264 28.92 1.95 8.19
N GLU A 265 29.19 3.02 7.43
CA GLU A 265 28.17 4.01 7.06
C GLU A 265 27.00 3.39 6.30
N GLY A 266 27.33 2.63 5.25
CA GLY A 266 26.33 1.91 4.44
C GLY A 266 25.52 0.85 5.15
N LEU A 267 26.10 0.25 6.19
CA LEU A 267 25.38 -0.72 7.02
C LEU A 267 24.36 0.01 7.91
N PRO A 268 23.07 -0.39 7.86
CA PRO A 268 22.09 0.23 8.76
C PRO A 268 22.34 -0.16 10.22
N LYS A 269 22.47 -1.46 10.47
CA LYS A 269 22.88 -2.00 11.77
C LYS A 269 24.25 -2.65 11.59
N PRO A 270 25.09 -2.64 12.65
CA PRO A 270 26.42 -3.25 12.54
C PRO A 270 26.34 -4.78 12.50
N LEU A 271 27.05 -5.39 11.55
CA LEU A 271 27.00 -6.84 11.36
C LEU A 271 27.84 -7.58 12.40
N THR A 272 27.32 -8.72 12.86
CA THR A 272 28.00 -9.60 13.80
C THR A 272 28.22 -10.93 13.09
N LEU A 273 29.49 -11.27 12.81
CA LEU A 273 29.81 -12.53 12.14
C LEU A 273 30.28 -13.60 13.14
N ARG A 274 30.22 -14.85 12.69
CA ARG A 274 30.58 -16.02 13.50
C ARG A 274 31.10 -17.10 12.56
N TRP A 275 31.91 -18.04 13.06
CA TRP A 275 32.39 -19.15 12.23
C TRP A 275 31.25 -20.13 11.92
N GLU A 276 30.73 -20.04 10.69
CA GLU A 276 29.65 -20.89 10.17
C GLU A 276 28.50 -21.14 11.16
N MET B 1 65.59 15.28 8.97
CA MET B 1 65.55 14.19 7.94
C MET B 1 65.08 12.89 8.59
N ILE B 2 63.94 12.38 8.14
CA ILE B 2 63.39 11.12 8.66
C ILE B 2 63.08 10.13 7.53
N GLN B 3 63.26 8.85 7.82
CA GLN B 3 63.00 7.78 6.87
C GLN B 3 61.98 6.82 7.47
N ARG B 4 61.13 6.24 6.62
CA ARG B 4 60.13 5.27 7.03
C ARG B 4 60.14 4.07 6.09
N THR B 5 60.18 2.87 6.65
CA THR B 5 60.26 1.63 5.87
C THR B 5 58.87 1.27 5.33
N PRO B 6 58.77 0.92 4.02
CA PRO B 6 57.45 0.68 3.43
C PRO B 6 56.73 -0.57 3.93
N LYS B 7 55.42 -0.46 4.05
CA LYS B 7 54.56 -1.58 4.45
C LYS B 7 53.88 -2.13 3.21
N ILE B 8 54.16 -3.39 2.92
CA ILE B 8 53.74 -4.05 1.67
C ILE B 8 52.54 -4.95 1.93
N GLN B 9 51.57 -4.93 1.02
CA GLN B 9 50.43 -5.84 1.04
C GLN B 9 50.11 -6.28 -0.39
N VAL B 10 50.23 -7.58 -0.66
CA VAL B 10 49.97 -8.15 -1.99
C VAL B 10 48.65 -8.93 -1.96
N TYR B 11 47.76 -8.61 -2.90
CA TYR B 11 46.40 -9.15 -2.92
C TYR B 11 45.70 -8.91 -4.25
N SER B 12 44.58 -9.60 -4.47
CA SER B 12 43.76 -9.44 -5.68
C SER B 12 42.60 -8.47 -5.43
N ARG B 13 42.14 -7.83 -6.51
CA ARG B 13 41.04 -6.86 -6.45
C ARG B 13 39.75 -7.52 -5.98
N HIS B 14 39.38 -8.59 -6.68
CA HIS B 14 38.20 -9.39 -6.35
C HIS B 14 38.67 -10.73 -5.77
N PRO B 15 37.75 -11.51 -5.16
CA PRO B 15 38.12 -12.85 -4.67
C PRO B 15 38.68 -13.76 -5.77
N ALA B 16 39.83 -14.37 -5.50
CA ALA B 16 40.57 -15.15 -6.51
C ALA B 16 39.85 -16.45 -6.84
N GLU B 17 39.86 -16.80 -8.13
CA GLU B 17 39.26 -18.03 -8.64
C GLU B 17 39.99 -18.45 -9.92
N ASN B 18 40.32 -19.74 -10.04
CA ASN B 18 41.20 -20.23 -11.10
C ASN B 18 40.60 -20.07 -12.51
N GLY B 19 41.35 -19.41 -13.39
CA GLY B 19 40.94 -19.21 -14.78
C GLY B 19 39.90 -18.12 -14.99
N LYS B 20 40.06 -17.00 -14.27
CA LYS B 20 39.15 -15.87 -14.33
C LYS B 20 39.92 -14.55 -14.45
N SER B 21 39.28 -13.55 -15.07
CA SER B 21 39.87 -12.22 -15.20
C SER B 21 39.91 -11.54 -13.83
N ASN B 22 41.06 -10.95 -13.49
CA ASN B 22 41.28 -10.34 -12.18
C ASN B 22 42.44 -9.34 -12.26
N PHE B 23 42.58 -8.51 -11.22
CA PHE B 23 43.69 -7.56 -11.10
C PHE B 23 44.52 -7.87 -9.86
N LEU B 24 45.82 -8.09 -10.04
CA LEU B 24 46.77 -8.25 -8.92
C LEU B 24 47.20 -6.86 -8.44
N ASN B 25 47.23 -6.68 -7.12
CA ASN B 25 47.61 -5.39 -6.51
C ASN B 25 48.81 -5.53 -5.58
N CYS B 26 49.58 -4.45 -5.47
CA CYS B 26 50.62 -4.31 -4.45
C CYS B 26 50.55 -2.91 -3.85
N TYR B 27 50.17 -2.83 -2.58
CA TYR B 27 49.94 -1.56 -1.90
C TYR B 27 51.11 -1.25 -0.95
N VAL B 28 52.15 -0.62 -1.49
CA VAL B 28 53.23 -0.05 -0.67
C VAL B 28 52.73 1.22 -0.02
N SER B 29 52.99 1.37 1.28
CA SER B 29 52.49 2.51 2.05
C SER B 29 53.30 2.77 3.31
N GLY B 30 53.20 3.99 3.82
CA GLY B 30 53.86 4.39 5.06
C GLY B 30 55.36 4.57 4.92
N PHE B 31 55.81 5.13 3.80
CA PHE B 31 57.25 5.25 3.49
C PHE B 31 57.69 6.67 3.15
N HIS B 32 58.97 6.93 3.39
CA HIS B 32 59.60 8.22 3.12
C HIS B 32 61.11 7.99 2.97
N PRO B 33 61.77 8.54 1.95
CA PRO B 33 61.20 9.44 0.93
C PRO B 33 60.39 8.73 -0.16
N SER B 34 59.83 9.51 -1.08
CA SER B 34 58.93 9.03 -2.12
C SER B 34 59.58 8.11 -3.16
N ASP B 35 60.88 8.25 -3.37
CA ASP B 35 61.59 7.50 -4.41
C ASP B 35 61.64 6.00 -4.05
N ILE B 36 60.91 5.18 -4.82
CA ILE B 36 60.76 3.74 -4.55
C ILE B 36 60.56 2.92 -5.84
N GLU B 37 61.18 1.73 -5.89
CA GLU B 37 61.03 0.81 -7.00
C GLU B 37 60.12 -0.35 -6.59
N VAL B 38 59.15 -0.67 -7.45
CA VAL B 38 58.20 -1.77 -7.21
C VAL B 38 57.96 -2.54 -8.51
N ASP B 39 58.08 -3.87 -8.43
CA ASP B 39 57.77 -4.77 -9.55
C ASP B 39 56.87 -5.92 -9.09
N LEU B 40 56.00 -6.37 -9.99
CA LEU B 40 55.15 -7.54 -9.76
C LEU B 40 55.75 -8.73 -10.50
N LEU B 41 56.06 -9.78 -9.74
CA LEU B 41 56.74 -10.96 -10.29
C LEU B 41 55.76 -12.09 -10.62
N LYS B 42 56.17 -12.95 -11.56
CA LYS B 42 55.43 -14.15 -11.93
C LYS B 42 56.42 -15.32 -12.04
N ASN B 43 56.46 -16.13 -10.98
CA ASN B 43 57.38 -17.27 -10.87
C ASN B 43 58.85 -16.83 -10.94
N GLY B 44 59.17 -15.72 -10.28
CA GLY B 44 60.54 -15.18 -10.21
C GLY B 44 60.75 -13.94 -11.05
N GLU B 45 60.44 -14.03 -12.34
CA GLU B 45 60.67 -12.94 -13.30
C GLU B 45 59.53 -11.92 -13.30
N ARG B 46 59.85 -10.67 -13.65
CA ARG B 46 58.91 -9.55 -13.51
C ARG B 46 57.92 -9.45 -14.68
N ILE B 47 56.85 -8.68 -14.44
CA ILE B 47 55.82 -8.39 -15.44
C ILE B 47 56.09 -6.99 -16.01
N GLU B 48 55.89 -6.84 -17.32
CA GLU B 48 56.19 -5.60 -18.02
C GLU B 48 55.09 -4.55 -17.90
N LYS B 49 53.87 -4.95 -18.27
CA LYS B 49 52.72 -4.04 -18.25
C LYS B 49 52.17 -3.90 -16.82
N VAL B 50 52.74 -2.95 -16.08
CA VAL B 50 52.37 -2.71 -14.68
C VAL B 50 52.15 -1.21 -14.44
N GLU B 51 50.87 -0.82 -14.28
CA GLU B 51 50.50 0.57 -14.00
C GLU B 51 50.49 0.84 -12.50
N HIS B 52 50.60 2.11 -12.12
CA HIS B 52 50.55 2.52 -10.71
C HIS B 52 49.75 3.79 -10.50
N SER B 53 49.30 4.00 -9.26
CA SER B 53 48.51 5.18 -8.91
C SER B 53 49.39 6.43 -8.77
N ASP B 54 48.75 7.58 -8.59
CA ASP B 54 49.46 8.86 -8.44
C ASP B 54 49.97 9.01 -7.00
N LEU B 55 51.10 9.69 -6.85
CA LEU B 55 51.76 9.84 -5.55
C LEU B 55 50.94 10.72 -4.62
N SER B 56 50.54 10.16 -3.48
CA SER B 56 49.85 10.88 -2.43
C SER B 56 50.41 10.43 -1.08
N PHE B 57 49.92 11.03 0.01
CA PHE B 57 50.40 10.70 1.37
C PHE B 57 49.35 10.85 2.47
N SER B 58 49.64 10.24 3.61
CA SER B 58 48.74 10.19 4.78
C SER B 58 49.01 11.35 5.73
N LYS B 59 48.25 11.42 6.83
CA LYS B 59 48.36 12.53 7.80
C LYS B 59 49.74 12.74 8.44
N ASP B 60 50.55 11.69 8.53
CA ASP B 60 51.93 11.78 9.03
C ASP B 60 52.97 12.02 7.92
N TRP B 61 52.52 12.50 6.75
CA TRP B 61 53.37 12.80 5.58
C TRP B 61 54.05 11.59 4.93
N SER B 62 53.57 10.38 5.21
CA SER B 62 54.15 9.16 4.65
C SER B 62 53.43 8.82 3.34
N PHE B 63 54.18 8.40 2.33
CA PHE B 63 53.63 8.19 0.98
C PHE B 63 52.91 6.85 0.83
N TYR B 64 52.01 6.76 -0.15
CA TYR B 64 51.39 5.49 -0.52
C TYR B 64 51.14 5.39 -2.04
N LEU B 65 51.46 4.23 -2.60
CA LEU B 65 51.25 3.92 -4.02
C LEU B 65 50.65 2.52 -4.20
N LEU B 66 49.79 2.39 -5.21
CA LEU B 66 49.15 1.13 -5.56
C LEU B 66 49.63 0.72 -6.93
N TYR B 67 50.52 -0.28 -6.99
CA TYR B 67 50.96 -0.88 -8.25
C TYR B 67 50.01 -2.02 -8.60
N TYR B 68 49.62 -2.11 -9.87
CA TYR B 68 48.62 -3.11 -10.31
C TYR B 68 48.75 -3.53 -11.77
N THR B 69 48.18 -4.69 -12.08
CA THR B 69 48.17 -5.24 -13.43
C THR B 69 47.10 -6.33 -13.57
N GLU B 70 46.56 -6.48 -14.78
CA GLU B 70 45.59 -7.53 -15.07
C GLU B 70 46.30 -8.89 -15.13
N PHE B 71 45.63 -9.93 -14.63
CA PHE B 71 46.21 -11.28 -14.61
C PHE B 71 45.14 -12.37 -14.48
N THR B 72 45.55 -13.60 -14.79
CA THR B 72 44.69 -14.79 -14.69
C THR B 72 45.36 -15.80 -13.75
N PRO B 73 44.87 -15.90 -12.49
CA PRO B 73 45.50 -16.82 -11.54
C PRO B 73 45.14 -18.28 -11.79
N THR B 74 46.04 -19.17 -11.39
CA THR B 74 45.88 -20.61 -11.54
C THR B 74 46.37 -21.32 -10.28
N GLU B 75 46.23 -22.65 -10.26
CA GLU B 75 46.72 -23.47 -9.15
C GLU B 75 48.24 -23.39 -8.98
N LYS B 76 48.96 -23.55 -10.11
CA LYS B 76 50.42 -23.72 -10.09
C LYS B 76 51.23 -22.41 -10.07
N ASP B 77 50.70 -21.34 -10.68
CA ASP B 77 51.41 -20.05 -10.74
C ASP B 77 51.47 -19.35 -9.39
N GLU B 78 52.65 -18.81 -9.07
CA GLU B 78 52.87 -18.01 -7.86
C GLU B 78 53.25 -16.58 -8.25
N TYR B 79 52.55 -15.60 -7.66
CA TYR B 79 52.82 -14.19 -7.89
C TYR B 79 53.34 -13.53 -6.61
N ALA B 80 54.06 -12.43 -6.78
CA ALA B 80 54.67 -11.71 -5.65
C ALA B 80 54.99 -10.26 -5.99
N CYS B 81 55.37 -9.50 -4.97
CA CYS B 81 55.72 -8.09 -5.11
C CYS B 81 57.13 -7.84 -4.56
N ARG B 82 58.05 -7.45 -5.43
CA ARG B 82 59.42 -7.07 -5.05
C ARG B 82 59.48 -5.55 -4.89
N VAL B 83 59.99 -5.08 -3.73
CA VAL B 83 60.04 -3.66 -3.41
C VAL B 83 61.44 -3.28 -2.92
N ASN B 84 62.05 -2.27 -3.57
CA ASN B 84 63.35 -1.75 -3.18
C ASN B 84 63.21 -0.30 -2.70
N HIS B 85 63.98 0.06 -1.67
CA HIS B 85 63.87 1.37 -1.02
C HIS B 85 65.15 1.67 -0.24
N VAL B 86 65.43 2.96 -0.02
CA VAL B 86 66.65 3.40 0.72
C VAL B 86 66.75 2.85 2.15
N THR B 87 65.60 2.57 2.77
CA THR B 87 65.52 2.00 4.11
C THR B 87 65.86 0.51 4.19
N LEU B 88 65.84 -0.18 3.04
CA LEU B 88 66.05 -1.64 2.97
C LEU B 88 67.46 -2.00 2.51
N SER B 89 68.11 -2.91 3.22
CA SER B 89 69.46 -3.37 2.86
C SER B 89 69.48 -4.19 1.56
N GLN B 90 68.36 -4.83 1.24
CA GLN B 90 68.18 -5.50 -0.05
C GLN B 90 66.70 -5.43 -0.48
N PRO B 91 66.40 -5.69 -1.76
CA PRO B 91 64.99 -5.64 -2.20
C PRO B 91 64.13 -6.71 -1.52
N LYS B 92 63.06 -6.29 -0.85
CA LYS B 92 62.17 -7.20 -0.13
C LYS B 92 61.10 -7.74 -1.06
N ILE B 93 60.92 -9.06 -1.04
CA ILE B 93 59.89 -9.74 -1.81
C ILE B 93 58.80 -10.21 -0.85
N VAL B 94 57.54 -10.07 -1.28
CA VAL B 94 56.37 -10.49 -0.50
C VAL B 94 55.48 -11.35 -1.40
N LYS B 95 55.35 -12.63 -1.07
CA LYS B 95 54.56 -13.56 -1.87
C LYS B 95 53.06 -13.33 -1.70
N TRP B 96 52.31 -13.53 -2.78
CA TRP B 96 50.85 -13.43 -2.75
C TRP B 96 50.27 -14.68 -2.09
N ASP B 97 49.62 -14.49 -0.94
CA ASP B 97 48.85 -15.53 -0.27
C ASP B 97 47.38 -15.27 -0.57
N ARG B 98 46.66 -16.29 -1.04
CA ARG B 98 45.29 -16.14 -1.53
C ARG B 98 44.29 -15.68 -0.47
N ASP B 99 44.47 -16.11 0.78
CA ASP B 99 43.63 -15.70 1.90
C ASP B 99 44.31 -14.68 2.83
N MET B 100 45.00 -13.70 2.23
CA MET B 100 45.56 -12.55 2.96
C MET B 100 45.55 -11.30 2.08
N SER C 1 38.76 23.14 -6.45
CA SER C 1 39.61 24.09 -7.24
C SER C 1 40.76 24.64 -6.41
N LEU C 2 41.94 24.72 -7.03
CA LEU C 2 43.13 25.28 -6.39
C LEU C 2 43.00 26.78 -6.14
N LEU C 3 43.61 27.25 -5.07
CA LEU C 3 43.78 28.69 -4.84
C LEU C 3 45.02 29.15 -5.60
N MET C 4 44.97 30.35 -6.17
CA MET C 4 46.15 30.92 -6.85
C MET C 4 47.21 31.19 -5.81
N TRP C 5 48.38 30.57 -5.96
CA TRP C 5 49.44 30.63 -4.97
C TRP C 5 50.80 30.88 -5.60
N ILE C 6 51.46 31.94 -5.16
CA ILE C 6 52.88 32.18 -5.46
C ILE C 6 53.76 32.41 -4.23
N THR C 7 53.16 32.41 -3.03
CA THR C 7 53.85 32.87 -1.83
C THR C 7 54.87 31.86 -1.34
N GLN C 8 56.12 32.30 -1.21
CA GLN C 8 57.27 31.42 -0.95
C GLN C 8 57.58 31.34 0.54
N VAL C 9 58.28 30.28 0.94
CA VAL C 9 58.72 30.10 2.33
C VAL C 9 60.00 30.91 2.59
N VAL D 5 36.29 47.63 -12.35
CA VAL D 5 36.71 48.80 -11.52
C VAL D 5 36.33 50.12 -12.20
N GLU D 6 35.13 50.60 -11.90
CA GLU D 6 34.60 51.84 -12.48
C GLU D 6 34.97 53.01 -11.60
N GLN D 7 35.67 54.00 -12.16
CA GLN D 7 36.11 55.20 -11.43
C GLN D 7 35.28 56.42 -11.85
N ASN D 8 35.28 57.43 -10.98
CA ASN D 8 34.56 58.69 -11.20
C ASN D 8 34.99 59.40 -12.49
N SER D 9 34.04 60.08 -13.13
CA SER D 9 34.28 60.75 -14.41
C SER D 9 35.06 62.06 -14.23
N GLY D 10 36.24 62.15 -14.84
CA GLY D 10 37.03 63.38 -14.84
C GLY D 10 36.48 64.39 -15.85
N PRO D 11 37.04 65.61 -15.90
CA PRO D 11 38.09 66.07 -15.00
C PRO D 11 37.51 66.61 -13.69
N LEU D 12 38.39 67.08 -12.81
CA LEU D 12 38.00 67.70 -11.54
C LEU D 12 38.87 68.90 -11.26
N SER D 13 38.25 69.98 -10.77
CA SER D 13 38.92 71.25 -10.52
C SER D 13 38.71 71.64 -9.06
N VAL D 14 39.79 71.98 -8.36
CA VAL D 14 39.77 72.28 -6.93
C VAL D 14 40.61 73.53 -6.64
N PRO D 15 40.13 74.45 -5.78
CA PRO D 15 40.98 75.60 -5.38
C PRO D 15 42.20 75.20 -4.56
N GLU D 16 43.21 76.07 -4.53
CA GLU D 16 44.43 75.84 -3.75
C GLU D 16 44.12 75.96 -2.25
N GLY D 17 44.60 74.97 -1.48
CA GLY D 17 44.34 74.90 -0.04
C GLY D 17 43.03 74.26 0.35
N ALA D 18 42.27 73.75 -0.62
CA ALA D 18 40.95 73.16 -0.38
C ALA D 18 41.05 71.64 -0.38
N ILE D 19 40.03 71.00 0.20
CA ILE D 19 39.97 69.54 0.28
C ILE D 19 39.48 69.01 -1.06
N ALA D 20 40.31 68.19 -1.70
CA ALA D 20 39.92 67.48 -2.93
C ALA D 20 39.47 66.08 -2.56
N SER D 21 38.38 65.62 -3.18
CA SER D 21 37.77 64.32 -2.90
C SER D 21 37.73 63.47 -4.16
N LEU D 22 38.34 62.28 -4.07
CA LEU D 22 38.39 61.33 -5.17
C LEU D 22 37.78 60.01 -4.72
N ASN D 23 36.92 59.43 -5.56
CA ASN D 23 36.19 58.21 -5.24
C ASN D 23 36.34 57.17 -6.34
N CYS D 24 36.04 55.93 -6.01
CA CYS D 24 36.12 54.81 -6.95
C CYS D 24 35.37 53.59 -6.40
N THR D 25 34.47 53.03 -7.20
CA THR D 25 33.75 51.79 -6.86
C THR D 25 34.34 50.59 -7.61
N TYR D 26 33.96 49.39 -7.17
CA TYR D 26 34.41 48.15 -7.80
C TYR D 26 33.39 47.02 -7.58
N SER D 27 33.32 46.12 -8.56
CA SER D 27 32.31 45.04 -8.55
C SER D 27 32.76 43.84 -7.69
N ASP D 28 33.97 43.35 -7.96
CA ASP D 28 34.49 42.15 -7.30
C ASP D 28 34.67 42.36 -5.79
N ARG D 29 33.77 41.77 -5.00
CA ARG D 29 33.80 41.92 -3.54
C ARG D 29 34.93 41.12 -2.87
N GLY D 30 35.51 40.16 -3.61
CA GLY D 30 36.67 39.41 -3.14
C GLY D 30 38.05 40.06 -3.29
N SER D 31 38.10 41.35 -3.65
CA SER D 31 39.37 42.08 -3.79
C SER D 31 39.99 42.36 -2.43
N GLN D 32 41.27 42.03 -2.27
CA GLN D 32 41.97 42.11 -0.98
C GLN D 32 42.71 43.44 -0.81
N SER D 33 43.68 43.70 -1.69
CA SER D 33 44.55 44.87 -1.61
C SER D 33 44.08 45.99 -2.53
N PHE D 34 44.03 47.22 -2.01
CA PHE D 34 43.63 48.41 -2.78
C PHE D 34 44.73 49.47 -2.74
N PHE D 35 44.86 50.21 -3.83
CA PHE D 35 45.95 51.18 -4.01
C PHE D 35 45.46 52.48 -4.65
N TRP D 36 46.17 53.57 -4.35
CA TRP D 36 45.97 54.86 -5.01
C TRP D 36 47.28 55.28 -5.69
N TYR D 37 47.24 55.39 -7.01
CA TYR D 37 48.39 55.83 -7.82
C TYR D 37 48.19 57.28 -8.28
N ARG D 38 49.30 57.92 -8.64
CA ARG D 38 49.32 59.29 -9.14
C ARG D 38 50.20 59.34 -10.39
N GLN D 39 49.65 59.88 -11.48
CA GLN D 39 50.33 59.93 -12.76
C GLN D 39 50.41 61.38 -13.27
N TYR D 40 51.61 61.97 -13.20
CA TYR D 40 51.85 63.29 -13.79
C TYR D 40 51.91 63.21 -15.31
N SER D 41 51.80 64.37 -15.96
CA SER D 41 51.73 64.44 -17.42
C SER D 41 53.03 63.92 -18.04
N GLY D 42 52.90 62.86 -18.84
CA GLY D 42 54.06 62.23 -19.50
C GLY D 42 55.02 61.49 -18.57
N LYS D 43 54.53 61.04 -17.41
CA LYS D 43 55.30 60.26 -16.45
C LYS D 43 54.58 58.93 -16.19
N SER D 44 55.25 58.03 -15.48
CA SER D 44 54.66 56.75 -15.08
C SER D 44 53.82 56.92 -13.81
N PRO D 45 52.85 56.01 -13.56
CA PRO D 45 52.10 56.06 -12.31
C PRO D 45 52.97 55.70 -11.10
N GLU D 46 52.93 56.54 -10.06
CA GLU D 46 53.63 56.28 -8.80
C GLU D 46 52.64 56.14 -7.65
N LEU D 47 52.97 55.30 -6.68
CA LEU D 47 52.07 54.97 -5.59
C LEU D 47 52.02 56.08 -4.55
N ILE D 48 50.80 56.46 -4.14
CA ILE D 48 50.59 57.39 -3.01
C ILE D 48 50.40 56.59 -1.73
N MET D 49 49.41 55.70 -1.75
CA MET D 49 49.01 54.92 -0.58
C MET D 49 48.49 53.54 -0.99
N PHE D 50 48.57 52.62 -0.04
CA PHE D 50 47.93 51.30 -0.14
C PHE D 50 47.01 51.11 1.05
N ILE D 51 45.95 50.33 0.88
CA ILE D 51 45.01 50.07 1.96
C ILE D 51 44.31 48.72 1.75
N TYR D 52 44.18 47.95 2.84
CA TYR D 52 43.35 46.72 2.84
C TYR D 52 42.35 46.62 3.99
N SER D 53 42.68 47.19 5.16
CA SER D 53 41.75 47.23 6.28
C SER D 53 40.70 48.31 6.06
N ASN D 54 39.50 48.11 6.62
CA ASN D 54 38.41 49.07 6.50
C ASN D 54 38.65 50.32 7.34
N GLY D 55 37.92 51.38 7.00
CA GLY D 55 38.06 52.68 7.65
C GLY D 55 39.19 53.50 7.04
N ASP D 56 39.64 54.51 7.78
CA ASP D 56 40.58 55.50 7.28
C ASP D 56 42.05 55.08 7.41
N LYS D 57 42.88 55.66 6.55
CA LYS D 57 44.34 55.57 6.64
C LYS D 57 44.92 56.93 6.28
N GLU D 58 45.59 57.57 7.24
CA GLU D 58 46.19 58.90 7.05
C GLU D 58 47.68 58.77 6.73
N ASP D 59 48.14 59.57 5.78
CA ASP D 59 49.56 59.76 5.49
C ASP D 59 49.80 61.22 5.12
N GLY D 60 50.07 62.04 6.13
CA GLY D 60 50.30 63.48 5.95
C GLY D 60 49.02 64.19 5.53
N ARG D 61 49.04 64.78 4.34
CA ARG D 61 47.89 65.49 3.78
C ARG D 61 46.87 64.58 3.10
N PHE D 62 47.32 63.38 2.70
CA PHE D 62 46.46 62.39 2.04
C PHE D 62 45.78 61.50 3.07
N THR D 63 44.49 61.20 2.84
CA THR D 63 43.73 60.32 3.71
C THR D 63 42.86 59.38 2.87
N ALA D 64 43.24 58.11 2.81
CA ALA D 64 42.47 57.09 2.08
C ALA D 64 41.39 56.51 2.98
N GLN D 65 40.32 55.99 2.38
CA GLN D 65 39.22 55.35 3.12
C GLN D 65 38.62 54.20 2.31
N LEU D 66 38.65 53.00 2.89
CA LEU D 66 38.07 51.80 2.27
C LEU D 66 36.78 51.42 3.00
N ASN D 67 35.73 51.15 2.23
CA ASN D 67 34.47 50.62 2.77
C ASN D 67 34.10 49.37 1.95
N LYS D 68 34.57 48.22 2.42
CA LYS D 68 34.44 46.96 1.68
C LYS D 68 33.02 46.37 1.71
N ALA D 69 32.18 46.84 2.64
CA ALA D 69 30.76 46.50 2.65
C ALA D 69 30.05 47.19 1.49
N SER D 70 30.16 48.52 1.43
CA SER D 70 29.64 49.32 0.32
C SER D 70 30.52 49.25 -0.95
N GLN D 71 31.66 48.56 -0.85
CA GLN D 71 32.62 48.34 -1.95
C GLN D 71 32.96 49.60 -2.75
N TYR D 72 33.66 50.50 -2.07
CA TYR D 72 34.31 51.65 -2.71
C TYR D 72 35.59 52.00 -1.95
N VAL D 73 36.50 52.67 -2.65
CA VAL D 73 37.66 53.33 -2.01
C VAL D 73 37.61 54.81 -2.36
N SER D 74 38.32 55.61 -1.57
CA SER D 74 38.36 57.05 -1.77
C SER D 74 39.63 57.67 -1.19
N LEU D 75 40.11 58.72 -1.86
CA LEU D 75 41.30 59.46 -1.44
C LEU D 75 40.89 60.90 -1.16
N LEU D 76 41.37 61.46 -0.05
CA LEU D 76 41.03 62.80 0.39
C LEU D 76 42.31 63.64 0.51
N ILE D 77 42.51 64.57 -0.41
CA ILE D 77 43.70 65.42 -0.43
C ILE D 77 43.39 66.71 0.32
N ARG D 78 44.01 66.89 1.47
CA ARG D 78 43.77 68.01 2.36
C ARG D 78 44.79 69.11 2.07
N ASP D 79 44.34 70.36 2.04
CA ASP D 79 45.20 71.53 1.80
C ASP D 79 45.98 71.39 0.48
N SER D 80 45.25 71.16 -0.61
CA SER D 80 45.85 70.76 -1.88
C SER D 80 46.66 71.87 -2.55
N GLN D 81 47.91 71.56 -2.89
CA GLN D 81 48.82 72.48 -3.60
C GLN D 81 48.70 72.29 -5.12
N PRO D 82 49.26 73.23 -5.92
CA PRO D 82 49.32 73.04 -7.38
C PRO D 82 50.11 71.80 -7.80
N SER D 83 51.14 71.42 -7.03
CA SER D 83 51.93 70.21 -7.32
C SER D 83 51.13 68.89 -7.27
N ASP D 84 49.95 68.92 -6.65
CA ASP D 84 49.02 67.79 -6.67
C ASP D 84 48.26 67.60 -8.00
N SER D 85 48.40 68.54 -8.94
CA SER D 85 47.72 68.44 -10.24
C SER D 85 48.24 67.21 -11.02
N ALA D 86 47.41 66.17 -11.07
CA ALA D 86 47.73 64.94 -11.79
C ALA D 86 46.45 64.16 -12.10
N THR D 87 46.61 63.03 -12.80
CA THR D 87 45.52 62.07 -13.00
C THR D 87 45.66 60.97 -11.95
N TYR D 88 44.70 60.90 -11.03
CA TYR D 88 44.75 59.96 -9.91
C TYR D 88 44.05 58.65 -10.28
N LEU D 89 44.79 57.55 -10.15
CA LEU D 89 44.34 56.23 -10.55
C LEU D 89 44.09 55.37 -9.31
N CYS D 90 42.94 54.72 -9.30
CA CYS D 90 42.62 53.71 -8.30
C CYS D 90 43.02 52.35 -8.85
N ALA D 91 43.52 51.47 -7.98
CA ALA D 91 43.94 50.12 -8.40
C ALA D 91 43.70 49.08 -7.31
N LEU D 92 43.38 47.86 -7.75
CA LEU D 92 43.15 46.75 -6.83
C LEU D 92 43.58 45.41 -7.42
N THR D 93 43.79 44.44 -6.53
CA THR D 93 44.08 43.07 -6.92
C THR D 93 43.31 42.11 -6.02
N ARG D 94 42.87 41.00 -6.61
CA ARG D 94 42.18 39.93 -5.88
C ARG D 94 43.14 39.21 -4.92
N GLY D 95 44.44 39.25 -5.23
CA GLY D 95 45.49 38.75 -4.35
C GLY D 95 46.79 38.53 -5.12
N PRO D 96 47.88 38.18 -4.41
CA PRO D 96 49.16 37.94 -5.08
C PRO D 96 49.09 36.75 -6.04
N GLY D 97 49.56 36.95 -7.28
CA GLY D 97 49.43 35.95 -8.34
C GLY D 97 48.26 36.18 -9.29
N ASN D 98 47.33 37.07 -8.93
CA ASN D 98 46.17 37.40 -9.76
C ASN D 98 46.40 38.70 -10.53
N GLN D 99 45.47 38.99 -11.44
CA GLN D 99 45.51 40.23 -12.23
C GLN D 99 45.43 41.46 -11.34
N PHE D 100 46.02 42.56 -11.84
CA PHE D 100 46.16 43.82 -11.13
C PHE D 100 45.35 44.86 -11.91
N TYR D 101 44.15 45.18 -11.42
CA TYR D 101 43.20 46.04 -12.14
C TYR D 101 43.35 47.52 -11.81
N PHE D 102 42.99 48.37 -12.77
CA PHE D 102 43.06 49.83 -12.63
C PHE D 102 41.74 50.48 -13.03
N GLY D 103 41.39 51.56 -12.34
CA GLY D 103 40.26 52.40 -12.73
C GLY D 103 40.60 53.25 -13.94
N THR D 104 39.58 53.88 -14.52
CA THR D 104 39.75 54.74 -15.69
C THR D 104 40.53 56.04 -15.37
N GLY D 105 40.38 56.54 -14.15
CA GLY D 105 41.17 57.67 -13.64
C GLY D 105 40.44 59.00 -13.67
N THR D 106 40.65 59.81 -12.63
CA THR D 106 40.09 61.16 -12.53
C THR D 106 41.23 62.17 -12.71
N SER D 107 41.02 63.14 -13.60
CA SER D 107 42.03 64.18 -13.88
C SER D 107 41.84 65.38 -12.96
N LEU D 108 42.68 65.46 -11.91
CA LEU D 108 42.64 66.59 -10.96
C LEU D 108 43.52 67.73 -11.43
N THR D 109 43.01 68.96 -11.33
CA THR D 109 43.79 70.18 -11.56
C THR D 109 43.52 71.16 -10.42
N VAL D 110 44.53 71.38 -9.57
CA VAL D 110 44.41 72.28 -8.43
C VAL D 110 44.66 73.73 -8.90
N ILE D 111 43.60 74.53 -8.90
CA ILE D 111 43.65 75.92 -9.40
C ILE D 111 44.51 76.79 -8.46
N PRO D 112 45.63 77.34 -8.98
CA PRO D 112 46.54 78.12 -8.14
C PRO D 112 45.98 79.50 -7.77
N ASN D 113 46.11 79.87 -6.50
CA ASN D 113 45.62 81.15 -6.00
C ASN D 113 46.65 82.25 -6.26
N ILE D 114 46.46 83.01 -7.33
CA ILE D 114 47.34 84.13 -7.68
C ILE D 114 46.87 85.37 -6.89
N GLN D 115 47.59 85.67 -5.82
CA GLN D 115 47.22 86.76 -4.91
C GLN D 115 47.56 88.18 -5.41
N ASN D 116 48.40 88.29 -6.44
CA ASN D 116 48.76 89.59 -7.04
C ASN D 116 48.67 89.54 -8.58
N PRO D 117 47.44 89.67 -9.13
CA PRO D 117 47.30 89.71 -10.59
C PRO D 117 47.86 91.00 -11.20
N ASP D 118 48.58 90.87 -12.32
CA ASP D 118 49.18 92.01 -13.01
C ASP D 118 49.22 91.73 -14.53
N PRO D 119 48.03 91.59 -15.16
CA PRO D 119 47.94 91.08 -16.54
C PRO D 119 48.66 91.95 -17.56
N ALA D 120 49.34 91.31 -18.51
CA ALA D 120 50.13 92.03 -19.52
C ALA D 120 50.46 91.15 -20.73
N VAL D 121 50.40 91.74 -21.93
CA VAL D 121 50.74 91.08 -23.18
C VAL D 121 52.04 91.69 -23.71
N TYR D 122 53.14 90.94 -23.56
CA TYR D 122 54.48 91.41 -23.98
C TYR D 122 54.89 90.80 -25.31
N GLN D 123 55.70 91.54 -26.08
CA GLN D 123 56.26 91.06 -27.36
C GLN D 123 57.73 90.68 -27.18
N LEU D 124 58.15 89.63 -27.89
CA LEU D 124 59.48 89.03 -27.70
C LEU D 124 60.18 88.80 -29.05
N ARG D 125 61.47 89.14 -29.11
CA ARG D 125 62.28 89.03 -30.33
C ARG D 125 63.06 87.73 -30.34
N ASP D 126 63.16 87.10 -31.51
CA ASP D 126 63.98 85.90 -31.70
C ASP D 126 65.43 86.31 -31.84
N SER D 127 66.32 85.64 -31.09
CA SER D 127 67.76 85.96 -31.10
C SER D 127 68.47 85.56 -32.40
N LYS D 128 67.91 84.62 -33.15
CA LYS D 128 68.44 84.21 -34.45
C LYS D 128 68.17 85.25 -35.52
N SER D 129 66.90 85.65 -35.64
CA SER D 129 66.46 86.64 -36.64
C SER D 129 65.41 87.59 -36.04
N SER D 130 65.55 88.89 -36.36
CA SER D 130 64.64 89.93 -35.84
C SER D 130 63.19 89.76 -36.31
N ASP D 131 63.01 89.26 -37.54
CA ASP D 131 61.68 89.12 -38.17
C ASP D 131 60.72 88.21 -37.38
N LYS D 132 61.25 87.13 -36.80
CA LYS D 132 60.44 86.18 -36.04
C LYS D 132 60.07 86.79 -34.69
N SER D 133 58.79 86.74 -34.35
CA SER D 133 58.26 87.39 -33.14
C SER D 133 57.12 86.58 -32.51
N VAL D 134 56.97 86.71 -31.19
CA VAL D 134 55.98 85.97 -30.41
C VAL D 134 55.43 86.83 -29.27
N CYS D 135 54.15 86.64 -28.94
CA CYS D 135 53.45 87.42 -27.91
C CYS D 135 53.20 86.60 -26.65
N LEU D 136 53.71 87.09 -25.51
CA LEU D 136 53.55 86.44 -24.20
C LEU D 136 52.48 87.13 -23.36
N PHE D 137 51.35 86.45 -23.16
CA PHE D 137 50.29 86.93 -22.25
C PHE D 137 50.48 86.25 -20.90
N THR D 138 50.81 87.02 -19.86
CA THR D 138 51.21 86.46 -18.56
C THR D 138 50.73 87.28 -17.35
N ASP D 139 50.90 86.70 -16.16
CA ASP D 139 50.52 87.30 -14.87
C ASP D 139 49.03 87.63 -14.75
N PHE D 140 48.17 86.67 -15.11
CA PHE D 140 46.72 86.83 -15.01
C PHE D 140 46.14 85.78 -14.07
N ASP D 141 45.08 86.14 -13.35
CA ASP D 141 44.46 85.23 -12.37
C ASP D 141 43.72 84.08 -13.05
N SER D 142 43.45 83.03 -12.27
CA SER D 142 42.92 81.77 -12.81
C SER D 142 41.46 81.81 -13.30
N GLN D 143 40.73 82.88 -12.98
CA GLN D 143 39.37 83.08 -13.50
C GLN D 143 39.34 83.27 -15.03
N THR D 144 40.40 83.87 -15.58
CA THR D 144 40.57 84.00 -17.03
C THR D 144 41.03 82.67 -17.66
N ASN D 145 40.64 82.47 -18.92
CA ASN D 145 41.11 81.32 -19.71
C ASN D 145 41.10 81.64 -21.22
N VAL D 146 42.07 81.08 -21.95
CA VAL D 146 42.34 81.47 -23.34
C VAL D 146 41.50 80.72 -24.38
N SER D 147 41.59 81.19 -25.63
CA SER D 147 40.96 80.55 -26.80
C SER D 147 41.84 80.77 -28.02
N GLN D 148 41.78 79.85 -28.99
CA GLN D 148 42.70 79.83 -30.14
C GLN D 148 42.08 80.04 -31.54
N SER D 149 40.75 80.15 -31.63
CA SER D 149 40.08 80.28 -32.93
C SER D 149 40.22 81.69 -33.51
N LYS D 150 41.42 82.00 -34.00
CA LYS D 150 41.73 83.30 -34.59
C LYS D 150 41.83 83.16 -36.11
N ASP D 151 42.79 82.34 -36.56
CA ASP D 151 43.08 82.14 -37.99
C ASP D 151 43.75 80.78 -38.20
N SER D 152 43.95 80.41 -39.46
CA SER D 152 44.79 79.27 -39.84
C SER D 152 46.26 79.55 -39.54
N ASP D 153 46.70 80.77 -39.86
CA ASP D 153 48.10 81.18 -39.66
C ASP D 153 48.48 81.41 -38.18
N VAL D 154 47.52 81.89 -37.39
CA VAL D 154 47.77 82.23 -35.97
C VAL D 154 47.57 80.99 -35.07
N TYR D 155 48.54 80.74 -34.19
CA TYR D 155 48.48 79.66 -33.18
C TYR D 155 48.45 80.28 -31.79
N ILE D 156 47.68 79.68 -30.88
CA ILE D 156 47.60 80.11 -29.48
C ILE D 156 47.54 78.88 -28.58
N THR D 157 48.44 78.82 -27.59
CA THR D 157 48.52 77.69 -26.66
C THR D 157 47.56 77.89 -25.48
N ASP D 158 47.46 76.87 -24.63
CA ASP D 158 46.62 76.91 -23.42
C ASP D 158 47.44 77.51 -22.25
N LYS D 159 46.85 77.54 -21.06
CA LYS D 159 47.52 78.08 -19.86
C LYS D 159 48.70 77.22 -19.42
N CYS D 160 49.61 77.83 -18.67
CA CYS D 160 50.79 77.17 -18.12
C CYS D 160 51.11 77.81 -16.77
N VAL D 161 50.98 77.02 -15.70
CA VAL D 161 51.24 77.50 -14.34
C VAL D 161 52.70 77.27 -13.98
N LEU D 162 53.50 78.35 -14.02
CA LEU D 162 54.89 78.32 -13.59
C LEU D 162 54.97 78.69 -12.10
N ASP D 163 56.01 78.18 -11.42
CA ASP D 163 56.16 78.34 -9.98
C ASP D 163 57.62 78.69 -9.62
N MET D 164 57.87 79.97 -9.39
CA MET D 164 59.18 80.44 -8.95
C MET D 164 59.35 80.08 -7.47
N ARG D 165 60.14 79.05 -7.20
CA ARG D 165 60.26 78.49 -5.85
C ARG D 165 61.03 79.40 -4.89
N SER D 166 62.08 80.05 -5.39
CA SER D 166 62.91 80.96 -4.59
C SER D 166 62.12 82.20 -4.14
N MET D 167 61.52 82.89 -5.11
CA MET D 167 60.77 84.12 -4.85
C MET D 167 59.34 83.90 -4.30
N ASP D 168 58.81 82.69 -4.43
CA ASP D 168 57.42 82.36 -4.03
C ASP D 168 56.42 83.22 -4.81
N PHE D 169 56.23 82.87 -6.08
CA PHE D 169 55.46 83.70 -7.01
C PHE D 169 54.94 82.86 -8.20
N LYS D 170 53.66 82.51 -8.16
CA LYS D 170 53.00 81.83 -9.28
C LYS D 170 52.74 82.80 -10.44
N SER D 171 52.56 82.24 -11.63
CA SER D 171 52.31 83.04 -12.84
C SER D 171 51.73 82.18 -13.97
N ASN D 172 50.44 82.37 -14.27
CA ASN D 172 49.82 81.75 -15.43
C ASN D 172 50.26 82.50 -16.68
N SER D 173 50.84 81.79 -17.64
CA SER D 173 51.31 82.37 -18.91
C SER D 173 50.63 81.71 -20.10
N ALA D 174 50.71 82.38 -21.24
CA ALA D 174 50.17 81.88 -22.52
C ALA D 174 50.96 82.47 -23.68
N VAL D 175 51.11 81.69 -24.75
CA VAL D 175 51.96 82.07 -25.89
C VAL D 175 51.14 82.07 -27.18
N ALA D 176 51.43 83.03 -28.07
CA ALA D 176 50.72 83.18 -29.34
C ALA D 176 51.61 83.80 -30.42
N TRP D 177 51.59 83.20 -31.61
CA TRP D 177 52.40 83.67 -32.74
C TRP D 177 51.74 83.35 -34.09
N SER D 178 52.18 84.05 -35.13
CA SER D 178 51.76 83.77 -36.51
C SER D 178 52.99 83.42 -37.37
N ASN D 179 52.77 82.57 -38.37
CA ASN D 179 53.85 82.10 -39.25
C ASN D 179 54.33 83.24 -40.15
N LYS D 180 53.38 83.82 -40.90
CA LYS D 180 53.64 84.99 -41.74
C LYS D 180 52.37 85.83 -41.84
N SER D 181 52.46 87.09 -41.39
CA SER D 181 51.32 88.01 -41.38
C SER D 181 51.78 89.45 -41.10
N ASP D 182 50.80 90.36 -41.10
CA ASP D 182 50.95 91.67 -40.45
C ASP D 182 50.24 91.53 -39.10
N PHE D 183 50.87 90.73 -38.23
CA PHE D 183 50.23 90.20 -37.02
C PHE D 183 50.16 91.21 -35.89
N ALA D 184 48.94 91.57 -35.50
CA ALA D 184 48.70 92.49 -34.39
C ALA D 184 48.91 91.75 -33.07
N CYS D 185 49.99 92.11 -32.36
CA CYS D 185 50.29 91.53 -31.05
C CYS D 185 49.29 91.98 -29.97
N ALA D 186 48.76 93.19 -30.12
CA ALA D 186 47.68 93.68 -29.26
C ALA D 186 46.40 92.88 -29.47
N ASN D 187 46.07 92.58 -30.73
CA ASN D 187 44.84 91.84 -31.09
C ASN D 187 45.12 90.36 -31.41
N ALA D 188 46.00 89.73 -30.62
CA ALA D 188 46.29 88.30 -30.74
C ALA D 188 45.35 87.49 -29.87
N PHE D 189 45.20 87.92 -28.61
CA PHE D 189 44.32 87.27 -27.63
C PHE D 189 42.93 87.94 -27.55
N ASN D 190 42.50 88.60 -28.63
CA ASN D 190 41.18 89.25 -28.69
C ASN D 190 39.99 88.27 -28.86
N ASN D 191 40.28 86.98 -29.02
CA ASN D 191 39.23 85.95 -29.07
C ASN D 191 38.66 85.72 -27.68
N SER D 192 39.52 85.35 -26.74
CA SER D 192 39.12 85.07 -25.36
C SER D 192 38.87 86.36 -24.58
N ILE D 193 38.08 86.25 -23.50
CA ILE D 193 37.73 87.40 -22.66
C ILE D 193 38.89 87.70 -21.70
N ILE D 194 39.87 88.45 -22.22
CA ILE D 194 41.04 88.87 -21.43
C ILE D 194 40.67 90.02 -20.47
N PRO D 195 41.48 90.26 -19.41
CA PRO D 195 41.13 91.29 -18.42
C PRO D 195 40.97 92.71 -18.99
N GLU D 196 40.21 93.53 -18.27
CA GLU D 196 39.94 94.91 -18.68
C GLU D 196 41.18 95.81 -18.57
N ASP D 197 41.96 95.61 -17.50
CA ASP D 197 43.19 96.39 -17.25
C ASP D 197 44.47 95.58 -17.56
N THR D 198 44.64 95.24 -18.83
CA THR D 198 45.82 94.52 -19.31
C THR D 198 46.83 95.51 -19.92
N PHE D 199 48.09 95.37 -19.53
CA PHE D 199 49.16 96.31 -19.90
C PHE D 199 49.67 96.04 -21.34
N PHE D 200 49.45 97.02 -22.23
CA PHE D 200 49.96 96.97 -23.61
C PHE D 200 50.97 98.11 -23.81
N PRO D 201 52.27 97.78 -23.94
CA PRO D 201 53.29 98.83 -24.05
C PRO D 201 53.33 99.51 -25.43
N GLY E 2 66.95 44.59 -12.04
CA GLY E 2 67.78 45.68 -11.43
C GLY E 2 67.13 46.31 -10.22
N ALA E 3 67.42 47.59 -9.98
CA ALA E 3 66.84 48.34 -8.86
C ALA E 3 65.36 48.63 -9.13
N GLY E 4 65.08 49.25 -10.28
CA GLY E 4 63.72 49.53 -10.74
C GLY E 4 63.41 48.81 -12.04
N VAL E 5 62.17 48.95 -12.51
CA VAL E 5 61.74 48.36 -13.77
C VAL E 5 62.24 49.22 -14.93
N SER E 6 62.66 48.57 -16.01
CA SER E 6 63.30 49.23 -17.14
C SER E 6 62.79 48.66 -18.46
N GLN E 7 62.03 49.47 -19.20
CA GLN E 7 61.58 49.10 -20.54
C GLN E 7 62.48 49.69 -21.61
N SER E 8 62.41 49.12 -22.81
CA SER E 8 63.09 49.66 -23.98
C SER E 8 62.37 49.20 -25.26
N PRO E 9 62.25 50.06 -26.28
CA PRO E 9 62.73 51.43 -26.27
C PRO E 9 61.76 52.40 -25.57
N ARG E 10 62.26 53.58 -25.22
CA ARG E 10 61.43 54.65 -24.61
C ARG E 10 60.38 55.15 -25.58
N TYR E 11 60.83 55.44 -26.81
CA TYR E 11 59.96 55.87 -27.91
C TYR E 11 60.27 55.00 -29.12
N LYS E 12 59.29 54.79 -29.99
CA LYS E 12 59.47 53.98 -31.19
C LYS E 12 58.55 54.41 -32.32
N VAL E 13 59.15 54.74 -33.47
CA VAL E 13 58.44 54.97 -34.72
C VAL E 13 58.52 53.68 -35.53
N THR E 14 57.40 53.33 -36.19
CA THR E 14 57.31 52.10 -36.97
C THR E 14 56.43 52.31 -38.20
N LYS E 15 56.87 51.78 -39.34
CA LYS E 15 56.09 51.83 -40.58
C LYS E 15 54.90 50.87 -40.47
N ARG E 16 53.79 51.23 -41.09
CA ARG E 16 52.57 50.43 -41.01
C ARG E 16 52.75 49.12 -41.77
N GLY E 17 52.59 48.01 -41.06
CA GLY E 17 52.77 46.66 -41.62
C GLY E 17 53.99 45.89 -41.11
N GLN E 18 54.93 46.61 -40.48
CA GLN E 18 56.12 46.00 -39.87
C GLN E 18 55.82 45.45 -38.47
N ASP E 19 56.70 44.60 -37.97
CA ASP E 19 56.59 44.03 -36.63
C ASP E 19 57.40 44.85 -35.64
N VAL E 20 57.03 44.79 -34.36
CA VAL E 20 57.77 45.44 -33.26
C VAL E 20 57.85 44.54 -32.03
N ALA E 21 58.91 44.74 -31.25
CA ALA E 21 59.14 43.98 -30.03
C ALA E 21 59.43 44.97 -28.91
N LEU E 22 58.51 45.03 -27.93
CA LEU E 22 58.69 45.88 -26.75
C LEU E 22 59.27 45.04 -25.61
N ARG E 23 60.40 45.49 -25.07
CA ARG E 23 61.13 44.80 -24.00
C ARG E 23 60.72 45.37 -22.62
N CYS E 24 60.73 44.50 -21.61
CA CYS E 24 60.48 44.88 -20.22
C CYS E 24 61.38 44.07 -19.28
N ASP E 25 62.31 44.76 -18.61
CA ASP E 25 63.21 44.14 -17.63
C ASP E 25 62.70 44.50 -16.23
N PRO E 26 62.13 43.52 -15.50
CA PRO E 26 61.52 43.81 -14.21
C PRO E 26 62.53 43.89 -13.08
N ILE E 27 62.03 44.10 -11.86
CA ILE E 27 62.86 44.09 -10.65
C ILE E 27 63.24 42.65 -10.33
N SER E 28 64.46 42.44 -9.83
CA SER E 28 64.98 41.10 -9.57
C SER E 28 64.19 40.38 -8.48
N GLY E 29 63.73 39.17 -8.79
CA GLY E 29 62.98 38.34 -7.85
C GLY E 29 61.47 38.54 -7.84
N HIS E 30 60.96 39.47 -8.66
CA HIS E 30 59.52 39.73 -8.74
C HIS E 30 58.85 38.63 -9.57
N VAL E 31 57.87 37.96 -8.96
CA VAL E 31 57.22 36.80 -9.58
C VAL E 31 56.28 37.23 -10.70
N SER E 32 55.37 38.15 -10.38
CA SER E 32 54.38 38.63 -11.34
C SER E 32 54.96 39.71 -12.27
N LEU E 33 54.53 39.70 -13.53
CA LEU E 33 54.89 40.74 -14.51
C LEU E 33 53.70 41.03 -15.42
N TYR E 34 53.21 42.27 -15.38
CA TYR E 34 51.99 42.67 -16.09
C TYR E 34 52.31 43.58 -17.28
N TRP E 35 51.46 43.54 -18.31
CA TRP E 35 51.53 44.43 -19.48
C TRP E 35 50.26 45.25 -19.60
N TYR E 36 50.39 46.53 -19.96
CA TYR E 36 49.28 47.44 -20.19
C TYR E 36 49.52 48.31 -21.42
N ARG E 37 48.44 48.81 -22.02
CA ARG E 37 48.52 49.94 -22.96
C ARG E 37 47.60 51.05 -22.47
N GLN E 38 48.04 52.30 -22.65
CA GLN E 38 47.33 53.46 -22.14
C GLN E 38 47.15 54.48 -23.27
N ALA E 39 45.90 54.65 -23.73
CA ALA E 39 45.56 55.63 -24.74
C ALA E 39 45.54 57.03 -24.13
N LEU E 40 45.54 58.05 -25.00
CA LEU E 40 45.67 59.45 -24.58
C LEU E 40 44.49 59.90 -23.72
N GLY E 41 44.77 60.23 -22.45
CA GLY E 41 43.75 60.70 -21.51
C GLY E 41 42.82 59.60 -21.00
N GLN E 42 43.38 58.41 -20.77
CA GLN E 42 42.63 57.25 -20.26
C GLN E 42 43.51 56.45 -19.31
N GLY E 43 42.89 55.56 -18.53
CA GLY E 43 43.61 54.68 -17.60
C GLY E 43 44.30 53.52 -18.29
N PRO E 44 45.15 52.77 -17.54
CA PRO E 44 45.84 51.62 -18.15
C PRO E 44 44.89 50.45 -18.45
N GLU E 45 44.72 50.15 -19.73
CA GLU E 45 43.96 48.97 -20.17
C GLU E 45 44.83 47.73 -20.01
N PHE E 46 44.26 46.68 -19.44
CA PHE E 46 44.97 45.42 -19.19
C PHE E 46 45.17 44.62 -20.48
N LEU E 47 46.36 44.08 -20.66
CA LEU E 47 46.71 43.27 -21.86
C LEU E 47 46.92 41.80 -21.48
N THR E 48 47.94 41.54 -20.66
CA THR E 48 48.25 40.19 -20.20
C THR E 48 49.26 40.25 -19.06
N TYR E 49 49.49 39.11 -18.42
CA TYR E 49 50.51 39.04 -17.37
C TYR E 49 51.09 37.63 -17.21
N PHE E 50 52.16 37.55 -16.44
CA PHE E 50 52.89 36.30 -16.19
C PHE E 50 53.04 36.07 -14.70
N ASN E 51 53.08 34.80 -14.31
CA ASN E 51 53.52 34.37 -12.98
C ASN E 51 54.73 33.47 -13.24
N TYR E 52 55.88 33.85 -12.69
CA TYR E 52 57.16 33.20 -12.99
C TYR E 52 57.39 33.22 -14.52
N GLU E 53 57.24 32.08 -15.18
CA GLU E 53 57.52 31.91 -16.60
C GLU E 53 56.24 31.92 -17.45
N ALA E 54 55.15 31.38 -16.90
CA ALA E 54 53.95 31.04 -17.66
C ALA E 54 53.03 32.24 -17.84
N GLN E 55 52.70 32.54 -19.10
CA GLN E 55 51.68 33.55 -19.42
C GLN E 55 50.34 33.06 -18.90
N GLN E 56 49.66 33.91 -18.15
CA GLN E 56 48.40 33.55 -17.53
C GLN E 56 47.26 33.72 -18.56
N ASP E 57 46.33 34.66 -18.37
CA ASP E 57 45.19 34.80 -19.28
C ASP E 57 45.55 35.71 -20.47
N LYS E 58 45.32 35.20 -21.69
CA LYS E 58 45.57 35.94 -22.94
C LYS E 58 44.36 36.76 -23.45
N SER E 59 43.23 36.72 -22.74
CA SER E 59 42.00 37.38 -23.17
C SER E 59 42.13 38.89 -23.41
N GLY E 60 42.91 39.56 -22.57
CA GLY E 60 43.10 41.01 -22.66
C GLY E 60 43.85 41.50 -23.89
N LEU E 61 44.59 40.61 -24.56
CA LEU E 61 45.28 40.95 -25.80
C LEU E 61 44.25 41.20 -26.92
N PRO E 62 44.30 42.39 -27.55
CA PRO E 62 43.20 42.85 -28.42
C PRO E 62 42.88 41.95 -29.62
N ASN E 63 43.90 41.33 -30.22
CA ASN E 63 43.70 40.36 -31.30
C ASN E 63 44.92 39.42 -31.45
N ASP E 64 44.82 38.44 -32.32
CA ASP E 64 45.88 37.43 -32.52
C ASP E 64 47.21 37.95 -33.09
N ARG E 65 47.25 39.20 -33.59
CA ARG E 65 48.52 39.85 -33.97
C ARG E 65 49.42 40.12 -32.76
N PHE E 66 48.79 40.40 -31.61
CA PHE E 66 49.52 40.63 -30.35
C PHE E 66 49.93 39.29 -29.73
N SER E 67 51.13 39.25 -29.17
CA SER E 67 51.65 38.06 -28.48
C SER E 67 52.75 38.45 -27.50
N ALA E 68 52.92 37.63 -26.46
CA ALA E 68 53.89 37.92 -25.41
C ALA E 68 54.51 36.65 -24.83
N GLU E 69 55.78 36.75 -24.46
CA GLU E 69 56.51 35.66 -23.80
C GLU E 69 57.37 36.20 -22.66
N ARG E 70 57.84 35.29 -21.82
CA ARG E 70 58.72 35.60 -20.70
C ARG E 70 59.52 34.32 -20.40
N PRO E 71 60.36 33.89 -21.35
CA PRO E 71 60.86 32.51 -21.43
C PRO E 71 61.68 32.02 -20.22
N GLU E 72 62.57 32.87 -19.73
CA GLU E 72 63.45 32.51 -18.60
C GLU E 72 62.93 33.06 -17.26
N GLY E 73 61.66 33.48 -17.22
CA GLY E 73 61.01 33.89 -15.97
C GLY E 73 61.43 35.25 -15.42
N SER E 74 62.02 36.10 -16.28
CA SER E 74 62.46 37.44 -15.88
C SER E 74 62.03 38.46 -16.93
N ILE E 75 62.82 38.61 -18.00
CA ILE E 75 62.56 39.64 -19.01
C ILE E 75 61.42 39.19 -19.92
N SER E 76 60.40 40.03 -20.04
CA SER E 76 59.27 39.78 -20.93
C SER E 76 59.42 40.55 -22.24
N THR E 77 58.70 40.10 -23.26
CA THR E 77 58.75 40.72 -24.59
C THR E 77 57.39 40.67 -25.26
N LEU E 78 56.72 41.81 -25.33
CA LEU E 78 55.45 41.96 -26.07
C LEU E 78 55.78 42.18 -27.54
N THR E 79 55.12 41.42 -28.41
CA THR E 79 55.40 41.43 -29.85
C THR E 79 54.13 41.65 -30.65
N ILE E 80 54.07 42.76 -31.37
CA ILE E 80 52.97 43.07 -32.28
C ILE E 80 53.45 42.82 -33.70
N GLN E 81 52.73 41.97 -34.43
CA GLN E 81 53.02 41.68 -35.84
C GLN E 81 52.08 42.47 -36.73
N ARG E 82 52.55 42.85 -37.92
CA ARG E 82 51.76 43.60 -38.90
C ARG E 82 51.03 44.79 -38.28
N THR E 83 51.80 45.78 -37.84
CA THR E 83 51.27 46.92 -37.10
C THR E 83 50.30 47.75 -37.93
N GLU E 84 49.35 48.36 -37.24
CA GLU E 84 48.37 49.26 -37.84
C GLU E 84 48.39 50.57 -37.06
N GLN E 85 47.82 51.63 -37.63
CA GLN E 85 47.84 52.95 -36.98
C GLN E 85 47.12 52.97 -35.63
N ARG E 86 46.04 52.19 -35.52
CA ARG E 86 45.29 52.06 -34.27
C ARG E 86 46.02 51.31 -33.13
N ASP E 87 47.13 50.63 -33.43
CA ASP E 87 47.99 50.03 -32.39
C ASP E 87 48.82 51.05 -31.60
N SER E 88 48.96 52.27 -32.12
CA SER E 88 49.76 53.31 -31.46
C SER E 88 49.23 53.63 -30.06
N ALA E 89 50.09 53.42 -29.05
CA ALA E 89 49.74 53.71 -27.66
C ALA E 89 51.00 53.79 -26.78
N MET E 90 50.78 54.16 -25.52
CA MET E 90 51.82 54.11 -24.50
C MET E 90 51.71 52.74 -23.82
N TYR E 91 52.68 51.86 -24.11
CA TYR E 91 52.70 50.50 -23.57
C TYR E 91 53.55 50.43 -22.30
N ARG E 92 52.91 50.24 -21.15
CA ARG E 92 53.62 50.11 -19.87
C ARG E 92 53.65 48.66 -19.43
N CYS E 93 54.72 48.27 -18.75
CA CYS E 93 54.80 47.00 -18.04
C CYS E 93 54.99 47.31 -16.56
N ALA E 94 54.79 46.30 -15.73
CA ALA E 94 55.02 46.43 -14.30
C ALA E 94 55.24 45.08 -13.65
N SER E 95 56.05 45.05 -12.59
CA SER E 95 56.31 43.84 -11.82
C SER E 95 55.80 44.01 -10.40
N SER E 96 55.59 42.89 -9.73
CA SER E 96 55.22 42.89 -8.31
C SER E 96 55.56 41.54 -7.67
N SER E 97 55.36 41.49 -6.35
CA SER E 97 55.46 40.26 -5.57
C SER E 97 56.88 39.68 -5.50
N PRO E 98 57.80 40.37 -4.78
CA PRO E 98 59.14 39.83 -4.56
C PRO E 98 59.09 38.68 -3.55
N GLY E 99 59.48 37.49 -3.98
CA GLY E 99 59.38 36.29 -3.17
C GLY E 99 57.96 35.83 -2.91
N GLY E 100 57.00 36.24 -3.74
CA GLY E 100 55.62 35.79 -3.66
C GLY E 100 54.66 36.57 -2.77
N VAL E 101 55.20 37.35 -1.83
CA VAL E 101 54.35 38.20 -0.96
C VAL E 101 53.72 39.34 -1.76
N SER E 102 52.51 39.74 -1.40
CA SER E 102 51.77 40.74 -2.17
C SER E 102 52.33 42.15 -1.95
N THR E 103 52.64 42.84 -3.05
CA THR E 103 53.11 44.23 -3.01
C THR E 103 52.35 45.06 -4.05
N GLU E 104 52.65 46.36 -4.07
CA GLU E 104 52.21 47.24 -5.15
C GLU E 104 52.79 46.82 -6.50
N ALA E 105 52.23 47.38 -7.58
CA ALA E 105 52.76 47.17 -8.92
C ALA E 105 53.79 48.26 -9.23
N PHE E 106 55.05 47.88 -9.39
CA PHE E 106 56.12 48.82 -9.71
C PHE E 106 56.18 49.01 -11.23
N PHE E 107 55.97 50.24 -11.70
CA PHE E 107 55.89 50.53 -13.13
C PHE E 107 57.24 50.87 -13.77
N GLY E 108 57.36 50.54 -15.06
CA GLY E 108 58.49 50.95 -15.87
C GLY E 108 58.23 52.32 -16.46
N GLN E 109 59.24 52.86 -17.15
CA GLN E 109 59.14 54.19 -17.78
C GLN E 109 58.20 54.23 -18.99
N GLY E 110 57.99 53.09 -19.64
CA GLY E 110 57.01 52.96 -20.73
C GLY E 110 57.64 52.97 -22.11
N THR E 111 56.86 52.55 -23.10
CA THR E 111 57.25 52.59 -24.52
C THR E 111 56.18 53.35 -25.31
N ARG E 112 56.56 54.53 -25.81
CA ARG E 112 55.69 55.31 -26.71
C ARG E 112 55.83 54.72 -28.11
N LEU E 113 54.84 53.92 -28.52
CA LEU E 113 54.80 53.38 -29.88
C LEU E 113 53.91 54.25 -30.74
N THR E 114 54.45 54.70 -31.88
CA THR E 114 53.67 55.42 -32.89
C THR E 114 53.84 54.70 -34.22
N VAL E 115 52.74 54.18 -34.75
CA VAL E 115 52.73 53.51 -36.04
C VAL E 115 52.34 54.54 -37.09
N VAL E 116 53.28 54.85 -37.97
CA VAL E 116 53.09 55.85 -39.04
C VAL E 116 52.89 55.15 -40.37
N GLU E 117 52.05 55.73 -41.22
CA GLU E 117 51.74 55.16 -42.54
C GLU E 117 52.94 55.27 -43.48
N ASP E 118 53.49 56.48 -43.58
CA ASP E 118 54.63 56.77 -44.45
C ASP E 118 55.75 57.39 -43.62
N LEU E 119 56.95 56.84 -43.71
CA LEU E 119 58.12 57.34 -42.96
C LEU E 119 58.54 58.77 -43.36
N ASN E 120 58.17 59.19 -44.57
CA ASN E 120 58.46 60.56 -45.05
C ASN E 120 57.73 61.67 -44.26
N LYS E 121 56.67 61.32 -43.53
CA LYS E 121 55.95 62.26 -42.69
C LYS E 121 56.63 62.56 -41.34
N VAL E 122 57.71 61.84 -41.02
CA VAL E 122 58.48 62.05 -39.80
C VAL E 122 59.41 63.25 -39.98
N PHE E 123 59.29 64.25 -39.10
CA PHE E 123 60.15 65.45 -39.13
C PHE E 123 60.71 65.77 -37.74
N PRO E 124 61.97 66.24 -37.67
CA PRO E 124 62.51 66.71 -36.38
C PRO E 124 62.09 68.16 -36.11
N PRO E 125 62.22 68.61 -34.85
CA PRO E 125 61.76 69.94 -34.49
C PRO E 125 62.77 71.03 -34.84
N GLU E 126 62.24 72.19 -35.27
CA GLU E 126 63.02 73.40 -35.43
C GLU E 126 62.82 74.22 -34.15
N VAL E 127 63.90 74.42 -33.41
CA VAL E 127 63.86 75.09 -32.10
C VAL E 127 64.36 76.54 -32.24
N ALA E 128 63.77 77.44 -31.45
CA ALA E 128 64.15 78.85 -31.45
C ALA E 128 63.83 79.50 -30.10
N VAL E 129 64.78 80.24 -29.54
CA VAL E 129 64.61 80.95 -28.26
C VAL E 129 64.30 82.41 -28.53
N PHE E 130 63.23 82.91 -27.90
CA PHE E 130 62.80 84.30 -28.01
C PHE E 130 63.17 85.03 -26.71
N GLU E 131 63.91 86.13 -26.84
CA GLU E 131 64.45 86.83 -25.67
C GLU E 131 63.38 87.66 -24.95
N PRO E 132 63.58 87.96 -23.63
CA PRO E 132 62.58 88.70 -22.84
C PRO E 132 62.27 90.10 -23.37
N SER E 133 61.10 90.61 -23.00
CA SER E 133 60.63 91.91 -23.45
C SER E 133 61.28 93.07 -22.69
N GLU E 134 61.29 94.23 -23.33
CA GLU E 134 61.73 95.48 -22.71
C GLU E 134 60.73 95.90 -21.62
N ALA E 135 59.44 95.84 -21.96
CA ALA E 135 58.36 96.25 -21.06
C ALA E 135 58.23 95.36 -19.81
N GLU E 136 58.51 94.06 -19.95
CA GLU E 136 58.40 93.11 -18.84
C GLU E 136 59.42 93.37 -17.72
N ILE E 137 60.63 93.78 -18.10
CA ILE E 137 61.68 94.09 -17.13
C ILE E 137 61.40 95.40 -16.39
N SER E 138 60.85 96.40 -17.08
CA SER E 138 60.46 97.67 -16.45
C SER E 138 59.20 97.52 -15.58
N HIS E 139 58.21 96.76 -16.05
CA HIS E 139 56.91 96.65 -15.38
C HIS E 139 56.95 95.72 -14.16
N THR E 140 57.38 94.47 -14.38
CA THR E 140 57.33 93.42 -13.34
C THR E 140 58.67 93.11 -12.66
N GLN E 141 59.77 93.71 -13.15
CA GLN E 141 61.13 93.42 -12.65
C GLN E 141 61.47 91.91 -12.73
N LYS E 142 61.05 91.29 -13.82
CA LYS E 142 61.32 89.88 -14.10
C LYS E 142 61.49 89.69 -15.61
N ALA E 143 62.13 88.59 -16.00
CA ALA E 143 62.44 88.30 -17.41
C ALA E 143 62.02 86.88 -17.79
N THR E 144 61.15 86.78 -18.80
CA THR E 144 60.61 85.50 -19.27
C THR E 144 61.15 85.18 -20.67
N LEU E 145 61.99 84.15 -20.75
CA LEU E 145 62.42 83.60 -22.04
C LEU E 145 61.33 82.65 -22.53
N VAL E 146 61.17 82.54 -23.85
CA VAL E 146 60.20 81.65 -24.46
C VAL E 146 60.88 80.80 -25.53
N CYS E 147 60.78 79.49 -25.39
CA CYS E 147 61.26 78.53 -26.39
C CYS E 147 60.08 78.03 -27.22
N LEU E 148 60.36 77.66 -28.46
CA LEU E 148 59.31 77.29 -29.42
C LEU E 148 59.81 76.22 -30.40
N ALA E 149 59.61 74.95 -30.02
CA ALA E 149 59.91 73.81 -30.90
C ALA E 149 58.73 73.60 -31.85
N THR E 150 58.98 73.72 -33.15
CA THR E 150 57.91 73.70 -34.15
C THR E 150 58.18 72.67 -35.25
N GLY E 151 57.10 72.24 -35.91
CA GLY E 151 57.17 71.41 -37.10
C GLY E 151 57.85 70.06 -36.90
N PHE E 152 57.33 69.28 -35.96
CA PHE E 152 57.83 67.93 -35.70
C PHE E 152 56.71 66.89 -35.69
N TYR E 153 57.07 65.65 -36.05
CA TYR E 153 56.14 64.53 -36.08
C TYR E 153 56.93 63.23 -35.95
N PRO E 154 56.48 62.27 -35.14
CA PRO E 154 55.29 62.35 -34.27
C PRO E 154 55.56 63.12 -32.97
N ASP E 155 54.61 63.13 -32.04
CA ASP E 155 54.78 63.81 -30.73
C ASP E 155 55.76 63.05 -29.83
N HIS E 156 57.03 63.08 -30.21
CA HIS E 156 58.12 62.41 -29.51
C HIS E 156 59.15 63.48 -29.13
N VAL E 157 58.90 64.20 -28.04
CA VAL E 157 59.77 65.32 -27.65
C VAL E 157 59.96 65.44 -26.13
N GLU E 158 61.18 65.81 -25.72
CA GLU E 158 61.52 66.09 -24.33
C GLU E 158 62.29 67.41 -24.25
N LEU E 159 61.57 68.48 -23.92
CA LEU E 159 62.13 69.83 -23.82
C LEU E 159 62.76 70.04 -22.45
N SER E 160 63.88 70.78 -22.42
CA SER E 160 64.57 71.11 -21.16
C SER E 160 65.40 72.38 -21.30
N TRP E 161 65.48 73.14 -20.19
CA TRP E 161 66.25 74.39 -20.14
C TRP E 161 67.58 74.18 -19.44
N TRP E 162 68.63 74.81 -19.96
CA TRP E 162 69.99 74.68 -19.44
C TRP E 162 70.64 76.05 -19.22
N VAL E 163 70.86 76.41 -17.95
CA VAL E 163 71.51 77.67 -17.57
C VAL E 163 72.96 77.39 -17.15
N ASN E 164 73.91 77.92 -17.93
CA ASN E 164 75.36 77.73 -17.69
C ASN E 164 75.78 76.26 -17.63
N GLY E 165 75.33 75.49 -18.63
CA GLY E 165 75.69 74.07 -18.75
C GLY E 165 75.12 73.16 -17.67
N LYS E 166 74.02 73.56 -17.04
CA LYS E 166 73.34 72.76 -16.01
C LYS E 166 71.83 72.93 -16.14
N GLU E 167 71.10 71.81 -16.07
CA GLU E 167 69.64 71.83 -16.20
C GLU E 167 69.00 72.51 -15.00
N VAL E 168 67.88 73.18 -15.24
CA VAL E 168 67.11 73.85 -14.19
C VAL E 168 65.63 73.51 -14.33
N HIS E 169 64.97 73.31 -13.19
CA HIS E 169 63.53 73.06 -13.14
C HIS E 169 62.74 74.20 -12.48
N SER E 170 63.40 75.04 -11.67
CA SER E 170 62.77 76.19 -11.05
C SER E 170 62.52 77.30 -12.08
N GLY E 171 61.32 77.90 -12.04
CA GLY E 171 60.93 78.96 -12.97
C GLY E 171 60.56 78.50 -14.39
N VAL E 172 60.44 77.19 -14.59
CA VAL E 172 60.18 76.60 -15.91
C VAL E 172 58.71 76.22 -16.03
N CYS E 173 58.17 76.35 -17.25
CA CYS E 173 56.84 75.84 -17.58
C CYS E 173 56.84 75.34 -19.00
N THR E 174 56.33 74.13 -19.20
CA THR E 174 56.21 73.53 -20.54
C THR E 174 54.76 73.07 -20.73
N ASP E 175 54.30 73.12 -21.97
CA ASP E 175 52.92 72.76 -22.29
C ASP E 175 52.70 71.26 -22.02
N PRO E 176 51.49 70.89 -21.53
CA PRO E 176 51.19 69.48 -21.34
C PRO E 176 51.07 68.72 -22.66
N GLN E 177 50.50 69.37 -23.69
CA GLN E 177 50.42 68.82 -25.04
C GLN E 177 50.82 69.86 -26.09
N PRO E 178 51.26 69.41 -27.27
CA PRO E 178 51.55 70.31 -28.38
C PRO E 178 50.31 70.67 -29.20
N LEU E 179 50.48 71.59 -30.14
CA LEU E 179 49.41 72.06 -31.02
C LEU E 179 49.62 71.49 -32.42
N LYS E 180 48.53 71.11 -33.10
CA LYS E 180 48.60 70.72 -34.51
C LYS E 180 48.80 71.96 -35.36
N GLU E 181 49.85 71.95 -36.19
CA GLU E 181 50.10 73.05 -37.13
C GLU E 181 49.01 73.14 -38.20
N GLN E 182 48.46 71.99 -38.60
CA GLN E 182 47.35 71.92 -39.56
C GLN E 182 46.28 70.94 -39.02
N PRO E 183 45.41 71.42 -38.10
CA PRO E 183 44.43 70.58 -37.39
C PRO E 183 43.48 69.73 -38.25
N ALA E 184 43.19 70.18 -39.48
CA ALA E 184 42.34 69.41 -40.40
C ALA E 184 42.92 68.04 -40.75
N LEU E 185 44.22 67.99 -41.03
CA LEU E 185 44.90 66.74 -41.42
C LEU E 185 45.12 65.80 -40.23
N ASN E 186 45.09 64.50 -40.53
CA ASN E 186 45.32 63.45 -39.52
C ASN E 186 46.81 63.31 -39.18
N ASP E 187 47.65 63.36 -40.21
CA ASP E 187 49.12 63.24 -40.07
C ASP E 187 49.82 64.60 -39.88
N SER E 188 49.21 65.49 -39.10
CA SER E 188 49.67 66.87 -38.96
C SER E 188 50.92 66.95 -38.08
N ARG E 189 51.80 67.89 -38.41
CA ARG E 189 52.96 68.20 -37.56
C ARG E 189 52.52 68.87 -36.26
N TYR E 190 53.44 68.92 -35.30
CA TYR E 190 53.17 69.43 -33.96
C TYR E 190 54.05 70.64 -33.61
N ALA E 191 53.63 71.38 -32.59
CA ALA E 191 54.38 72.54 -32.08
C ALA E 191 54.21 72.68 -30.56
N LEU E 192 55.32 72.86 -29.86
CA LEU E 192 55.36 72.90 -28.39
C LEU E 192 56.04 74.19 -27.93
N SER E 193 55.53 74.77 -26.83
CA SER E 193 56.10 75.99 -26.26
C SER E 193 56.49 75.78 -24.81
N SER E 194 57.49 76.56 -24.36
CA SER E 194 57.97 76.54 -22.98
C SER E 194 58.40 77.93 -22.56
N ARG E 195 58.36 78.19 -21.26
CA ARG E 195 58.68 79.50 -20.69
C ARG E 195 59.66 79.32 -19.52
N LEU E 196 60.77 80.06 -19.56
CA LEU E 196 61.72 80.10 -18.43
C LEU E 196 61.73 81.52 -17.87
N ARG E 197 61.24 81.67 -16.63
CA ARG E 197 61.17 82.97 -15.98
C ARG E 197 62.23 83.12 -14.89
N VAL E 198 62.96 84.24 -14.93
CA VAL E 198 64.00 84.57 -13.95
C VAL E 198 63.87 86.04 -13.56
N SER E 199 64.68 86.49 -12.60
CA SER E 199 64.73 87.90 -12.20
C SER E 199 65.33 88.79 -13.29
N ALA E 200 65.02 90.08 -13.24
CA ALA E 200 65.58 91.06 -14.17
C ALA E 200 67.10 91.15 -14.06
N THR E 201 67.62 91.11 -12.83
CA THR E 201 69.07 91.16 -12.57
C THR E 201 69.83 89.99 -13.19
N PHE E 202 69.22 88.80 -13.17
CA PHE E 202 69.85 87.59 -13.69
C PHE E 202 69.93 87.58 -15.22
N TRP E 203 68.89 88.06 -15.89
CA TRP E 203 68.90 88.21 -17.35
C TRP E 203 69.89 89.28 -17.82
N GLN E 204 69.87 90.44 -17.15
CA GLN E 204 70.72 91.58 -17.54
C GLN E 204 72.23 91.34 -17.44
N ASP E 205 72.64 90.38 -16.59
CA ASP E 205 74.05 89.98 -16.47
C ASP E 205 74.50 89.22 -17.73
N PRO E 206 75.51 89.73 -18.46
CA PRO E 206 76.01 89.00 -19.64
C PRO E 206 76.74 87.67 -19.37
N ARG E 207 77.14 87.42 -18.12
CA ARG E 207 77.75 86.15 -17.71
C ARG E 207 76.88 84.92 -17.99
N ASN E 208 75.57 85.06 -17.77
CA ASN E 208 74.65 83.92 -17.84
C ASN E 208 74.34 83.49 -19.28
N HIS E 209 74.30 82.17 -19.47
CA HIS E 209 74.08 81.55 -20.78
C HIS E 209 72.87 80.62 -20.72
N PHE E 210 71.81 80.98 -21.45
CA PHE E 210 70.56 80.22 -21.49
C PHE E 210 70.52 79.34 -22.74
N ARG E 211 69.88 78.18 -22.62
CA ARG E 211 69.74 77.25 -23.75
C ARG E 211 68.48 76.39 -23.62
N CYS E 212 67.70 76.34 -24.69
CA CYS E 212 66.53 75.46 -24.79
C CYS E 212 66.92 74.21 -25.56
N GLN E 213 67.04 73.08 -24.86
CA GLN E 213 67.38 71.78 -25.45
C GLN E 213 66.10 70.99 -25.69
N VAL E 214 66.02 70.33 -26.85
CA VAL E 214 64.85 69.52 -27.23
C VAL E 214 65.29 68.16 -27.80
N GLN E 215 65.16 67.10 -27.01
CA GLN E 215 65.44 65.74 -27.47
C GLN E 215 64.25 65.26 -28.30
N PHE E 216 64.54 64.80 -29.52
CA PHE E 216 63.54 64.26 -30.43
C PHE E 216 63.87 62.78 -30.65
N TYR E 217 62.83 61.95 -30.76
CA TYR E 217 62.98 60.52 -31.09
C TYR E 217 62.23 60.24 -32.38
N GLY E 218 62.99 59.89 -33.42
CA GLY E 218 62.42 59.60 -34.74
C GLY E 218 62.77 58.20 -35.17
N LEU E 219 63.47 58.09 -36.31
CA LEU E 219 63.82 56.81 -36.90
C LEU E 219 65.12 56.27 -36.30
N SER E 220 65.26 54.94 -36.29
CA SER E 220 66.49 54.29 -35.83
C SER E 220 67.47 54.19 -36.99
N GLU E 221 68.65 53.64 -36.72
CA GLU E 221 69.69 53.48 -37.74
C GLU E 221 69.33 52.44 -38.81
N ASN E 222 68.49 51.47 -38.46
CA ASN E 222 68.09 50.39 -39.38
C ASN E 222 66.90 50.74 -40.30
N ASP E 223 66.14 51.80 -39.99
CA ASP E 223 65.05 52.25 -40.87
C ASP E 223 65.61 52.77 -42.19
N GLU E 224 64.98 52.36 -43.30
CA GLU E 224 65.41 52.78 -44.63
C GLU E 224 65.00 54.22 -44.93
N TRP E 225 65.81 54.90 -45.71
CA TRP E 225 65.57 56.30 -46.08
C TRP E 225 66.03 56.54 -47.53
N THR E 226 65.06 56.84 -48.39
CA THR E 226 65.30 57.08 -49.82
C THR E 226 65.28 58.56 -50.23
N GLN E 227 64.62 59.41 -49.45
CA GLN E 227 64.43 60.83 -49.82
C GLN E 227 65.71 61.67 -49.71
N ASP E 228 65.69 62.81 -50.41
CA ASP E 228 66.88 63.67 -50.58
C ASP E 228 67.29 64.43 -49.32
N ARG E 229 66.30 64.88 -48.54
CA ARG E 229 66.59 65.59 -47.28
C ARG E 229 67.20 64.65 -46.24
N ALA E 230 67.67 65.22 -45.14
CA ALA E 230 68.36 64.45 -44.09
C ALA E 230 67.42 63.45 -43.44
N LYS E 231 68.00 62.35 -42.96
CA LYS E 231 67.24 61.29 -42.31
C LYS E 231 66.76 61.80 -40.95
N PRO E 232 65.42 61.78 -40.71
CA PRO E 232 64.87 62.32 -39.45
C PRO E 232 65.03 61.33 -38.29
N VAL E 233 66.27 61.24 -37.79
CA VAL E 233 66.63 60.29 -36.73
C VAL E 233 66.46 60.90 -35.35
N THR E 234 66.70 60.10 -34.32
CA THR E 234 66.71 60.56 -32.94
C THR E 234 67.87 61.54 -32.73
N GLN E 235 67.56 62.72 -32.21
CA GLN E 235 68.54 63.82 -32.16
C GLN E 235 68.16 64.93 -31.19
N ILE E 236 69.17 65.65 -30.71
CA ILE E 236 68.98 66.83 -29.86
C ILE E 236 69.15 68.08 -30.73
N VAL E 237 68.10 68.90 -30.79
CA VAL E 237 68.13 70.20 -31.48
C VAL E 237 68.05 71.29 -30.42
N SER E 238 69.07 72.14 -30.36
CA SER E 238 69.19 73.17 -29.32
C SER E 238 69.08 74.58 -29.91
N ALA E 239 68.86 75.54 -29.01
CA ALA E 239 68.86 76.96 -29.35
C ALA E 239 69.20 77.77 -28.10
N GLU E 240 70.00 78.82 -28.27
CA GLU E 240 70.62 79.54 -27.15
C GLU E 240 70.52 81.06 -27.28
N ALA E 241 70.76 81.74 -26.16
CA ALA E 241 70.73 83.21 -26.10
C ALA E 241 71.43 83.72 -24.83
N TRP E 242 72.47 84.53 -25.00
CA TRP E 242 73.23 85.09 -23.88
C TRP E 242 72.53 86.30 -23.28
N GLY E 243 73.01 86.73 -22.11
CA GLY E 243 72.51 87.93 -21.44
C GLY E 243 72.95 89.23 -22.11
N ARG E 244 72.26 90.32 -21.79
CA ARG E 244 72.54 91.63 -22.39
C ARG E 244 71.92 92.77 -21.56
N ALA E 245 72.56 93.95 -21.61
CA ALA E 245 72.08 95.14 -20.89
C ALA E 245 72.21 96.37 -21.77
N GLY F 2 -7.27 -8.42 -0.65
CA GLY F 2 -8.55 -7.65 -0.75
C GLY F 2 -9.62 -8.40 -1.52
N SER F 3 -9.64 -8.19 -2.84
CA SER F 3 -10.65 -8.81 -3.72
C SER F 3 -10.30 -10.27 -4.03
N HIS F 4 -11.32 -11.10 -4.13
CA HIS F 4 -11.18 -12.53 -4.45
C HIS F 4 -12.21 -12.95 -5.50
N SER F 5 -12.07 -14.16 -6.02
CA SER F 5 -12.96 -14.67 -7.07
C SER F 5 -12.90 -16.19 -7.22
N MET F 6 -14.03 -16.78 -7.60
CA MET F 6 -14.13 -18.19 -7.98
C MET F 6 -14.53 -18.26 -9.45
N ARG F 7 -13.94 -19.23 -10.17
CA ARG F 7 -14.26 -19.47 -11.59
C ARG F 7 -14.16 -20.94 -11.92
N TYR F 8 -14.92 -21.37 -12.94
CA TYR F 8 -14.87 -22.74 -13.47
C TYR F 8 -14.61 -22.68 -14.98
N PHE F 9 -13.64 -23.46 -15.45
CA PHE F 9 -13.26 -23.50 -16.86
C PHE F 9 -13.53 -24.88 -17.45
N PHE F 10 -14.32 -24.92 -18.53
CA PHE F 10 -14.68 -26.18 -19.18
C PHE F 10 -14.17 -26.16 -20.62
N THR F 11 -13.66 -27.30 -21.07
CA THR F 11 -13.18 -27.48 -22.44
C THR F 11 -13.73 -28.80 -22.97
N SER F 12 -14.17 -28.80 -24.23
CA SER F 12 -14.75 -29.99 -24.85
C SER F 12 -14.32 -30.09 -26.32
N VAL F 13 -13.67 -31.20 -26.68
CA VAL F 13 -13.10 -31.39 -28.02
C VAL F 13 -13.57 -32.73 -28.61
N SER F 14 -14.15 -32.68 -29.81
CA SER F 14 -14.66 -33.88 -30.48
C SER F 14 -13.53 -34.68 -31.13
N ARG F 15 -13.73 -36.00 -31.20
CA ARG F 15 -12.79 -36.93 -31.85
C ARG F 15 -13.60 -37.94 -32.68
N PRO F 16 -14.11 -37.51 -33.86
CA PRO F 16 -15.03 -38.36 -34.65
C PRO F 16 -14.44 -39.71 -35.05
N GLY F 17 -15.18 -40.79 -34.72
CA GLY F 17 -14.71 -42.16 -34.98
C GLY F 17 -13.56 -42.62 -34.10
N ARG F 18 -13.39 -42.00 -32.93
CA ARG F 18 -12.36 -42.38 -31.95
C ARG F 18 -12.93 -42.22 -30.54
N GLY F 19 -14.10 -42.81 -30.31
CA GLY F 19 -14.83 -42.67 -29.06
C GLY F 19 -15.60 -41.35 -28.99
N GLU F 20 -15.94 -40.95 -27.76
CA GLU F 20 -16.69 -39.71 -27.52
C GLU F 20 -15.76 -38.50 -27.46
N PRO F 21 -16.32 -37.28 -27.45
CA PRO F 21 -15.50 -36.08 -27.25
C PRO F 21 -14.77 -36.03 -25.89
N ARG F 22 -13.53 -35.54 -25.91
CA ARG F 22 -12.73 -35.32 -24.70
C ARG F 22 -13.32 -34.14 -23.93
N PHE F 23 -13.54 -34.32 -22.63
CA PHE F 23 -14.09 -33.28 -21.77
C PHE F 23 -13.20 -33.08 -20.54
N ILE F 24 -12.72 -31.85 -20.37
CA ILE F 24 -11.91 -31.46 -19.21
C ILE F 24 -12.56 -30.27 -18.51
N ALA F 25 -12.65 -30.34 -17.19
CA ALA F 25 -13.23 -29.28 -16.37
C ALA F 25 -12.35 -29.01 -15.15
N VAL F 26 -12.16 -27.74 -14.81
CA VAL F 26 -11.32 -27.33 -13.67
C VAL F 26 -11.93 -26.11 -12.95
N GLY F 27 -11.67 -26.01 -11.65
CA GLY F 27 -12.16 -24.92 -10.81
C GLY F 27 -11.02 -24.19 -10.11
N TYR F 28 -11.10 -22.86 -10.10
CA TYR F 28 -10.08 -22.00 -9.49
C TYR F 28 -10.68 -21.09 -8.41
N VAL F 29 -9.85 -20.74 -7.43
CA VAL F 29 -10.13 -19.66 -6.49
C VAL F 29 -8.92 -18.73 -6.53
N ASP F 30 -9.14 -17.48 -6.95
CA ASP F 30 -8.07 -16.51 -7.20
C ASP F 30 -7.09 -17.02 -8.29
N ASP F 31 -5.96 -17.59 -7.90
CA ASP F 31 -5.01 -18.22 -8.83
C ASP F 31 -4.59 -19.62 -8.32
N THR F 32 -5.50 -20.30 -7.63
CA THR F 32 -5.23 -21.59 -7.00
C THR F 32 -6.29 -22.60 -7.43
N GLN F 33 -5.86 -23.62 -8.18
CA GLN F 33 -6.77 -24.69 -8.63
C GLN F 33 -7.14 -25.59 -7.46
N PHE F 34 -8.40 -26.02 -7.40
CA PHE F 34 -8.90 -26.87 -6.30
C PHE F 34 -9.71 -28.13 -6.69
N VAL F 35 -10.27 -28.18 -7.89
CA VAL F 35 -10.96 -29.38 -8.40
C VAL F 35 -10.67 -29.63 -9.88
N ARG F 36 -10.87 -30.87 -10.31
CA ARG F 36 -10.78 -31.23 -11.73
C ARG F 36 -11.63 -32.43 -12.10
N PHE F 37 -11.95 -32.53 -13.38
CA PHE F 37 -12.62 -33.71 -13.96
C PHE F 37 -12.04 -33.99 -15.34
N ASP F 38 -11.94 -35.28 -15.68
CA ASP F 38 -11.44 -35.72 -16.99
C ASP F 38 -12.14 -37.00 -17.41
N SER F 39 -12.75 -36.98 -18.60
CA SER F 39 -13.51 -38.13 -19.11
C SER F 39 -12.62 -39.34 -19.46
N ASP F 40 -11.39 -39.07 -19.90
CA ASP F 40 -10.42 -40.13 -20.16
C ASP F 40 -9.86 -40.79 -18.89
N ALA F 41 -9.87 -40.05 -17.77
CA ALA F 41 -9.38 -40.58 -16.49
C ALA F 41 -10.27 -41.72 -15.98
N ALA F 42 -9.65 -42.65 -15.27
CA ALA F 42 -10.31 -43.87 -14.82
C ALA F 42 -11.36 -43.65 -13.74
N SER F 43 -11.07 -42.74 -12.80
CA SER F 43 -11.93 -42.45 -11.65
C SER F 43 -13.37 -42.09 -12.00
N GLN F 44 -13.54 -41.30 -13.07
CA GLN F 44 -14.85 -40.75 -13.47
C GLN F 44 -15.53 -40.01 -12.32
N ARG F 45 -14.74 -39.17 -11.64
CA ARG F 45 -15.20 -38.38 -10.50
C ARG F 45 -14.50 -37.03 -10.45
N MET F 46 -15.14 -36.06 -9.80
CA MET F 46 -14.55 -34.76 -9.55
C MET F 46 -13.48 -34.93 -8.47
N GLU F 47 -12.22 -34.99 -8.89
CA GLU F 47 -11.10 -35.27 -8.00
C GLU F 47 -10.57 -33.99 -7.34
N PRO F 48 -9.98 -34.11 -6.13
CA PRO F 48 -9.40 -32.95 -5.45
C PRO F 48 -8.04 -32.57 -6.03
N ARG F 49 -7.72 -31.27 -5.95
CA ARG F 49 -6.43 -30.73 -6.38
C ARG F 49 -5.92 -29.65 -5.40
N ALA F 50 -6.11 -29.88 -4.11
CA ALA F 50 -5.69 -28.96 -3.06
C ALA F 50 -5.80 -29.64 -1.68
N PRO F 51 -5.03 -29.14 -0.69
CA PRO F 51 -5.11 -29.71 0.67
C PRO F 51 -6.39 -29.34 1.44
N TRP F 52 -6.86 -28.11 1.24
CA TRP F 52 -8.00 -27.56 2.01
C TRP F 52 -9.38 -28.05 1.56
N ILE F 53 -9.53 -28.40 0.28
CA ILE F 53 -10.80 -28.95 -0.24
C ILE F 53 -11.09 -30.38 0.24
N GLU F 54 -10.04 -31.13 0.61
CA GLU F 54 -10.18 -32.54 1.03
C GLU F 54 -11.02 -32.77 2.29
N GLN F 55 -11.20 -31.74 3.12
CA GLN F 55 -12.07 -31.81 4.31
C GLN F 55 -13.58 -31.94 4.00
N GLU F 56 -13.98 -31.70 2.76
CA GLU F 56 -15.38 -31.86 2.32
C GLU F 56 -15.81 -33.33 2.39
N GLY F 57 -17.03 -33.56 2.88
CA GLY F 57 -17.55 -34.91 3.11
C GLY F 57 -17.91 -35.68 1.85
N PRO F 58 -18.52 -36.87 2.00
CA PRO F 58 -18.97 -37.67 0.85
C PRO F 58 -20.06 -37.00 0.00
N GLU F 59 -20.94 -36.23 0.65
CA GLU F 59 -22.05 -35.56 -0.05
C GLU F 59 -21.60 -34.49 -1.06
N TYR F 60 -20.52 -33.78 -0.74
CA TYR F 60 -19.95 -32.78 -1.66
C TYR F 60 -19.40 -33.43 -2.93
N TRP F 61 -18.59 -34.49 -2.77
CA TRP F 61 -17.93 -35.15 -3.91
C TRP F 61 -18.91 -35.88 -4.83
N ASP F 62 -19.94 -36.48 -4.26
CA ASP F 62 -21.00 -37.13 -5.04
C ASP F 62 -21.80 -36.11 -5.86
N GLY F 63 -22.16 -34.99 -5.24
CA GLY F 63 -22.92 -33.92 -5.90
C GLY F 63 -22.16 -33.24 -7.03
N GLU F 64 -20.88 -32.94 -6.80
CA GLU F 64 -20.03 -32.32 -7.82
C GLU F 64 -19.74 -33.24 -9.00
N THR F 65 -19.70 -34.55 -8.77
CA THR F 65 -19.57 -35.53 -9.85
C THR F 65 -20.83 -35.61 -10.70
N ARG F 66 -22.00 -35.55 -10.06
CA ARG F 66 -23.29 -35.54 -10.76
C ARG F 66 -23.49 -34.29 -11.63
N LYS F 67 -23.06 -33.14 -11.11
CA LYS F 67 -23.17 -31.87 -11.83
C LYS F 67 -22.22 -31.79 -13.03
N VAL F 68 -20.96 -32.17 -12.82
CA VAL F 68 -19.93 -32.12 -13.88
C VAL F 68 -20.14 -33.14 -14.99
N LYS F 69 -20.73 -34.30 -14.67
CA LYS F 69 -21.14 -35.28 -15.69
C LYS F 69 -22.31 -34.77 -16.54
N ALA F 70 -23.18 -33.97 -15.94
CA ALA F 70 -24.28 -33.32 -16.67
C ALA F 70 -23.74 -32.25 -17.64
N HIS F 71 -22.68 -31.55 -17.25
CA HIS F 71 -21.96 -30.64 -18.14
C HIS F 71 -21.37 -31.43 -19.32
N SER F 72 -20.65 -32.50 -18.99
CA SER F 72 -19.96 -33.35 -19.98
C SER F 72 -20.90 -33.83 -21.09
N GLN F 73 -22.09 -34.28 -20.71
CA GLN F 73 -23.10 -34.78 -21.65
C GLN F 73 -23.78 -33.64 -22.42
N THR F 74 -23.99 -32.50 -21.75
CA THR F 74 -24.59 -31.32 -22.38
C THR F 74 -23.70 -30.71 -23.46
N HIS F 75 -22.41 -30.56 -23.14
CA HIS F 75 -21.45 -30.00 -24.09
C HIS F 75 -21.13 -30.95 -25.26
N ARG F 76 -21.38 -32.25 -25.08
CA ARG F 76 -21.32 -33.22 -26.18
C ARG F 76 -22.43 -32.95 -27.21
N VAL F 77 -23.63 -32.62 -26.72
CA VAL F 77 -24.75 -32.24 -27.59
C VAL F 77 -24.49 -30.87 -28.24
N ASP F 78 -23.85 -29.96 -27.51
CA ASP F 78 -23.47 -28.65 -28.03
C ASP F 78 -22.49 -28.73 -29.21
N LEU F 79 -21.54 -29.67 -29.14
CA LEU F 79 -20.64 -29.95 -30.28
C LEU F 79 -21.42 -30.39 -31.51
N GLY F 80 -22.34 -31.34 -31.33
CA GLY F 80 -23.22 -31.80 -32.40
C GLY F 80 -24.19 -30.75 -32.90
N THR F 81 -24.69 -29.92 -31.99
CA THR F 81 -25.62 -28.84 -32.34
C THR F 81 -24.93 -27.73 -33.14
N LEU F 82 -23.78 -27.27 -32.62
CA LEU F 82 -23.00 -26.21 -33.27
C LEU F 82 -22.48 -26.61 -34.66
N ARG F 83 -22.19 -27.89 -34.85
CA ARG F 83 -21.78 -28.42 -36.17
C ARG F 83 -22.88 -28.19 -37.22
N GLY F 84 -24.14 -28.45 -36.83
CA GLY F 84 -25.29 -28.19 -37.70
C GLY F 84 -25.55 -26.71 -37.95
N TYR F 85 -25.31 -25.88 -36.93
CA TYR F 85 -25.48 -24.43 -37.03
C TYR F 85 -24.53 -23.82 -38.05
N TYR F 86 -23.24 -24.09 -37.89
CA TYR F 86 -22.19 -23.63 -38.82
C TYR F 86 -22.06 -24.48 -40.09
N ASN F 87 -22.71 -25.64 -40.12
CA ASN F 87 -22.83 -26.50 -41.31
C ASN F 87 -21.46 -27.07 -41.71
N GLN F 88 -20.86 -27.81 -40.76
CA GLN F 88 -19.52 -28.37 -40.91
C GLN F 88 -19.55 -29.89 -41.03
N SER F 89 -18.44 -30.46 -41.48
CA SER F 89 -18.33 -31.91 -41.72
C SER F 89 -18.29 -32.71 -40.40
N GLU F 90 -18.81 -33.94 -40.45
CA GLU F 90 -18.84 -34.84 -39.29
C GLU F 90 -17.45 -35.27 -38.84
N ALA F 91 -16.57 -35.53 -39.79
CA ALA F 91 -15.20 -35.96 -39.50
C ALA F 91 -14.28 -34.84 -38.97
N GLY F 92 -14.67 -33.58 -39.15
CA GLY F 92 -13.89 -32.45 -38.64
C GLY F 92 -13.98 -32.28 -37.13
N SER F 93 -12.81 -32.17 -36.49
CA SER F 93 -12.72 -31.95 -35.04
C SER F 93 -12.91 -30.48 -34.70
N HIS F 94 -13.66 -30.20 -33.62
CA HIS F 94 -13.96 -28.83 -33.18
C HIS F 94 -13.87 -28.71 -31.65
N THR F 95 -13.78 -27.47 -31.17
CA THR F 95 -13.52 -27.17 -29.76
C THR F 95 -14.61 -26.27 -29.16
N VAL F 96 -15.20 -26.70 -28.04
CA VAL F 96 -16.19 -25.92 -27.29
C VAL F 96 -15.61 -25.57 -25.92
N GLN F 97 -15.51 -24.28 -25.65
CA GLN F 97 -15.00 -23.78 -24.36
C GLN F 97 -16.10 -23.02 -23.62
N ARG F 98 -16.00 -23.00 -22.29
CA ARG F 98 -16.97 -22.32 -21.44
C ARG F 98 -16.32 -21.86 -20.13
N MET F 99 -16.74 -20.68 -19.66
CA MET F 99 -16.28 -20.13 -18.39
C MET F 99 -17.41 -19.39 -17.69
N TYR F 100 -17.59 -19.66 -16.39
CA TYR F 100 -18.44 -18.84 -15.54
C TYR F 100 -17.87 -18.74 -14.13
N GLY F 101 -18.31 -17.71 -13.40
CA GLY F 101 -17.82 -17.45 -12.05
C GLY F 101 -18.24 -16.09 -11.53
N CYS F 102 -17.76 -15.76 -10.32
CA CYS F 102 -18.12 -14.53 -9.62
C CYS F 102 -16.92 -13.91 -8.90
N ASP F 103 -16.96 -12.58 -8.76
CA ASP F 103 -15.93 -11.81 -8.04
C ASP F 103 -16.51 -11.23 -6.76
N VAL F 104 -15.63 -11.01 -5.77
CA VAL F 104 -15.98 -10.31 -4.53
C VAL F 104 -14.88 -9.33 -4.13
N GLY F 105 -15.25 -8.31 -3.34
CA GLY F 105 -14.31 -7.28 -2.90
C GLY F 105 -13.64 -7.61 -1.58
N SER F 106 -13.16 -6.58 -0.88
CA SER F 106 -12.58 -6.73 0.45
C SER F 106 -13.63 -7.12 1.50
N ASP F 107 -14.85 -6.61 1.34
CA ASP F 107 -15.98 -6.96 2.22
C ASP F 107 -16.63 -8.33 1.94
N TRP F 108 -16.16 -9.05 0.92
CA TRP F 108 -16.67 -10.39 0.53
C TRP F 108 -18.12 -10.37 0.00
N ARG F 109 -18.55 -9.21 -0.52
CA ARG F 109 -19.89 -9.06 -1.10
C ARG F 109 -19.81 -9.22 -2.62
N PHE F 110 -20.98 -9.40 -3.25
CA PHE F 110 -21.07 -9.59 -4.70
C PHE F 110 -20.58 -8.35 -5.48
N LEU F 111 -19.43 -8.49 -6.14
CA LEU F 111 -18.87 -7.41 -6.96
C LEU F 111 -19.45 -7.47 -8.36
N ARG F 112 -19.27 -8.61 -9.03
CA ARG F 112 -19.84 -8.86 -10.37
C ARG F 112 -19.81 -10.35 -10.72
N GLY F 113 -20.44 -10.70 -11.84
CA GLY F 113 -20.45 -12.07 -12.36
C GLY F 113 -20.35 -12.13 -13.87
N TYR F 114 -20.06 -13.31 -14.39
CA TYR F 114 -19.98 -13.54 -15.83
C TYR F 114 -20.19 -15.01 -16.21
N HIS F 115 -20.51 -15.23 -17.48
CA HIS F 115 -20.86 -16.55 -18.01
C HIS F 115 -20.74 -16.51 -19.55
N GLN F 116 -19.69 -17.14 -20.07
CA GLN F 116 -19.29 -16.98 -21.48
C GLN F 116 -18.96 -18.30 -22.16
N TYR F 117 -19.12 -18.32 -23.49
CA TYR F 117 -18.86 -19.50 -24.32
C TYR F 117 -17.89 -19.15 -25.45
N ALA F 118 -17.36 -20.19 -26.11
CA ALA F 118 -16.48 -20.02 -27.27
C ALA F 118 -16.44 -21.29 -28.13
N TYR F 119 -16.50 -21.11 -29.45
CA TYR F 119 -16.45 -22.21 -30.41
C TYR F 119 -15.31 -21.98 -31.39
N ASP F 120 -14.33 -22.90 -31.38
CA ASP F 120 -13.13 -22.81 -32.21
C ASP F 120 -12.33 -21.52 -31.99
N GLY F 121 -12.18 -21.13 -30.73
CA GLY F 121 -11.34 -19.98 -30.34
C GLY F 121 -12.06 -18.64 -30.20
N LYS F 122 -12.95 -18.34 -31.15
CA LYS F 122 -13.69 -17.06 -31.14
C LYS F 122 -14.81 -17.06 -30.10
N ASP F 123 -15.30 -15.86 -29.79
CA ASP F 123 -16.44 -15.67 -28.88
C ASP F 123 -17.72 -16.14 -29.55
N TYR F 124 -18.49 -16.99 -28.86
CA TYR F 124 -19.79 -17.45 -29.36
C TYR F 124 -20.90 -16.63 -28.73
N ILE F 125 -21.09 -16.77 -27.41
CA ILE F 125 -22.11 -16.02 -26.67
C ILE F 125 -21.63 -15.73 -25.25
N ALA F 126 -22.03 -14.56 -24.73
CA ALA F 126 -21.56 -14.08 -23.43
C ALA F 126 -22.69 -13.35 -22.69
N LEU F 127 -22.84 -13.67 -21.40
CA LEU F 127 -23.81 -12.98 -20.55
C LEU F 127 -23.24 -11.62 -20.16
N LYS F 128 -24.03 -10.55 -20.39
CA LYS F 128 -23.59 -9.18 -20.08
C LYS F 128 -23.52 -8.92 -18.58
N GLU F 129 -22.89 -7.81 -18.21
CA GLU F 129 -22.63 -7.48 -16.80
C GLU F 129 -23.88 -7.32 -15.94
N ASP F 130 -24.97 -6.84 -16.55
CA ASP F 130 -26.27 -6.71 -15.85
C ASP F 130 -26.96 -8.05 -15.56
N LEU F 131 -26.53 -9.13 -16.23
CA LEU F 131 -27.04 -10.50 -16.02
C LEU F 131 -28.52 -10.68 -16.41
N ARG F 132 -28.98 -9.89 -17.38
CA ARG F 132 -30.34 -10.00 -17.92
C ARG F 132 -30.39 -9.94 -19.47
N SER F 133 -29.24 -10.14 -20.12
CA SER F 133 -29.15 -10.00 -21.58
C SER F 133 -27.85 -10.61 -22.12
N TRP F 134 -27.87 -10.96 -23.41
CA TRP F 134 -26.79 -11.72 -24.05
C TRP F 134 -26.13 -10.95 -25.20
N THR F 135 -24.85 -11.24 -25.45
CA THR F 135 -24.09 -10.65 -26.55
C THR F 135 -23.87 -11.70 -27.63
N ALA F 136 -24.57 -11.55 -28.76
CA ALA F 136 -24.50 -12.50 -29.88
C ALA F 136 -23.39 -12.09 -30.86
N ALA F 137 -22.49 -13.02 -31.16
CA ALA F 137 -21.39 -12.79 -32.11
C ALA F 137 -21.85 -12.78 -33.56
N ASP F 138 -22.65 -13.78 -33.95
CA ASP F 138 -23.03 -13.99 -35.36
C ASP F 138 -24.39 -14.69 -35.51
N MET F 139 -24.77 -14.99 -36.75
CA MET F 139 -25.97 -15.78 -37.09
C MET F 139 -26.27 -16.96 -36.16
N ALA F 140 -25.23 -17.73 -35.84
CA ALA F 140 -25.35 -18.91 -35.00
C ALA F 140 -25.69 -18.57 -33.53
N ALA F 141 -25.02 -17.55 -32.99
CA ALA F 141 -25.21 -17.16 -31.58
C ALA F 141 -26.59 -16.57 -31.29
N GLN F 142 -27.17 -15.89 -32.28
CA GLN F 142 -28.52 -15.33 -32.14
C GLN F 142 -29.60 -16.41 -32.03
N THR F 143 -29.37 -17.57 -32.66
CA THR F 143 -30.25 -18.73 -32.54
C THR F 143 -30.29 -19.25 -31.10
N THR F 144 -29.10 -19.38 -30.49
CA THR F 144 -28.98 -19.79 -29.08
C THR F 144 -29.49 -18.70 -28.11
N LYS F 145 -29.33 -17.43 -28.49
CA LYS F 145 -29.85 -16.31 -27.72
C LYS F 145 -31.38 -16.34 -27.61
N HIS F 146 -32.05 -16.52 -28.77
CA HIS F 146 -33.52 -16.55 -28.81
C HIS F 146 -34.12 -17.74 -28.04
N LYS F 147 -33.42 -18.87 -28.01
CA LYS F 147 -33.82 -20.02 -27.18
C LYS F 147 -33.65 -19.73 -25.70
N TRP F 148 -32.49 -19.17 -25.34
CA TRP F 148 -32.16 -18.87 -23.94
C TRP F 148 -32.91 -17.63 -23.39
N GLU F 149 -33.31 -16.72 -24.27
CA GLU F 149 -34.21 -15.63 -23.90
C GLU F 149 -35.64 -16.14 -23.69
N ALA F 150 -36.08 -17.06 -24.55
CA ALA F 150 -37.39 -17.71 -24.41
C ALA F 150 -37.46 -18.62 -23.17
N ALA F 151 -36.33 -19.25 -22.83
CA ALA F 151 -36.23 -20.11 -21.64
C ALA F 151 -36.00 -19.37 -20.32
N HIS F 152 -35.68 -18.07 -20.39
CA HIS F 152 -35.36 -17.24 -19.22
C HIS F 152 -34.19 -17.82 -18.41
N VAL F 153 -33.07 -18.02 -19.10
CA VAL F 153 -31.86 -18.60 -18.51
C VAL F 153 -31.11 -17.55 -17.67
N ALA F 154 -31.11 -16.30 -18.13
CA ALA F 154 -30.46 -15.17 -17.44
C ALA F 154 -30.91 -14.99 -15.98
N GLU F 155 -32.20 -15.22 -15.72
CA GLU F 155 -32.75 -15.16 -14.36
C GLU F 155 -32.21 -16.28 -13.48
N GLN F 156 -32.09 -17.47 -14.06
CA GLN F 156 -31.57 -18.65 -13.36
C GLN F 156 -30.08 -18.51 -13.03
N LEU F 157 -29.29 -18.06 -14.01
CA LEU F 157 -27.85 -17.84 -13.82
C LEU F 157 -27.56 -16.72 -12.82
N ARG F 158 -28.32 -15.64 -12.91
CA ARG F 158 -28.20 -14.51 -11.95
C ARG F 158 -28.45 -14.94 -10.50
N ALA F 159 -29.32 -15.94 -10.31
CA ALA F 159 -29.57 -16.50 -8.99
C ALA F 159 -28.35 -17.25 -8.44
N TYR F 160 -27.68 -18.01 -9.31
CA TYR F 160 -26.44 -18.72 -8.93
C TYR F 160 -25.28 -17.77 -8.68
N LEU F 161 -25.03 -16.88 -9.65
CA LEU F 161 -23.85 -16.00 -9.64
C LEU F 161 -23.84 -15.01 -8.47
N GLU F 162 -25.02 -14.50 -8.10
CA GLU F 162 -25.15 -13.61 -6.94
C GLU F 162 -25.23 -14.39 -5.63
N GLY F 163 -26.08 -15.41 -5.59
CA GLY F 163 -26.36 -16.17 -4.38
C GLY F 163 -25.37 -17.29 -4.06
N THR F 164 -25.46 -18.37 -4.82
CA THR F 164 -24.75 -19.62 -4.52
C THR F 164 -23.24 -19.50 -4.71
N CYS F 165 -22.83 -18.91 -5.85
CA CYS F 165 -21.41 -18.72 -6.19
C CYS F 165 -20.63 -18.00 -5.09
N VAL F 166 -21.24 -16.94 -4.53
CA VAL F 166 -20.61 -16.12 -3.49
C VAL F 166 -20.57 -16.87 -2.16
N GLU F 167 -21.67 -17.54 -1.80
CA GLU F 167 -21.76 -18.31 -0.55
C GLU F 167 -20.72 -19.43 -0.45
N TRP F 168 -20.48 -20.14 -1.56
CA TRP F 168 -19.42 -21.15 -1.62
C TRP F 168 -18.02 -20.50 -1.63
N LEU F 169 -17.87 -19.40 -2.35
CA LEU F 169 -16.61 -18.64 -2.39
C LEU F 169 -16.22 -18.14 -0.99
N ARG F 170 -17.19 -17.59 -0.26
CA ARG F 170 -16.97 -17.21 1.15
C ARG F 170 -16.54 -18.40 2.01
N ARG F 171 -17.20 -19.54 1.80
CA ARG F 171 -16.93 -20.75 2.59
C ARG F 171 -15.58 -21.39 2.26
N TYR F 172 -15.21 -21.43 0.98
CA TYR F 172 -13.89 -21.96 0.57
C TYR F 172 -12.73 -21.12 1.11
N LEU F 173 -12.91 -19.80 1.14
CA LEU F 173 -11.89 -18.89 1.68
C LEU F 173 -11.58 -19.16 3.16
N GLU F 174 -12.62 -19.40 3.96
CA GLU F 174 -12.46 -19.70 5.39
C GLU F 174 -11.93 -21.12 5.64
N ASN F 175 -12.27 -22.07 4.76
CA ASN F 175 -11.73 -23.44 4.84
C ASN F 175 -10.23 -23.45 4.58
N GLY F 176 -9.84 -22.88 3.44
CA GLY F 176 -8.44 -22.76 3.03
C GLY F 176 -7.87 -21.39 3.32
N LYS F 177 -7.91 -21.00 4.59
CA LYS F 177 -7.43 -19.68 5.02
C LYS F 177 -5.91 -19.56 4.86
N GLU F 178 -5.19 -20.63 5.18
CA GLU F 178 -3.72 -20.66 5.11
C GLU F 178 -3.18 -20.63 3.67
N THR F 179 -3.91 -21.22 2.73
CA THR F 179 -3.50 -21.27 1.33
C THR F 179 -3.98 -20.06 0.54
N LEU F 180 -5.28 -19.77 0.61
CA LEU F 180 -5.90 -18.77 -0.27
C LEU F 180 -5.67 -17.32 0.17
N GLN F 181 -5.86 -17.05 1.46
CA GLN F 181 -5.74 -15.68 1.98
C GLN F 181 -4.31 -15.22 2.30
N ARG F 182 -3.31 -16.07 2.05
CA ARG F 182 -1.90 -15.68 2.24
C ARG F 182 -1.46 -14.65 1.20
N THR F 183 -0.30 -14.04 1.43
CA THR F 183 0.26 -13.03 0.53
C THR F 183 1.80 -13.08 0.54
N ASP F 184 2.36 -13.98 -0.27
CA ASP F 184 3.80 -14.20 -0.34
C ASP F 184 4.48 -13.09 -1.14
N ALA F 185 5.45 -12.41 -0.52
CA ALA F 185 6.20 -11.34 -1.17
C ALA F 185 7.26 -11.91 -2.13
N PRO F 186 7.60 -11.17 -3.22
CA PRO F 186 8.57 -11.67 -4.19
C PRO F 186 10.02 -11.52 -3.72
N LYS F 187 10.81 -12.59 -3.88
CA LYS F 187 12.24 -12.60 -3.52
C LYS F 187 13.07 -12.24 -4.76
N THR F 188 13.33 -10.94 -4.92
CA THR F 188 13.95 -10.39 -6.13
C THR F 188 15.47 -10.41 -6.08
N HIS F 189 16.11 -10.45 -7.25
CA HIS F 189 17.55 -10.25 -7.40
C HIS F 189 17.92 -9.87 -8.84
N MET F 190 18.94 -9.03 -9.00
CA MET F 190 19.37 -8.54 -10.32
C MET F 190 20.62 -9.29 -10.80
N THR F 191 20.73 -9.44 -12.12
CA THR F 191 21.88 -10.12 -12.76
C THR F 191 22.36 -9.36 -14.00
N HIS F 192 23.64 -9.54 -14.32
CA HIS F 192 24.31 -8.82 -15.41
C HIS F 192 24.90 -9.82 -16.42
N HIS F 193 24.71 -9.55 -17.70
CA HIS F 193 25.25 -10.38 -18.80
C HIS F 193 25.68 -9.50 -19.97
N ALA F 194 26.96 -9.52 -20.31
CA ALA F 194 27.50 -8.76 -21.44
C ALA F 194 27.17 -9.45 -22.76
N VAL F 195 26.58 -8.69 -23.70
CA VAL F 195 26.25 -9.18 -25.04
C VAL F 195 27.42 -8.97 -26.00
N SER F 196 28.09 -7.81 -25.87
CA SER F 196 29.23 -7.47 -26.73
C SER F 196 30.16 -6.46 -26.02
N ASP F 197 31.16 -5.95 -26.74
CA ASP F 197 32.04 -4.89 -26.23
C ASP F 197 31.27 -3.60 -25.89
N HIS F 198 30.23 -3.31 -26.68
CA HIS F 198 29.38 -2.13 -26.48
C HIS F 198 28.21 -2.41 -25.54
N GLU F 199 27.48 -3.48 -25.81
CA GLU F 199 26.18 -3.77 -25.18
C GLU F 199 26.27 -4.58 -23.88
N ALA F 200 25.18 -4.55 -23.10
CA ALA F 200 25.07 -5.31 -21.84
C ALA F 200 23.62 -5.42 -21.37
N THR F 201 23.25 -6.58 -20.82
CA THR F 201 21.86 -6.88 -20.39
C THR F 201 21.72 -6.90 -18.87
N LEU F 202 20.70 -6.20 -18.36
CA LEU F 202 20.37 -6.19 -16.93
C LEU F 202 18.98 -6.79 -16.70
N ARG F 203 18.94 -8.01 -16.16
CA ARG F 203 17.68 -8.73 -15.91
C ARG F 203 17.24 -8.58 -14.45
N CYS F 204 15.98 -8.22 -14.25
CA CYS F 204 15.39 -7.99 -12.93
C CYS F 204 14.39 -9.11 -12.61
N TRP F 205 14.78 -10.02 -11.71
CA TRP F 205 13.97 -11.19 -11.36
C TRP F 205 12.88 -10.89 -10.31
N ALA F 206 11.94 -11.83 -10.21
CA ALA F 206 10.94 -11.87 -9.13
C ALA F 206 10.47 -13.32 -8.98
N LEU F 207 10.79 -13.93 -7.84
CA LEU F 207 10.52 -15.36 -7.61
C LEU F 207 9.72 -15.60 -6.33
N SER F 208 8.92 -16.65 -6.35
CA SER F 208 8.14 -17.12 -5.18
C SER F 208 7.18 -16.06 -4.61
N PHE F 209 6.14 -15.72 -5.38
CA PHE F 209 5.11 -14.77 -4.96
C PHE F 209 3.70 -15.22 -5.33
N TYR F 210 2.71 -14.61 -4.68
CA TYR F 210 1.29 -14.94 -4.88
C TYR F 210 0.43 -13.80 -4.29
N PRO F 211 -0.58 -13.29 -5.00
CA PRO F 211 -1.05 -13.79 -6.31
C PRO F 211 -0.21 -13.36 -7.51
N ALA F 212 -0.63 -13.77 -8.70
CA ALA F 212 0.12 -13.51 -9.95
C ALA F 212 0.13 -12.04 -10.42
N GLU F 213 -0.74 -11.20 -9.85
CA GLU F 213 -0.77 -9.76 -10.17
C GLU F 213 0.53 -9.10 -9.71
N ILE F 214 1.38 -8.74 -10.69
CA ILE F 214 2.69 -8.13 -10.42
C ILE F 214 3.06 -7.17 -11.56
N THR F 215 3.80 -6.10 -11.22
CA THR F 215 4.22 -5.07 -12.18
C THR F 215 5.72 -4.84 -12.08
N LEU F 216 6.44 -5.09 -13.19
CA LEU F 216 7.87 -4.84 -13.29
C LEU F 216 8.13 -3.85 -14.42
N THR F 217 8.62 -2.66 -14.06
CA THR F 217 8.94 -1.61 -15.03
C THR F 217 10.30 -0.99 -14.74
N TRP F 218 11.00 -0.57 -15.80
CA TRP F 218 12.32 0.05 -15.71
C TRP F 218 12.23 1.56 -15.88
N GLN F 219 13.19 2.28 -15.27
CA GLN F 219 13.27 3.74 -15.33
C GLN F 219 14.72 4.18 -15.49
N ARG F 220 15.03 4.85 -16.61
CA ARG F 220 16.37 5.39 -16.84
C ARG F 220 16.53 6.72 -16.12
N ASP F 221 16.85 6.63 -14.82
CA ASP F 221 17.06 7.79 -13.96
C ASP F 221 15.83 8.70 -13.89
N GLY F 222 14.81 8.23 -13.15
CA GLY F 222 13.58 8.98 -12.92
C GLY F 222 12.45 8.65 -13.89
N GLU F 223 12.64 9.02 -15.16
CA GLU F 223 11.60 8.87 -16.19
C GLU F 223 11.45 7.41 -16.64
N ASP F 224 10.20 7.02 -16.93
CA ASP F 224 9.88 5.67 -17.40
C ASP F 224 10.41 5.44 -18.81
N GLN F 225 11.02 4.27 -19.02
CA GLN F 225 11.41 3.80 -20.35
C GLN F 225 10.95 2.36 -20.51
N THR F 226 9.62 2.19 -20.57
CA THR F 226 8.99 0.88 -20.72
C THR F 226 9.13 0.29 -22.14
N GLN F 227 9.56 1.12 -23.11
CA GLN F 227 10.00 0.63 -24.41
C GLN F 227 11.43 0.09 -24.29
N ASP F 228 11.76 -0.92 -25.10
CA ASP F 228 13.00 -1.70 -24.99
C ASP F 228 13.13 -2.42 -23.63
N THR F 229 12.01 -3.03 -23.18
CA THR F 229 11.97 -3.83 -21.95
C THR F 229 11.42 -5.21 -22.28
N GLU F 230 12.28 -6.24 -22.20
CA GLU F 230 11.91 -7.60 -22.58
C GLU F 230 11.12 -8.30 -21.47
N LEU F 231 9.80 -8.08 -21.46
CA LEU F 231 8.90 -8.74 -20.51
C LEU F 231 8.61 -10.18 -20.93
N VAL F 232 8.11 -10.96 -19.97
CA VAL F 232 7.61 -12.33 -20.23
C VAL F 232 6.33 -12.57 -19.43
N GLU F 233 5.57 -13.60 -19.80
CA GLU F 233 4.35 -13.96 -19.08
C GLU F 233 4.67 -14.36 -17.63
N THR F 234 3.76 -14.04 -16.72
CA THR F 234 3.90 -14.39 -15.31
C THR F 234 3.71 -15.90 -15.15
N ARG F 235 4.81 -16.63 -15.30
CA ARG F 235 4.79 -18.10 -15.32
C ARG F 235 4.62 -18.71 -13.91
N PRO F 236 4.03 -19.92 -13.81
CA PRO F 236 3.89 -20.62 -12.53
C PRO F 236 5.16 -21.39 -12.14
N ALA F 237 5.53 -21.34 -10.86
CA ALA F 237 6.69 -22.08 -10.36
C ALA F 237 6.43 -23.59 -10.30
N GLY F 238 5.19 -23.98 -10.00
CA GLY F 238 4.80 -25.38 -9.86
C GLY F 238 4.36 -25.75 -8.45
N ASP F 239 4.85 -25.01 -7.45
CA ASP F 239 4.54 -25.24 -6.05
C ASP F 239 3.64 -24.15 -5.46
N GLY F 240 2.70 -23.65 -6.28
CA GLY F 240 1.75 -22.61 -5.85
C GLY F 240 2.16 -21.20 -6.26
N THR F 241 3.42 -20.86 -6.04
CA THR F 241 3.93 -19.51 -6.31
C THR F 241 4.22 -19.28 -7.80
N PHE F 242 4.42 -18.01 -8.17
CA PHE F 242 4.68 -17.59 -9.55
C PHE F 242 6.06 -16.95 -9.72
N GLN F 243 6.46 -16.76 -10.98
CA GLN F 243 7.75 -16.16 -11.35
C GLN F 243 7.58 -15.16 -12.51
N LYS F 244 8.45 -14.16 -12.56
CA LYS F 244 8.46 -13.17 -13.66
C LYS F 244 9.77 -12.39 -13.67
N TRP F 245 10.19 -11.95 -14.86
CA TRP F 245 11.36 -11.05 -15.00
C TRP F 245 11.21 -10.07 -16.15
N ALA F 246 12.07 -9.04 -16.13
CA ALA F 246 12.13 -8.01 -17.18
C ALA F 246 13.59 -7.62 -17.42
N ALA F 247 14.00 -7.59 -18.69
CA ALA F 247 15.38 -7.29 -19.09
C ALA F 247 15.47 -6.04 -19.95
N VAL F 248 16.63 -5.35 -19.88
CA VAL F 248 16.88 -4.12 -20.65
C VAL F 248 18.32 -4.08 -21.17
N VAL F 249 18.50 -3.57 -22.39
CA VAL F 249 19.83 -3.43 -23.02
C VAL F 249 20.39 -2.05 -22.68
N VAL F 250 21.62 -2.03 -22.16
CA VAL F 250 22.27 -0.81 -21.66
C VAL F 250 23.72 -0.76 -22.18
N PRO F 251 24.27 0.46 -22.43
CA PRO F 251 25.71 0.57 -22.72
C PRO F 251 26.60 0.14 -21.55
N SER F 252 27.79 -0.37 -21.85
CA SER F 252 28.72 -0.84 -20.82
C SER F 252 29.25 0.33 -19.99
N GLY F 253 29.23 0.18 -18.67
CA GLY F 253 29.65 1.23 -17.74
C GLY F 253 28.61 2.28 -17.43
N GLN F 254 27.33 1.97 -17.65
CA GLN F 254 26.20 2.84 -17.26
C GLN F 254 25.03 2.01 -16.71
N GLU F 255 25.36 1.00 -15.90
CA GLU F 255 24.36 0.07 -15.35
C GLU F 255 23.59 0.67 -14.17
N GLN F 256 24.28 1.42 -13.32
CA GLN F 256 23.68 2.00 -12.11
C GLN F 256 22.81 3.25 -12.33
N ARG F 257 22.74 3.74 -13.57
CA ARG F 257 21.71 4.73 -13.96
C ARG F 257 20.30 4.13 -13.95
N TYR F 258 20.19 2.86 -14.30
CA TYR F 258 18.90 2.16 -14.42
C TYR F 258 18.50 1.52 -13.08
N THR F 259 17.20 1.52 -12.80
CA THR F 259 16.63 0.90 -11.58
C THR F 259 15.32 0.18 -11.89
N CYS F 260 15.16 -1.01 -11.33
CA CYS F 260 13.94 -1.82 -11.52
C CYS F 260 12.96 -1.56 -10.38
N HIS F 261 11.74 -1.14 -10.75
CA HIS F 261 10.65 -0.90 -9.78
C HIS F 261 9.70 -2.10 -9.76
N VAL F 262 9.34 -2.55 -8.55
CA VAL F 262 8.48 -3.72 -8.36
C VAL F 262 7.28 -3.35 -7.48
N GLN F 263 6.10 -3.84 -7.87
CA GLN F 263 4.85 -3.61 -7.12
C GLN F 263 4.14 -4.93 -6.88
N HIS F 264 3.67 -5.14 -5.64
CA HIS F 264 2.97 -6.36 -5.26
C HIS F 264 2.08 -6.13 -4.03
N GLU F 265 1.09 -7.00 -3.86
CA GLU F 265 0.17 -6.94 -2.72
C GLU F 265 0.88 -7.16 -1.38
N GLY F 266 1.70 -8.21 -1.31
CA GLY F 266 2.50 -8.52 -0.13
C GLY F 266 3.52 -7.48 0.29
N LEU F 267 4.10 -6.78 -0.69
CA LEU F 267 5.08 -5.71 -0.41
C LEU F 267 4.37 -4.50 0.21
N PRO F 268 4.85 -4.01 1.38
CA PRO F 268 4.24 -2.81 1.98
C PRO F 268 4.51 -1.53 1.17
N LYS F 269 5.76 -1.35 0.75
CA LYS F 269 6.17 -0.27 -0.15
C LYS F 269 6.76 -0.90 -1.41
N PRO F 270 6.70 -0.20 -2.56
CA PRO F 270 7.26 -0.75 -3.79
C PRO F 270 8.79 -0.73 -3.78
N LEU F 271 9.40 -1.90 -3.96
CA LEU F 271 10.87 -2.04 -3.92
C LEU F 271 11.52 -1.41 -5.15
N THR F 272 12.74 -0.90 -4.97
CA THR F 272 13.52 -0.28 -6.04
C THR F 272 14.91 -0.90 -6.07
N LEU F 273 15.12 -1.83 -7.03
CA LEU F 273 16.38 -2.55 -7.16
C LEU F 273 17.41 -1.77 -7.98
N ARG F 274 18.67 -2.15 -7.82
CA ARG F 274 19.80 -1.52 -8.52
C ARG F 274 20.93 -2.54 -8.66
N TRP F 275 21.74 -2.39 -9.71
CA TRP F 275 22.89 -3.27 -9.93
C TRP F 275 23.96 -3.03 -8.86
N GLU F 276 23.90 -3.84 -7.79
CA GLU F 276 24.82 -3.79 -6.64
C GLU F 276 25.28 -2.39 -6.24
N MET G 1 -12.71 -20.49 -37.38
CA MET G 1 -11.62 -21.43 -36.98
C MET G 1 -10.28 -20.69 -36.89
N ILE G 2 -9.94 -20.23 -35.68
CA ILE G 2 -8.67 -19.55 -35.43
C ILE G 2 -7.64 -20.53 -34.85
N GLN G 3 -6.36 -20.27 -35.12
CA GLN G 3 -5.24 -21.01 -34.53
C GLN G 3 -4.31 -20.02 -33.84
N ARG G 4 -3.60 -20.51 -32.83
CA ARG G 4 -2.63 -19.69 -32.08
C ARG G 4 -1.36 -20.50 -31.83
N THR G 5 -0.20 -19.90 -32.11
CA THR G 5 1.10 -20.56 -31.95
C THR G 5 1.51 -20.52 -30.48
N PRO G 6 1.97 -21.66 -29.92
CA PRO G 6 2.32 -21.70 -28.50
C PRO G 6 3.62 -20.98 -28.14
N LYS G 7 3.56 -20.16 -27.09
CA LYS G 7 4.74 -19.51 -26.52
C LYS G 7 5.32 -20.42 -25.45
N ILE G 8 6.61 -20.73 -25.56
CA ILE G 8 7.29 -21.68 -24.68
C ILE G 8 8.25 -20.93 -23.72
N GLN G 9 8.37 -21.45 -22.49
CA GLN G 9 9.34 -20.95 -21.50
C GLN G 9 9.88 -22.12 -20.68
N VAL G 10 11.18 -22.38 -20.79
CA VAL G 10 11.85 -23.45 -20.04
C VAL G 10 12.60 -22.85 -18.85
N TYR G 11 12.36 -23.40 -17.67
CA TYR G 11 12.91 -22.86 -16.41
C TYR G 11 12.80 -23.87 -15.26
N SER G 12 13.55 -23.61 -14.19
CA SER G 12 13.51 -24.42 -12.97
C SER G 12 12.58 -23.80 -11.94
N ARG G 13 12.11 -24.62 -10.99
CA ARG G 13 11.21 -24.17 -9.92
C ARG G 13 11.92 -23.19 -8.99
N HIS G 14 13.07 -23.61 -8.47
CA HIS G 14 13.93 -22.79 -7.61
C HIS G 14 15.16 -22.36 -8.43
N PRO G 15 16.01 -21.47 -7.87
CA PRO G 15 17.27 -21.13 -8.54
C PRO G 15 18.18 -22.34 -8.73
N ALA G 16 18.76 -22.47 -9.92
CA ALA G 16 19.55 -23.66 -10.28
C ALA G 16 20.89 -23.70 -9.54
N GLU G 17 21.27 -24.91 -9.11
CA GLU G 17 22.53 -25.15 -8.40
C GLU G 17 22.98 -26.59 -8.64
N ASN G 18 24.28 -26.79 -8.87
CA ASN G 18 24.81 -28.10 -9.29
C ASN G 18 24.73 -29.14 -8.17
N GLY G 19 24.04 -30.24 -8.45
CA GLY G 19 23.89 -31.34 -7.49
C GLY G 19 22.91 -31.05 -6.37
N LYS G 20 21.72 -30.56 -6.74
CA LYS G 20 20.64 -30.27 -5.78
C LYS G 20 19.29 -30.73 -6.36
N SER G 21 18.36 -31.05 -5.46
CA SER G 21 17.02 -31.47 -5.87
C SER G 21 16.23 -30.28 -6.40
N ASN G 22 15.60 -30.45 -7.56
CA ASN G 22 14.83 -29.38 -8.22
C ASN G 22 13.83 -29.97 -9.22
N PHE G 23 12.85 -29.15 -9.62
CA PHE G 23 11.84 -29.53 -10.62
C PHE G 23 12.01 -28.68 -11.89
N LEU G 24 12.26 -29.34 -13.03
CA LEU G 24 12.31 -28.68 -14.32
C LEU G 24 10.89 -28.41 -14.82
N ASN G 25 10.67 -27.22 -15.39
CA ASN G 25 9.35 -26.83 -15.91
C ASN G 25 9.41 -26.49 -17.39
N CYS G 26 8.24 -26.51 -18.03
CA CYS G 26 8.07 -26.04 -19.40
C CYS G 26 6.65 -25.53 -19.58
N TYR G 27 6.49 -24.21 -19.58
CA TYR G 27 5.19 -23.56 -19.59
C TYR G 27 4.79 -23.13 -21.01
N VAL G 28 4.13 -24.05 -21.72
CA VAL G 28 3.48 -23.73 -23.00
C VAL G 28 2.18 -22.97 -22.72
N SER G 29 1.96 -21.88 -23.46
CA SER G 29 0.78 -21.02 -23.23
C SER G 29 0.44 -20.13 -24.42
N GLY G 30 -0.82 -19.73 -24.48
CA GLY G 30 -1.32 -18.86 -25.55
C GLY G 30 -1.51 -19.58 -26.87
N PHE G 31 -2.10 -20.78 -26.83
CA PHE G 31 -2.25 -21.63 -28.02
C PHE G 31 -3.67 -22.17 -28.21
N HIS G 32 -3.96 -22.57 -29.45
CA HIS G 32 -5.25 -23.11 -29.84
C HIS G 32 -5.12 -23.83 -31.19
N PRO G 33 -5.67 -25.04 -31.36
CA PRO G 33 -6.46 -25.79 -30.36
C PRO G 33 -5.62 -26.51 -29.29
N SER G 34 -6.31 -27.13 -28.34
CA SER G 34 -5.69 -27.76 -27.16
C SER G 34 -4.81 -28.98 -27.45
N ASP G 35 -5.09 -29.67 -28.55
CA ASP G 35 -4.39 -30.91 -28.89
C ASP G 35 -2.91 -30.63 -29.21
N ILE G 36 -2.03 -30.97 -28.26
CA ILE G 36 -0.60 -30.60 -28.31
C ILE G 36 0.29 -31.68 -27.65
N GLU G 37 1.51 -31.83 -28.17
CA GLU G 37 2.51 -32.75 -27.62
C GLU G 37 3.68 -31.95 -27.03
N VAL G 38 4.16 -32.36 -25.85
CA VAL G 38 5.31 -31.74 -25.17
C VAL G 38 6.18 -32.83 -24.52
N ASP G 39 7.50 -32.70 -24.67
CA ASP G 39 8.48 -33.62 -24.06
C ASP G 39 9.66 -32.84 -23.46
N LEU G 40 10.13 -33.28 -22.30
CA LEU G 40 11.32 -32.72 -21.67
C LEU G 40 12.53 -33.60 -22.00
N LEU G 41 13.53 -33.01 -22.65
CA LEU G 41 14.70 -33.74 -23.15
C LEU G 41 15.89 -33.64 -22.20
N LYS G 42 16.81 -34.60 -22.33
CA LYS G 42 18.08 -34.62 -21.60
C LYS G 42 19.17 -35.09 -22.56
N ASN G 43 19.99 -34.14 -23.03
CA ASN G 43 21.05 -34.40 -24.02
C ASN G 43 20.50 -35.00 -25.32
N GLY G 44 19.36 -34.49 -25.77
CA GLY G 44 18.72 -34.94 -27.02
C GLY G 44 17.51 -35.84 -26.80
N GLU G 45 17.70 -36.92 -26.07
CA GLU G 45 16.65 -37.93 -25.86
C GLU G 45 15.68 -37.55 -24.72
N ARG G 46 14.46 -38.08 -24.81
CA ARG G 46 13.36 -37.67 -23.92
C ARG G 46 13.38 -38.32 -22.53
N ILE G 47 12.55 -37.78 -21.64
CA ILE G 47 12.37 -38.30 -20.28
C ILE G 47 10.99 -39.00 -20.20
N GLU G 48 10.93 -40.11 -19.47
CA GLU G 48 9.72 -40.93 -19.38
C GLU G 48 8.70 -40.41 -18.35
N LYS G 49 9.17 -40.18 -17.12
CA LYS G 49 8.32 -39.72 -16.01
C LYS G 49 8.17 -38.19 -16.05
N VAL G 50 7.16 -37.72 -16.78
CA VAL G 50 6.87 -36.28 -16.93
C VAL G 50 5.38 -36.04 -16.71
N GLU G 51 5.05 -35.34 -15.62
CA GLU G 51 3.66 -35.01 -15.28
C GLU G 51 3.27 -33.62 -15.79
N HIS G 52 2.01 -33.46 -16.19
CA HIS G 52 1.51 -32.20 -16.73
C HIS G 52 0.27 -31.71 -15.98
N SER G 53 0.09 -30.39 -15.94
CA SER G 53 -1.05 -29.77 -15.25
C SER G 53 -2.35 -29.97 -16.02
N ASP G 54 -3.46 -29.64 -15.36
CA ASP G 54 -4.80 -29.77 -15.97
C ASP G 54 -5.06 -28.63 -16.95
N LEU G 55 -5.87 -28.90 -17.97
CA LEU G 55 -6.10 -27.96 -19.07
C LEU G 55 -6.99 -26.79 -18.65
N SER G 56 -6.46 -25.58 -18.78
CA SER G 56 -7.19 -24.34 -18.52
C SER G 56 -6.89 -23.34 -19.66
N PHE G 57 -7.49 -22.15 -19.58
CA PHE G 57 -7.26 -21.11 -20.57
C PHE G 57 -7.47 -19.68 -20.03
N SER G 58 -6.96 -18.71 -20.77
CA SER G 58 -6.99 -17.30 -20.38
C SER G 58 -8.25 -16.59 -20.92
N LYS G 59 -8.32 -15.27 -20.74
CA LYS G 59 -9.50 -14.48 -21.16
C LYS G 59 -9.77 -14.49 -22.67
N ASP G 60 -8.72 -14.62 -23.48
CA ASP G 60 -8.86 -14.74 -24.95
C ASP G 60 -9.05 -16.17 -25.45
N TRP G 61 -9.46 -17.09 -24.56
CA TRP G 61 -9.74 -18.50 -24.86
C TRP G 61 -8.52 -19.30 -25.34
N SER G 62 -7.31 -18.85 -24.98
CA SER G 62 -6.07 -19.52 -25.37
C SER G 62 -5.59 -20.41 -24.23
N PHE G 63 -5.21 -21.65 -24.56
CA PHE G 63 -4.88 -22.65 -23.55
C PHE G 63 -3.49 -22.47 -22.95
N TYR G 64 -3.29 -23.05 -21.76
CA TYR G 64 -1.96 -23.08 -21.11
C TYR G 64 -1.77 -24.35 -20.27
N LEU G 65 -0.57 -24.91 -20.36
CA LEU G 65 -0.20 -26.13 -19.64
C LEU G 65 1.19 -26.00 -19.04
N LEU G 66 1.42 -26.71 -17.93
CA LEU G 66 2.71 -26.74 -17.24
C LEU G 66 3.19 -28.19 -17.14
N TYR G 67 4.10 -28.57 -18.05
CA TYR G 67 4.75 -29.88 -18.01
C TYR G 67 5.96 -29.78 -17.09
N TYR G 68 6.17 -30.80 -16.25
CA TYR G 68 7.29 -30.78 -15.29
C TYR G 68 7.76 -32.17 -14.86
N THR G 69 8.98 -32.20 -14.32
CA THR G 69 9.60 -33.42 -13.80
C THR G 69 10.74 -33.09 -12.84
N GLU G 70 10.98 -33.97 -11.87
CA GLU G 70 12.11 -33.83 -10.95
C GLU G 70 13.41 -34.20 -11.65
N PHE G 71 14.50 -33.52 -11.28
CA PHE G 71 15.81 -33.73 -11.90
C PHE G 71 16.96 -33.23 -11.03
N THR G 72 18.19 -33.51 -11.47
CA THR G 72 19.40 -33.08 -10.78
C THR G 72 20.35 -32.43 -11.80
N PRO G 73 20.46 -31.09 -11.80
CA PRO G 73 21.33 -30.41 -12.77
C PRO G 73 22.82 -30.49 -12.42
N THR G 74 23.64 -30.56 -13.46
CA THR G 74 25.11 -30.52 -13.34
C THR G 74 25.68 -29.55 -14.38
N GLU G 75 26.99 -29.41 -14.41
CA GLU G 75 27.65 -28.52 -15.39
C GLU G 75 27.51 -29.03 -16.83
N LYS G 76 27.71 -30.32 -17.04
CA LYS G 76 27.83 -30.91 -18.38
C LYS G 76 26.50 -31.29 -19.05
N ASP G 77 25.44 -31.51 -18.28
CA ASP G 77 24.12 -31.85 -18.83
C ASP G 77 23.42 -30.62 -19.44
N GLU G 78 22.63 -30.85 -20.49
CA GLU G 78 21.84 -29.82 -21.17
C GLU G 78 20.40 -30.29 -21.39
N TYR G 79 19.47 -29.71 -20.64
CA TYR G 79 18.04 -30.02 -20.74
C TYR G 79 17.35 -29.06 -21.70
N ALA G 80 16.20 -29.48 -22.22
CA ALA G 80 15.43 -28.70 -23.20
C ALA G 80 13.96 -29.15 -23.21
N CYS G 81 13.14 -28.41 -23.96
CA CYS G 81 11.72 -28.71 -24.09
C CYS G 81 11.30 -28.71 -25.57
N ARG G 82 10.93 -29.90 -26.07
CA ARG G 82 10.44 -30.07 -27.43
C ARG G 82 8.92 -29.96 -27.44
N VAL G 83 8.39 -29.13 -28.35
CA VAL G 83 6.94 -28.90 -28.45
C VAL G 83 6.49 -29.05 -29.91
N ASN G 84 5.44 -29.83 -30.13
CA ASN G 84 4.87 -30.07 -31.46
C ASN G 84 3.39 -29.65 -31.46
N HIS G 85 2.98 -28.94 -32.51
CA HIS G 85 1.62 -28.39 -32.62
C HIS G 85 1.25 -28.20 -34.09
N VAL G 86 -0.05 -28.21 -34.39
CA VAL G 86 -0.57 -28.03 -35.77
C VAL G 86 -0.11 -26.73 -36.44
N THR G 87 0.12 -25.68 -35.66
CA THR G 87 0.61 -24.39 -36.16
C THR G 87 2.08 -24.42 -36.60
N LEU G 88 2.86 -25.34 -36.05
CA LEU G 88 4.29 -25.46 -36.35
C LEU G 88 4.54 -26.47 -37.47
N SER G 89 5.44 -26.13 -38.39
CA SER G 89 5.82 -27.03 -39.49
C SER G 89 6.62 -28.25 -39.00
N GLN G 90 7.46 -28.02 -38.00
CA GLN G 90 8.22 -29.09 -37.33
C GLN G 90 8.19 -28.88 -35.81
N PRO G 91 8.54 -29.94 -35.02
CA PRO G 91 8.56 -29.76 -33.55
C PRO G 91 9.67 -28.81 -33.09
N LYS G 92 9.29 -27.69 -32.50
CA LYS G 92 10.25 -26.67 -32.06
C LYS G 92 10.89 -27.06 -30.71
N ILE G 93 12.20 -26.87 -30.62
CA ILE G 93 12.97 -27.15 -29.41
C ILE G 93 13.42 -25.82 -28.78
N VAL G 94 13.29 -25.72 -27.46
CA VAL G 94 13.75 -24.56 -26.70
C VAL G 94 14.64 -25.07 -25.56
N LYS G 95 15.92 -24.70 -25.58
CA LYS G 95 16.89 -25.18 -24.59
C LYS G 95 16.77 -24.42 -23.27
N TRP G 96 17.08 -25.10 -22.17
CA TRP G 96 17.05 -24.52 -20.84
C TRP G 96 18.29 -23.65 -20.60
N ASP G 97 18.10 -22.33 -20.62
CA ASP G 97 19.13 -21.38 -20.24
C ASP G 97 18.94 -21.08 -18.74
N ARG G 98 20.00 -21.22 -17.96
CA ARG G 98 19.94 -21.08 -16.51
C ARG G 98 19.47 -19.71 -16.02
N ASP G 99 19.82 -18.66 -16.76
CA ASP G 99 19.48 -17.28 -16.40
C ASP G 99 18.34 -16.69 -17.27
N MET G 100 17.37 -17.53 -17.64
CA MET G 100 16.16 -17.09 -18.35
C MET G 100 14.97 -17.97 -17.98
N SER H 1 -18.58 -24.64 -5.87
CA SER H 1 -19.59 -25.65 -6.29
C SER H 1 -20.26 -25.27 -7.61
N LEU H 2 -20.38 -26.25 -8.51
CA LEU H 2 -20.99 -26.04 -9.82
C LEU H 2 -22.49 -25.82 -9.73
N LEU H 3 -23.03 -25.07 -10.68
CA LEU H 3 -24.48 -24.95 -10.84
C LEU H 3 -24.97 -26.14 -11.65
N MET H 4 -26.18 -26.63 -11.35
CA MET H 4 -26.76 -27.75 -12.09
C MET H 4 -27.19 -27.28 -13.48
N TRP H 5 -26.47 -27.75 -14.50
CA TRP H 5 -26.65 -27.30 -15.88
C TRP H 5 -26.90 -28.48 -16.81
N ILE H 6 -28.08 -28.48 -17.44
CA ILE H 6 -28.37 -29.38 -18.56
C ILE H 6 -28.83 -28.61 -19.82
N THR H 7 -28.78 -27.28 -19.78
CA THR H 7 -29.36 -26.43 -20.82
C THR H 7 -28.47 -26.39 -22.08
N GLN H 8 -29.01 -26.84 -23.20
CA GLN H 8 -28.26 -26.99 -24.44
C GLN H 8 -28.31 -25.72 -25.30
N VAL H 9 -27.28 -25.52 -26.10
CA VAL H 9 -27.18 -24.33 -26.98
C VAL H 9 -28.08 -24.42 -28.21
N VAL I 5 -41.27 -29.22 1.26
CA VAL I 5 -42.50 -28.56 0.70
C VAL I 5 -43.75 -29.00 1.48
N GLU I 6 -44.13 -28.17 2.45
CA GLU I 6 -45.30 -28.43 3.30
C GLU I 6 -46.51 -27.65 2.79
N GLN I 7 -47.54 -28.38 2.36
CA GLN I 7 -48.79 -27.79 1.87
C GLN I 7 -49.84 -27.74 2.98
N ASN I 8 -50.87 -26.93 2.77
CA ASN I 8 -52.01 -26.83 3.70
C ASN I 8 -52.73 -28.17 3.91
N SER I 9 -53.25 -28.36 5.12
CA SER I 9 -53.92 -29.62 5.50
C SER I 9 -55.32 -29.71 4.89
N GLY I 10 -55.56 -30.74 4.10
CA GLY I 10 -56.90 -31.03 3.55
C GLY I 10 -57.78 -31.76 4.55
N PRO I 11 -59.06 -31.99 4.24
CA PRO I 11 -59.69 -31.54 3.00
C PRO I 11 -60.20 -30.10 3.11
N LEU I 12 -60.84 -29.62 2.04
CA LEU I 12 -61.43 -28.28 2.01
C LEU I 12 -62.78 -28.32 1.29
N SER I 13 -63.74 -27.56 1.79
CA SER I 13 -65.10 -27.55 1.28
C SER I 13 -65.56 -26.11 1.03
N VAL I 14 -66.03 -25.83 -0.19
CA VAL I 14 -66.39 -24.46 -0.62
C VAL I 14 -67.74 -24.50 -1.38
N PRO I 15 -68.63 -23.52 -1.13
CA PRO I 15 -69.87 -23.43 -1.94
C PRO I 15 -69.63 -23.10 -3.41
N GLU I 16 -70.64 -23.36 -4.24
CA GLU I 16 -70.55 -23.07 -5.68
C GLU I 16 -70.60 -21.57 -5.93
N GLY I 17 -69.74 -21.10 -6.84
CA GLY I 17 -69.62 -19.67 -7.13
C GLY I 17 -68.96 -18.84 -6.04
N ALA I 18 -68.07 -19.47 -5.27
CA ALA I 18 -67.35 -18.81 -4.17
C ALA I 18 -65.84 -18.93 -4.38
N ILE I 19 -65.09 -18.03 -3.75
CA ILE I 19 -63.63 -17.96 -3.90
C ILE I 19 -62.97 -19.03 -3.04
N ALA I 20 -62.25 -19.95 -3.68
CA ALA I 20 -61.49 -20.99 -2.99
C ALA I 20 -60.02 -20.58 -2.89
N SER I 21 -59.49 -20.54 -1.67
CA SER I 21 -58.11 -20.13 -1.40
C SER I 21 -57.25 -21.33 -1.01
N LEU I 22 -56.16 -21.55 -1.76
CA LEU I 22 -55.21 -22.63 -1.48
C LEU I 22 -53.83 -22.03 -1.17
N ASN I 23 -53.10 -22.66 -0.24
CA ASN I 23 -51.78 -22.19 0.19
C ASN I 23 -50.75 -23.32 0.23
N CYS I 24 -49.48 -22.93 0.23
CA CYS I 24 -48.36 -23.87 0.19
C CYS I 24 -47.04 -23.17 0.51
N THR I 25 -46.45 -23.48 1.66
CA THR I 25 -45.14 -22.95 2.06
C THR I 25 -44.02 -23.89 1.62
N TYR I 26 -42.78 -23.38 1.65
CA TYR I 26 -41.60 -24.19 1.29
C TYR I 26 -40.34 -23.68 2.03
N SER I 27 -39.40 -24.61 2.25
CA SER I 27 -38.19 -24.33 3.05
C SER I 27 -37.05 -23.74 2.23
N ASP I 28 -36.75 -24.36 1.09
CA ASP I 28 -35.62 -23.95 0.25
C ASP I 28 -35.89 -22.62 -0.46
N ARG I 29 -35.23 -21.55 -0.01
CA ARG I 29 -35.40 -20.21 -0.59
C ARG I 29 -34.81 -20.09 -2.01
N GLY I 30 -33.92 -21.00 -2.38
CA GLY I 30 -33.34 -21.04 -3.73
C GLY I 30 -34.16 -21.75 -4.81
N SER I 31 -35.46 -21.94 -4.58
CA SER I 31 -36.36 -22.52 -5.59
C SER I 31 -36.70 -21.48 -6.66
N GLN I 32 -36.55 -21.86 -7.93
CA GLN I 32 -36.72 -20.95 -9.06
C GLN I 32 -38.14 -20.98 -9.62
N SER I 33 -38.54 -22.13 -10.16
CA SER I 33 -39.85 -22.31 -10.78
C SER I 33 -40.84 -22.91 -9.79
N PHE I 34 -42.08 -22.41 -9.80
CA PHE I 34 -43.17 -22.92 -8.97
C PHE I 34 -44.36 -23.27 -9.86
N PHE I 35 -45.07 -24.33 -9.52
CA PHE I 35 -46.16 -24.86 -10.33
C PHE I 35 -47.37 -25.26 -9.49
N TRP I 36 -48.55 -25.22 -10.10
CA TRP I 36 -49.79 -25.68 -9.49
C TRP I 36 -50.43 -26.75 -10.37
N TYR I 37 -50.44 -28.00 -9.88
CA TYR I 37 -51.05 -29.13 -10.57
C TYR I 37 -52.46 -29.40 -10.04
N ARG I 38 -53.22 -30.16 -10.83
CA ARG I 38 -54.58 -30.58 -10.47
C ARG I 38 -54.73 -32.06 -10.81
N GLN I 39 -55.15 -32.86 -9.83
CA GLN I 39 -55.32 -34.29 -10.01
C GLN I 39 -56.73 -34.72 -9.64
N TYR I 40 -57.51 -35.11 -10.65
CA TYR I 40 -58.85 -35.65 -10.44
C TYR I 40 -58.79 -37.07 -9.88
N SER I 41 -59.94 -37.59 -9.44
CA SER I 41 -60.05 -38.91 -8.85
C SER I 41 -59.68 -40.00 -9.87
N GLY I 42 -58.54 -40.65 -9.66
CA GLY I 42 -58.07 -41.72 -10.53
C GLY I 42 -57.51 -41.27 -11.87
N LYS I 43 -56.93 -40.07 -11.90
CA LYS I 43 -56.31 -39.50 -13.11
C LYS I 43 -54.88 -39.08 -12.81
N SER I 44 -54.14 -38.70 -13.86
CA SER I 44 -52.80 -38.15 -13.70
C SER I 44 -52.87 -36.68 -13.27
N PRO I 45 -51.80 -36.15 -12.62
CA PRO I 45 -51.76 -34.71 -12.39
C PRO I 45 -51.55 -33.93 -13.70
N GLU I 46 -52.26 -32.81 -13.85
CA GLU I 46 -52.12 -31.95 -15.02
C GLU I 46 -51.94 -30.49 -14.58
N LEU I 47 -51.17 -29.75 -15.37
CA LEU I 47 -50.74 -28.40 -15.01
C LEU I 47 -51.87 -27.38 -15.18
N ILE I 48 -52.06 -26.52 -14.17
CA ILE I 48 -52.98 -25.38 -14.27
C ILE I 48 -52.17 -24.14 -14.65
N MET I 49 -51.16 -23.83 -13.84
CA MET I 49 -50.33 -22.64 -14.02
C MET I 49 -48.92 -22.84 -13.51
N PHE I 50 -48.01 -21.99 -14.01
CA PHE I 50 -46.63 -21.92 -13.53
C PHE I 50 -46.33 -20.47 -13.19
N ILE I 51 -45.35 -20.26 -12.31
CA ILE I 51 -44.96 -18.92 -11.88
C ILE I 51 -43.54 -18.90 -11.31
N TYR I 52 -42.75 -17.91 -11.72
CA TYR I 52 -41.41 -17.65 -11.14
C TYR I 52 -41.21 -16.21 -10.64
N SER I 53 -41.84 -15.24 -11.29
CA SER I 53 -41.78 -13.84 -10.86
C SER I 53 -42.72 -13.58 -9.69
N ASN I 54 -42.37 -12.60 -8.85
CA ASN I 54 -43.17 -12.25 -7.67
C ASN I 54 -44.47 -11.55 -8.06
N GLY I 55 -45.40 -11.52 -7.10
CA GLY I 55 -46.72 -10.93 -7.30
C GLY I 55 -47.68 -11.89 -7.99
N ASP I 56 -48.79 -11.35 -8.51
CA ASP I 56 -49.88 -12.16 -9.04
C ASP I 56 -49.67 -12.61 -10.48
N LYS I 57 -50.42 -13.64 -10.87
CA LYS I 57 -50.50 -14.10 -12.26
C LYS I 57 -51.90 -14.67 -12.52
N GLU I 58 -52.69 -13.97 -13.34
CA GLU I 58 -54.06 -14.35 -13.64
C GLU I 58 -54.13 -15.19 -14.92
N ASP I 59 -55.04 -16.18 -14.94
CA ASP I 59 -55.34 -16.97 -16.13
C ASP I 59 -56.83 -17.34 -16.09
N GLY I 60 -57.66 -16.38 -16.50
CA GLY I 60 -59.11 -16.53 -16.45
C GLY I 60 -59.63 -16.48 -15.02
N ARG I 61 -60.28 -17.56 -14.60
CA ARG I 61 -60.80 -17.67 -13.23
C ARG I 61 -59.71 -17.91 -12.19
N PHE I 62 -58.62 -18.58 -12.59
CA PHE I 62 -57.51 -18.89 -11.69
C PHE I 62 -56.61 -17.67 -11.52
N THR I 63 -56.08 -17.47 -10.31
CA THR I 63 -55.14 -16.38 -10.02
C THR I 63 -54.07 -16.86 -9.02
N ALA I 64 -52.87 -17.14 -9.53
CA ALA I 64 -51.73 -17.57 -8.71
C ALA I 64 -51.02 -16.36 -8.10
N GLN I 65 -50.22 -16.62 -7.07
CA GLN I 65 -49.41 -15.59 -6.41
C GLN I 65 -48.18 -16.23 -5.75
N LEU I 66 -47.01 -15.60 -5.95
CA LEU I 66 -45.74 -16.06 -5.38
C LEU I 66 -45.12 -14.93 -4.56
N ASN I 67 -44.84 -15.22 -3.28
CA ASN I 67 -44.14 -14.30 -2.39
C ASN I 67 -42.83 -14.97 -1.96
N LYS I 68 -41.77 -14.73 -2.73
CA LYS I 68 -40.48 -15.42 -2.56
C LYS I 68 -39.67 -14.93 -1.36
N ALA I 69 -40.02 -13.76 -0.83
CA ALA I 69 -39.44 -13.25 0.43
C ALA I 69 -40.01 -14.04 1.61
N SER I 70 -41.34 -14.08 1.71
CA SER I 70 -42.04 -14.87 2.72
C SER I 70 -42.09 -16.37 2.39
N GLN I 71 -41.62 -16.74 1.20
CA GLN I 71 -41.51 -18.13 0.71
C GLN I 71 -42.77 -18.98 0.88
N TYR I 72 -43.80 -18.58 0.15
CA TYR I 72 -45.03 -19.35 -0.02
C TYR I 72 -45.64 -19.08 -1.41
N VAL I 73 -46.39 -20.05 -1.91
CA VAL I 73 -47.20 -19.88 -3.13
C VAL I 73 -48.67 -20.10 -2.79
N SER I 74 -49.55 -19.59 -3.64
CA SER I 74 -50.99 -19.69 -3.42
C SER I 74 -51.76 -19.61 -4.73
N LEU I 75 -52.91 -20.28 -4.75
CA LEU I 75 -53.81 -20.31 -5.91
C LEU I 75 -55.20 -19.87 -5.46
N LEU I 76 -55.82 -18.99 -6.25
CA LEU I 76 -57.14 -18.44 -5.93
C LEU I 76 -58.12 -18.76 -7.07
N ILE I 77 -59.02 -19.70 -6.81
CA ILE I 77 -60.02 -20.11 -7.81
C ILE I 77 -61.28 -19.27 -7.61
N ARG I 78 -61.55 -18.37 -8.57
CA ARG I 78 -62.63 -17.39 -8.48
C ARG I 78 -63.89 -17.91 -9.19
N ASP I 79 -65.03 -17.84 -8.49
CA ASP I 79 -66.32 -18.31 -9.02
C ASP I 79 -66.26 -19.81 -9.38
N SER I 80 -66.03 -20.63 -8.36
CA SER I 80 -65.75 -22.06 -8.54
C SER I 80 -66.98 -22.89 -8.92
N GLN I 81 -66.77 -23.89 -9.77
CA GLN I 81 -67.81 -24.83 -10.20
C GLN I 81 -67.55 -26.22 -9.61
N PRO I 82 -68.53 -27.15 -9.75
CA PRO I 82 -68.31 -28.56 -9.36
C PRO I 82 -67.19 -29.28 -10.13
N SER I 83 -66.94 -28.85 -11.38
CA SER I 83 -65.85 -29.41 -12.19
C SER I 83 -64.44 -29.10 -11.65
N ASP I 84 -64.32 -28.10 -10.77
CA ASP I 84 -63.06 -27.80 -10.08
C ASP I 84 -62.73 -28.75 -8.91
N SER I 85 -63.68 -29.61 -8.51
CA SER I 85 -63.45 -30.54 -7.39
C SER I 85 -62.35 -31.55 -7.69
N ALA I 86 -61.20 -31.37 -7.05
CA ALA I 86 -60.03 -32.24 -7.23
C ALA I 86 -59.05 -32.06 -6.08
N THR I 87 -57.96 -32.83 -6.09
CA THR I 87 -56.85 -32.64 -5.15
C THR I 87 -55.78 -31.77 -5.80
N TYR I 88 -55.61 -30.55 -5.30
CA TYR I 88 -54.69 -29.57 -5.89
C TYR I 88 -53.29 -29.71 -5.29
N LEU I 89 -52.31 -29.94 -6.16
CA LEU I 89 -50.93 -30.17 -5.75
C LEU I 89 -50.05 -28.96 -6.03
N CYS I 90 -49.17 -28.66 -5.09
CA CYS I 90 -48.20 -27.57 -5.18
C CYS I 90 -46.83 -28.21 -5.44
N ALA I 91 -46.10 -27.67 -6.42
CA ALA I 91 -44.81 -28.22 -6.83
C ALA I 91 -43.79 -27.13 -7.15
N LEU I 92 -42.52 -27.45 -6.97
CA LEU I 92 -41.41 -26.53 -7.24
C LEU I 92 -40.13 -27.25 -7.62
N THR I 93 -39.20 -26.50 -8.20
CA THR I 93 -37.87 -27.02 -8.54
C THR I 93 -36.81 -25.91 -8.39
N ARG I 94 -35.63 -26.29 -7.90
CA ARG I 94 -34.50 -25.37 -7.79
C ARG I 94 -33.88 -25.04 -9.14
N GLY I 95 -34.07 -25.92 -10.12
CA GLY I 95 -33.65 -25.65 -11.50
C GLY I 95 -33.87 -26.82 -12.43
N PRO I 96 -33.55 -26.65 -13.73
CA PRO I 96 -33.60 -27.75 -14.69
C PRO I 96 -32.43 -28.71 -14.45
N GLY I 97 -32.74 -29.97 -14.23
CA GLY I 97 -31.76 -30.99 -13.83
C GLY I 97 -31.68 -31.23 -12.33
N ASN I 98 -32.48 -30.50 -11.53
CA ASN I 98 -32.59 -30.73 -10.10
C ASN I 98 -33.84 -31.56 -9.81
N GLN I 99 -34.00 -31.95 -8.54
CA GLN I 99 -35.16 -32.73 -8.11
C GLN I 99 -36.43 -31.87 -8.16
N PHE I 100 -37.52 -32.50 -8.62
CA PHE I 100 -38.81 -31.84 -8.79
C PHE I 100 -39.69 -32.24 -7.60
N TYR I 101 -39.83 -31.34 -6.65
CA TYR I 101 -40.52 -31.62 -5.38
C TYR I 101 -42.02 -31.35 -5.46
N PHE I 102 -42.77 -31.97 -4.54
CA PHE I 102 -44.23 -31.86 -4.48
C PHE I 102 -44.73 -31.72 -3.04
N GLY I 103 -45.84 -31.03 -2.88
CA GLY I 103 -46.53 -30.92 -1.59
C GLY I 103 -47.37 -32.15 -1.32
N THR I 104 -47.91 -32.22 -0.10
CA THR I 104 -48.79 -33.32 0.30
C THR I 104 -50.17 -33.26 -0.37
N GLY I 105 -50.62 -32.05 -0.71
CA GLY I 105 -51.86 -31.85 -1.48
C GLY I 105 -53.07 -31.53 -0.61
N THR I 106 -53.86 -30.56 -1.05
CA THR I 106 -55.15 -30.23 -0.44
C THR I 106 -56.26 -30.86 -1.28
N SER I 107 -57.23 -31.48 -0.61
CA SER I 107 -58.36 -32.12 -1.28
C SER I 107 -59.58 -31.20 -1.31
N LEU I 108 -59.80 -30.54 -2.46
CA LEU I 108 -60.92 -29.61 -2.63
C LEU I 108 -62.16 -30.34 -3.14
N THR I 109 -63.32 -29.97 -2.58
CA THR I 109 -64.62 -30.47 -3.04
C THR I 109 -65.60 -29.30 -3.07
N VAL I 110 -65.96 -28.87 -4.29
CA VAL I 110 -66.88 -27.75 -4.49
C VAL I 110 -68.31 -28.27 -4.34
N ILE I 111 -69.03 -27.78 -3.34
CA ILE I 111 -70.38 -28.22 -3.04
C ILE I 111 -71.37 -27.68 -4.09
N PRO I 112 -72.05 -28.57 -4.84
CA PRO I 112 -72.95 -28.13 -5.91
C PRO I 112 -74.25 -27.55 -5.37
N ASN I 113 -74.65 -26.39 -5.87
CA ASN I 113 -75.88 -25.72 -5.44
C ASN I 113 -77.10 -26.30 -6.17
N ILE I 114 -77.79 -27.24 -5.52
CA ILE I 114 -79.02 -27.83 -6.05
C ILE I 114 -80.18 -26.90 -5.71
N GLN I 115 -80.58 -26.08 -6.67
CA GLN I 115 -81.63 -25.06 -6.47
C GLN I 115 -83.07 -25.58 -6.50
N ASN I 116 -83.27 -26.84 -6.91
CA ASN I 116 -84.59 -27.49 -6.88
C ASN I 116 -84.49 -28.91 -6.30
N PRO I 117 -84.47 -29.03 -4.95
CA PRO I 117 -84.46 -30.36 -4.33
C PRO I 117 -85.80 -31.08 -4.51
N ASP I 118 -85.73 -32.40 -4.70
CA ASP I 118 -86.92 -33.24 -4.84
C ASP I 118 -86.62 -34.66 -4.33
N PRO I 119 -86.27 -34.80 -3.03
CA PRO I 119 -85.74 -36.06 -2.49
C PRO I 119 -86.71 -37.23 -2.63
N ALA I 120 -86.19 -38.40 -3.00
CA ALA I 120 -87.02 -39.59 -3.23
C ALA I 120 -86.19 -40.87 -3.19
N VAL I 121 -86.75 -41.92 -2.60
CA VAL I 121 -86.12 -43.24 -2.52
C VAL I 121 -86.87 -44.20 -3.46
N TYR I 122 -86.29 -44.49 -4.62
CA TYR I 122 -86.89 -45.36 -5.63
C TYR I 122 -86.34 -46.78 -5.57
N GLN I 123 -87.11 -47.74 -6.10
CA GLN I 123 -86.71 -49.14 -6.19
C GLN I 123 -86.49 -49.53 -7.66
N LEU I 124 -85.51 -50.39 -7.89
CA LEU I 124 -85.07 -50.75 -9.25
C LEU I 124 -84.92 -52.26 -9.41
N ARG I 125 -85.38 -52.79 -10.56
CA ARG I 125 -85.34 -54.22 -10.86
C ARG I 125 -84.16 -54.54 -11.78
N ASP I 126 -83.53 -55.70 -11.56
CA ASP I 126 -82.43 -56.17 -12.41
C ASP I 126 -83.02 -56.81 -13.67
N SER I 127 -82.43 -56.50 -14.83
CA SER I 127 -82.89 -57.03 -16.12
C SER I 127 -82.63 -58.53 -16.31
N LYS I 128 -81.63 -59.08 -15.62
CA LYS I 128 -81.35 -60.52 -15.62
C LYS I 128 -82.40 -61.31 -14.83
N SER I 129 -82.60 -60.94 -13.57
CA SER I 129 -83.51 -61.64 -12.66
C SER I 129 -84.33 -60.67 -11.83
N SER I 130 -85.63 -60.96 -11.66
CA SER I 130 -86.55 -60.11 -10.90
C SER I 130 -86.21 -60.01 -9.41
N ASP I 131 -85.63 -61.08 -8.85
CA ASP I 131 -85.32 -61.15 -7.42
C ASP I 131 -84.23 -60.17 -6.97
N LYS I 132 -83.25 -59.91 -7.83
CA LYS I 132 -82.17 -58.95 -7.53
C LYS I 132 -82.75 -57.53 -7.56
N SER I 133 -82.54 -56.78 -6.47
CA SER I 133 -83.15 -55.47 -6.29
C SER I 133 -82.21 -54.48 -5.59
N VAL I 134 -82.32 -53.21 -5.97
CA VAL I 134 -81.46 -52.13 -5.45
C VAL I 134 -82.29 -50.86 -5.24
N CYS I 135 -81.96 -50.08 -4.21
CA CYS I 135 -82.68 -48.86 -3.87
C CYS I 135 -81.84 -47.61 -4.17
N LEU I 136 -82.38 -46.71 -4.99
CA LEU I 136 -81.72 -45.45 -5.36
C LEU I 136 -82.32 -44.29 -4.56
N PHE I 137 -81.46 -43.54 -3.86
CA PHE I 137 -81.85 -42.32 -3.15
C PHE I 137 -81.23 -41.14 -3.88
N THR I 138 -82.06 -40.24 -4.42
CA THR I 138 -81.59 -39.18 -5.32
C THR I 138 -82.38 -37.86 -5.20
N ASP I 139 -81.87 -36.83 -5.87
CA ASP I 139 -82.46 -35.48 -5.92
C ASP I 139 -82.55 -34.78 -4.55
N PHE I 140 -81.49 -34.91 -3.75
CA PHE I 140 -81.43 -34.30 -2.42
C PHE I 140 -80.29 -33.27 -2.36
N ASP I 141 -80.50 -32.18 -1.62
CA ASP I 141 -79.52 -31.10 -1.53
C ASP I 141 -78.28 -31.48 -0.72
N SER I 142 -77.26 -30.64 -0.79
CA SER I 142 -75.94 -30.96 -0.22
C SER I 142 -75.84 -30.91 1.31
N GLN I 143 -76.87 -30.39 2.00
CA GLN I 143 -76.96 -30.50 3.47
C GLN I 143 -76.96 -31.94 3.96
N THR I 144 -77.78 -32.77 3.32
CA THR I 144 -77.90 -34.18 3.67
C THR I 144 -76.67 -34.97 3.22
N ASN I 145 -76.24 -35.92 4.06
CA ASN I 145 -75.15 -36.84 3.74
C ASN I 145 -75.42 -38.21 4.37
N VAL I 146 -75.03 -39.27 3.65
CA VAL I 146 -75.45 -40.64 3.97
C VAL I 146 -74.60 -41.33 5.05
N SER I 147 -75.09 -42.48 5.52
CA SER I 147 -74.37 -43.35 6.47
C SER I 147 -74.64 -44.81 6.11
N GLN I 148 -73.65 -45.67 6.38
CA GLN I 148 -73.69 -47.08 5.93
C GLN I 148 -73.83 -48.15 7.02
N SER I 149 -73.70 -47.78 8.30
CA SER I 149 -73.73 -48.76 9.40
C SER I 149 -75.14 -49.28 9.67
N LYS I 150 -75.61 -50.19 8.82
CA LYS I 150 -76.94 -50.80 8.93
C LYS I 150 -76.77 -52.26 9.36
N ASP I 151 -76.10 -53.05 8.53
CA ASP I 151 -75.88 -54.48 8.75
C ASP I 151 -74.64 -54.95 8.00
N SER I 152 -74.25 -56.21 8.22
CA SER I 152 -73.21 -56.87 7.44
C SER I 152 -73.70 -57.17 6.02
N ASP I 153 -74.94 -57.63 5.92
CA ASP I 153 -75.56 -57.99 4.63
C ASP I 153 -75.86 -56.78 3.74
N VAL I 154 -76.23 -55.65 4.35
CA VAL I 154 -76.60 -54.43 3.62
C VAL I 154 -75.37 -53.58 3.30
N TYR I 155 -75.32 -53.06 2.06
CA TYR I 155 -74.26 -52.15 1.60
C TYR I 155 -74.88 -50.82 1.18
N ILE I 156 -74.21 -49.72 1.52
CA ILE I 156 -74.67 -48.36 1.16
C ILE I 156 -73.46 -47.53 0.71
N THR I 157 -73.54 -46.97 -0.50
CA THR I 157 -72.45 -46.16 -1.06
C THR I 157 -72.54 -44.71 -0.61
N ASP I 158 -71.51 -43.93 -0.91
CA ASP I 158 -71.44 -42.51 -0.56
C ASP I 158 -72.11 -41.67 -1.66
N LYS I 159 -72.11 -40.35 -1.50
CA LYS I 159 -72.73 -39.43 -2.48
C LYS I 159 -72.03 -39.44 -3.84
N CYS I 160 -72.76 -39.02 -4.86
CA CYS I 160 -72.26 -38.96 -6.24
C CYS I 160 -72.97 -37.82 -6.97
N VAL I 161 -72.21 -36.80 -7.39
CA VAL I 161 -72.75 -35.63 -8.07
C VAL I 161 -72.76 -35.86 -9.58
N LEU I 162 -73.93 -36.19 -10.12
CA LEU I 162 -74.11 -36.33 -11.57
C LEU I 162 -74.51 -34.98 -12.17
N ASP I 163 -74.09 -34.74 -13.41
CA ASP I 163 -74.28 -33.45 -14.08
C ASP I 163 -74.82 -33.65 -15.50
N MET I 164 -76.12 -33.48 -15.67
CA MET I 164 -76.77 -33.51 -16.99
C MET I 164 -76.48 -32.18 -17.69
N ARG I 165 -75.55 -32.20 -18.63
CA ARG I 165 -75.02 -30.98 -19.26
C ARG I 165 -76.01 -30.30 -20.20
N SER I 166 -76.78 -31.09 -20.95
CA SER I 166 -77.75 -30.57 -21.92
C SER I 166 -78.94 -29.90 -21.24
N MET I 167 -79.55 -30.62 -20.30
CA MET I 167 -80.72 -30.13 -19.54
C MET I 167 -80.37 -29.15 -18.41
N ASP I 168 -79.09 -29.11 -17.99
CA ASP I 168 -78.62 -28.25 -16.90
C ASP I 168 -79.34 -28.58 -15.58
N PHE I 169 -78.95 -29.70 -14.98
CA PHE I 169 -79.65 -30.25 -13.81
C PHE I 169 -78.72 -31.16 -12.98
N LYS I 170 -78.22 -30.63 -11.86
CA LYS I 170 -77.44 -31.41 -10.89
C LYS I 170 -78.35 -32.35 -10.10
N SER I 171 -77.77 -33.43 -9.59
CA SER I 171 -78.51 -34.43 -8.82
C SER I 171 -77.57 -35.33 -8.01
N ASN I 172 -77.51 -35.09 -6.70
CA ASN I 172 -76.77 -35.96 -5.78
C ASN I 172 -77.53 -37.28 -5.64
N SER I 173 -76.86 -38.39 -5.93
CA SER I 173 -77.47 -39.72 -5.86
C SER I 173 -76.74 -40.62 -4.86
N ALA I 174 -77.40 -41.68 -4.44
CA ALA I 174 -76.84 -42.67 -3.50
C ALA I 174 -77.52 -44.03 -3.70
N VAL I 175 -76.72 -45.09 -3.68
CA VAL I 175 -77.18 -46.46 -3.99
C VAL I 175 -77.01 -47.37 -2.78
N ALA I 176 -77.98 -48.27 -2.58
CA ALA I 176 -77.97 -49.21 -1.45
C ALA I 176 -78.67 -50.53 -1.81
N TRP I 177 -78.07 -51.65 -1.39
CA TRP I 177 -78.61 -52.99 -1.64
C TRP I 177 -78.18 -53.99 -0.56
N SER I 178 -78.98 -55.03 -0.39
CA SER I 178 -78.64 -56.17 0.48
C SER I 178 -78.44 -57.42 -0.37
N ASN I 179 -77.56 -58.31 0.10
CA ASN I 179 -77.20 -59.52 -0.65
C ASN I 179 -78.37 -60.51 -0.63
N LYS I 180 -78.82 -60.85 0.58
CA LYS I 180 -79.98 -61.71 0.78
C LYS I 180 -80.71 -61.34 2.07
N SER I 181 -81.97 -60.92 1.95
CA SER I 181 -82.80 -60.57 3.09
C SER I 181 -84.27 -60.44 2.67
N ASP I 182 -85.13 -60.12 3.63
CA ASP I 182 -86.46 -59.56 3.36
C ASP I 182 -86.32 -58.04 3.49
N PHE I 183 -85.55 -57.48 2.55
CA PHE I 183 -84.97 -56.15 2.69
C PHE I 183 -85.98 -55.03 2.46
N ALA I 184 -86.26 -54.27 3.51
CA ALA I 184 -87.13 -53.10 3.43
C ALA I 184 -86.39 -51.95 2.76
N CYS I 185 -86.92 -51.47 1.63
CA CYS I 185 -86.33 -50.35 0.90
C CYS I 185 -86.53 -49.03 1.64
N ALA I 186 -87.66 -48.90 2.34
CA ALA I 186 -87.93 -47.75 3.21
C ALA I 186 -86.94 -47.68 4.38
N ASN I 187 -86.69 -48.82 5.03
CA ASN I 187 -85.70 -48.94 6.10
C ASN I 187 -84.34 -49.36 5.53
N ALA I 188 -83.79 -48.49 4.68
CA ALA I 188 -82.48 -48.69 4.05
C ALA I 188 -81.55 -47.52 4.36
N PHE I 189 -82.00 -46.30 4.04
CA PHE I 189 -81.27 -45.07 4.34
C PHE I 189 -81.74 -44.40 5.65
N ASN I 190 -82.21 -45.20 6.60
CA ASN I 190 -82.62 -44.69 7.92
C ASN I 190 -81.47 -44.62 8.95
N ASN I 191 -80.24 -44.85 8.49
CA ASN I 191 -79.04 -44.64 9.32
C ASN I 191 -78.78 -43.15 9.49
N SER I 192 -78.67 -42.45 8.36
CA SER I 192 -78.42 -41.00 8.33
C SER I 192 -79.71 -40.20 8.46
N ILE I 193 -79.56 -38.90 8.73
CA ILE I 193 -80.69 -37.99 8.90
C ILE I 193 -81.17 -37.54 7.51
N ILE I 194 -82.07 -38.34 6.92
CA ILE I 194 -82.67 -38.02 5.61
C ILE I 194 -83.86 -37.05 5.76
N PRO I 195 -84.18 -36.27 4.70
CA PRO I 195 -85.22 -35.23 4.83
C PRO I 195 -86.63 -35.76 5.09
N GLU I 196 -87.42 -35.01 5.87
CA GLU I 196 -88.78 -35.42 6.25
C GLU I 196 -89.77 -35.42 5.08
N ASP I 197 -89.50 -34.63 4.03
CA ASP I 197 -90.36 -34.54 2.84
C ASP I 197 -89.92 -35.45 1.68
N THR I 198 -89.36 -36.62 2.00
CA THR I 198 -88.87 -37.56 0.99
C THR I 198 -90.03 -38.41 0.43
N PHE I 199 -90.03 -38.59 -0.89
CA PHE I 199 -91.11 -39.31 -1.60
C PHE I 199 -90.84 -40.81 -1.64
N PHE I 200 -91.68 -41.58 -0.93
CA PHE I 200 -91.66 -43.05 -0.95
C PHE I 200 -92.88 -43.58 -1.71
N PRO I 201 -92.68 -44.16 -2.90
CA PRO I 201 -93.81 -44.60 -3.74
C PRO I 201 -94.47 -45.89 -3.26
N SER I 202 -95.74 -46.06 -3.60
CA SER I 202 -96.50 -47.26 -3.24
C SER I 202 -97.74 -47.42 -4.12
N GLY J 2 -42.17 -40.14 -27.59
CA GLY J 2 -43.41 -39.89 -28.40
C GLY J 2 -44.04 -38.54 -28.16
N ALA J 3 -45.37 -38.46 -28.31
CA ALA J 3 -46.13 -37.23 -28.10
C ALA J 3 -46.22 -36.91 -26.61
N GLY J 4 -46.74 -37.87 -25.84
CA GLY J 4 -46.85 -37.78 -24.39
C GLY J 4 -46.06 -38.88 -23.70
N VAL J 5 -46.06 -38.86 -22.38
CA VAL J 5 -45.35 -39.87 -21.57
C VAL J 5 -46.21 -41.12 -21.45
N SER J 6 -45.59 -42.28 -21.65
CA SER J 6 -46.29 -43.56 -21.77
C SER J 6 -45.65 -44.63 -20.88
N GLN J 7 -46.33 -44.98 -19.79
CA GLN J 7 -45.89 -46.07 -18.90
C GLN J 7 -46.56 -47.39 -19.26
N SER J 8 -45.92 -48.50 -18.88
CA SER J 8 -46.51 -49.82 -19.00
C SER J 8 -45.96 -50.76 -17.90
N PRO J 9 -46.79 -51.64 -17.32
CA PRO J 9 -48.22 -51.77 -17.61
C PRO J 9 -49.08 -50.72 -16.87
N ARG J 10 -50.32 -50.55 -17.31
CA ARG J 10 -51.28 -49.67 -16.63
C ARG J 10 -51.63 -50.18 -15.23
N TYR J 11 -51.97 -51.46 -15.16
CA TYR J 11 -52.25 -52.16 -13.90
C TYR J 11 -51.41 -53.43 -13.85
N LYS J 12 -51.05 -53.86 -12.64
CA LYS J 12 -50.23 -55.06 -12.45
C LYS J 12 -50.52 -55.76 -11.13
N VAL J 13 -50.82 -57.05 -11.22
CA VAL J 13 -50.95 -57.93 -10.06
C VAL J 13 -49.70 -58.83 -10.00
N THR J 14 -49.17 -59.04 -8.80
CA THR J 14 -47.96 -59.85 -8.60
C THR J 14 -48.02 -60.60 -7.27
N LYS J 15 -47.57 -61.86 -7.28
CA LYS J 15 -47.52 -62.69 -6.07
C LYS J 15 -46.41 -62.20 -5.15
N ARG J 16 -46.65 -62.27 -3.84
CA ARG J 16 -45.71 -61.74 -2.84
C ARG J 16 -44.43 -62.57 -2.81
N GLY J 17 -43.30 -61.92 -3.13
CA GLY J 17 -42.00 -62.59 -3.23
C GLY J 17 -41.38 -62.62 -4.62
N GLN J 18 -42.17 -62.30 -5.64
CA GLN J 18 -41.68 -62.23 -7.03
C GLN J 18 -41.34 -60.79 -7.43
N ASP J 19 -40.61 -60.67 -8.53
CA ASP J 19 -40.10 -59.38 -9.01
C ASP J 19 -41.03 -58.75 -10.04
N VAL J 20 -40.85 -57.44 -10.25
CA VAL J 20 -41.59 -56.67 -11.26
C VAL J 20 -40.68 -55.66 -11.96
N ALA J 21 -41.10 -55.22 -13.14
CA ALA J 21 -40.36 -54.21 -13.92
C ALA J 21 -41.33 -53.18 -14.50
N LEU J 22 -41.35 -51.98 -13.90
CA LEU J 22 -42.23 -50.90 -14.36
C LEU J 22 -41.52 -50.09 -15.44
N ARG J 23 -42.19 -49.91 -16.58
CA ARG J 23 -41.63 -49.19 -17.73
C ARG J 23 -42.09 -47.73 -17.74
N CYS J 24 -41.25 -46.86 -18.31
CA CYS J 24 -41.58 -45.44 -18.50
C CYS J 24 -40.88 -44.93 -19.75
N ASP J 25 -41.65 -44.70 -20.81
CA ASP J 25 -41.17 -44.13 -22.07
C ASP J 25 -41.47 -42.62 -22.06
N PRO J 26 -40.43 -41.77 -21.96
CA PRO J 26 -40.66 -40.33 -21.88
C PRO J 26 -40.87 -39.67 -23.24
N ILE J 27 -41.09 -38.36 -23.23
CA ILE J 27 -41.22 -37.57 -24.45
C ILE J 27 -39.84 -37.47 -25.11
N SER J 28 -39.82 -37.52 -26.45
CA SER J 28 -38.57 -37.53 -27.22
C SER J 28 -37.76 -36.26 -27.00
N GLY J 29 -36.50 -36.42 -26.62
CA GLY J 29 -35.59 -35.31 -26.38
C GLY J 29 -35.55 -34.74 -24.96
N HIS J 30 -36.40 -35.26 -24.07
CA HIS J 30 -36.44 -34.78 -22.67
C HIS J 30 -35.23 -35.31 -21.91
N VAL J 31 -34.48 -34.39 -21.29
CA VAL J 31 -33.24 -34.72 -20.60
C VAL J 31 -33.55 -35.34 -19.24
N SER J 32 -34.38 -34.65 -18.45
CA SER J 32 -34.75 -35.12 -17.12
C SER J 32 -35.88 -36.15 -17.15
N LEU J 33 -35.78 -37.16 -16.29
CA LEU J 33 -36.84 -38.17 -16.11
C LEU J 33 -36.93 -38.52 -14.62
N TYR J 34 -38.15 -38.42 -14.07
CA TYR J 34 -38.39 -38.61 -12.63
C TYR J 34 -39.27 -39.83 -12.35
N TRP J 35 -39.16 -40.37 -11.13
CA TRP J 35 -40.02 -41.47 -10.64
C TRP J 35 -40.67 -41.07 -9.32
N TYR J 36 -41.94 -41.44 -9.14
CA TYR J 36 -42.68 -41.20 -7.90
C TYR J 36 -43.54 -42.41 -7.54
N ARG J 37 -43.89 -42.51 -6.26
CA ARG J 37 -44.98 -43.39 -5.82
C ARG J 37 -45.98 -42.55 -5.00
N GLN J 38 -47.27 -42.87 -5.17
CA GLN J 38 -48.35 -42.08 -4.59
C GLN J 38 -49.31 -42.99 -3.83
N ALA J 39 -49.32 -42.87 -2.50
CA ALA J 39 -50.23 -43.65 -1.65
C ALA J 39 -51.65 -43.09 -1.74
N LEU J 40 -52.61 -43.87 -1.23
CA LEU J 40 -54.04 -43.54 -1.35
C LEU J 40 -54.38 -42.28 -0.53
N GLY J 41 -54.73 -41.20 -1.24
CA GLY J 41 -55.06 -39.92 -0.61
C GLY J 41 -53.85 -39.17 -0.07
N GLN J 42 -52.79 -39.13 -0.87
CA GLN J 42 -51.55 -38.42 -0.52
C GLN J 42 -50.89 -37.84 -1.78
N GLY J 43 -49.91 -36.95 -1.57
CA GLY J 43 -49.16 -36.35 -2.67
C GLY J 43 -48.08 -37.28 -3.22
N PRO J 44 -47.48 -36.93 -4.39
CA PRO J 44 -46.42 -37.77 -4.96
C PRO J 44 -45.11 -37.74 -4.14
N GLU J 45 -44.76 -38.88 -3.55
CA GLU J 45 -43.50 -39.03 -2.82
C GLU J 45 -42.35 -39.23 -3.81
N PHE J 46 -41.24 -38.54 -3.59
CA PHE J 46 -40.08 -38.59 -4.48
C PHE J 46 -39.28 -39.88 -4.28
N LEU J 47 -38.92 -40.54 -5.39
CA LEU J 47 -38.13 -41.78 -5.38
C LEU J 47 -36.72 -41.56 -5.90
N THR J 48 -36.62 -41.23 -7.19
CA THR J 48 -35.32 -41.03 -7.86
C THR J 48 -35.52 -40.39 -9.23
N TYR J 49 -34.46 -39.83 -9.80
CA TYR J 49 -34.52 -39.22 -11.13
C TYR J 49 -33.20 -39.31 -11.90
N PHE J 50 -33.27 -39.00 -13.20
CA PHE J 50 -32.15 -39.11 -14.12
C PHE J 50 -31.94 -37.80 -14.87
N ASN J 51 -30.68 -37.50 -15.19
CA ASN J 51 -30.32 -36.47 -16.17
C ASN J 51 -29.51 -37.15 -17.26
N TYR J 52 -30.03 -37.10 -18.49
CA TYR J 52 -29.54 -37.90 -19.61
C TYR J 52 -29.60 -39.40 -19.26
N GLU J 53 -28.45 -40.07 -19.10
CA GLU J 53 -28.41 -41.51 -18.80
C GLU J 53 -28.15 -41.83 -17.32
N ALA J 54 -27.47 -40.92 -16.61
CA ALA J 54 -26.99 -41.19 -15.24
C ALA J 54 -28.05 -40.90 -14.17
N GLN J 55 -28.21 -41.84 -13.24
CA GLN J 55 -29.11 -41.67 -12.08
C GLN J 55 -28.53 -40.65 -11.11
N GLN J 56 -29.40 -39.97 -10.36
CA GLN J 56 -28.99 -38.91 -9.44
C GLN J 56 -29.76 -38.95 -8.13
N ASP J 57 -29.05 -39.21 -7.03
CA ASP J 57 -29.61 -39.26 -5.66
C ASP J 57 -30.67 -40.35 -5.49
N LYS J 58 -30.22 -41.53 -5.05
CA LYS J 58 -31.10 -42.70 -4.83
C LYS J 58 -31.52 -42.90 -3.36
N SER J 59 -31.31 -41.89 -2.51
CA SER J 59 -31.73 -41.94 -1.11
C SER J 59 -33.25 -41.86 -0.94
N GLY J 60 -33.95 -41.29 -1.93
CA GLY J 60 -35.41 -41.25 -1.94
C GLY J 60 -36.09 -42.61 -2.06
N LEU J 61 -35.38 -43.62 -2.58
CA LEU J 61 -35.88 -44.99 -2.65
C LEU J 61 -36.05 -45.55 -1.22
N PRO J 62 -37.09 -46.37 -0.99
CA PRO J 62 -37.38 -46.85 0.38
C PRO J 62 -36.37 -47.85 0.93
N ASN J 63 -35.87 -48.75 0.08
CA ASN J 63 -34.82 -49.71 0.47
C ASN J 63 -34.07 -50.27 -0.75
N ASP J 64 -32.99 -51.01 -0.49
CA ASP J 64 -32.12 -51.55 -1.56
C ASP J 64 -32.74 -52.64 -2.46
N ARG J 65 -33.94 -53.12 -2.13
CA ARG J 65 -34.73 -53.96 -3.04
C ARG J 65 -35.17 -53.17 -4.31
N PHE J 66 -35.46 -51.89 -4.13
CA PHE J 66 -35.82 -50.99 -5.23
C PHE J 66 -34.57 -50.58 -6.00
N SER J 67 -34.67 -50.51 -7.33
CA SER J 67 -33.57 -50.05 -8.19
C SER J 67 -34.07 -49.60 -9.55
N ALA J 68 -33.43 -48.57 -10.11
CA ALA J 68 -33.84 -47.96 -11.37
C ALA J 68 -32.66 -47.73 -12.30
N GLU J 69 -32.90 -47.89 -13.61
CA GLU J 69 -31.90 -47.62 -14.64
C GLU J 69 -32.52 -46.86 -15.82
N ARG J 70 -31.65 -46.31 -16.66
CA ARG J 70 -32.04 -45.60 -17.88
C ARG J 70 -30.84 -45.65 -18.84
N PRO J 71 -30.48 -46.87 -19.29
CA PRO J 71 -29.16 -47.15 -19.89
C PRO J 71 -28.83 -46.40 -21.17
N GLU J 72 -29.82 -46.25 -22.06
CA GLU J 72 -29.63 -45.55 -23.34
C GLU J 72 -30.09 -44.08 -23.31
N GLY J 73 -30.33 -43.53 -22.12
CA GLY J 73 -30.70 -42.14 -21.95
C GLY J 73 -32.09 -41.77 -22.45
N SER J 74 -33.04 -42.70 -22.34
CA SER J 74 -34.42 -42.47 -22.76
C SER J 74 -35.42 -43.30 -21.94
N ILE J 75 -35.61 -44.57 -22.29
CA ILE J 75 -36.59 -45.43 -21.60
C ILE J 75 -36.04 -45.90 -20.26
N SER J 76 -36.66 -45.46 -19.17
CA SER J 76 -36.28 -45.86 -17.82
C SER J 76 -37.02 -47.13 -17.41
N THR J 77 -36.48 -47.84 -16.43
CA THR J 77 -37.09 -49.07 -15.91
C THR J 77 -36.87 -49.22 -14.40
N LEU J 78 -37.92 -48.95 -13.62
CA LEU J 78 -37.91 -49.21 -12.18
C LEU J 78 -38.12 -50.72 -11.96
N THR J 79 -37.32 -51.30 -11.06
CA THR J 79 -37.34 -52.75 -10.81
C THR J 79 -37.37 -53.02 -9.30
N ILE J 80 -38.48 -53.57 -8.82
CA ILE J 80 -38.61 -53.99 -7.42
C ILE J 80 -38.39 -55.51 -7.37
N GLN J 81 -37.46 -55.94 -6.51
CA GLN J 81 -37.17 -57.37 -6.30
C GLN J 81 -37.78 -57.84 -4.99
N ARG J 82 -38.29 -59.08 -4.98
CA ARG J 82 -38.90 -59.70 -3.79
C ARG J 82 -39.96 -58.80 -3.15
N THR J 83 -41.06 -58.61 -3.87
CA THR J 83 -42.10 -57.64 -3.50
C THR J 83 -42.82 -58.01 -2.21
N GLU J 84 -43.34 -56.99 -1.53
CA GLU J 84 -44.14 -57.15 -0.31
C GLU J 84 -45.47 -56.42 -0.49
N GLN J 85 -46.41 -56.67 0.43
CA GLN J 85 -47.75 -56.08 0.35
C GLN J 85 -47.75 -54.57 0.58
N ARG J 86 -46.83 -54.08 1.41
CA ARG J 86 -46.65 -52.64 1.64
C ARG J 86 -46.08 -51.86 0.44
N ASP J 87 -45.47 -52.54 -0.53
CA ASP J 87 -45.00 -51.91 -1.77
C ASP J 87 -46.11 -51.52 -2.75
N SER J 88 -47.34 -52.00 -2.52
CA SER J 88 -48.48 -51.68 -3.39
C SER J 88 -48.81 -50.19 -3.40
N ALA J 89 -48.67 -49.57 -4.57
CA ALA J 89 -48.95 -48.14 -4.76
C ALA J 89 -49.08 -47.79 -6.23
N MET J 90 -49.51 -46.55 -6.48
CA MET J 90 -49.56 -45.98 -7.83
C MET J 90 -48.19 -45.36 -8.15
N TYR J 91 -47.43 -46.03 -9.01
CA TYR J 91 -46.08 -45.58 -9.41
C TYR J 91 -46.14 -44.73 -10.68
N ARG J 92 -45.96 -43.42 -10.52
CA ARG J 92 -45.94 -42.49 -11.65
C ARG J 92 -44.51 -42.20 -12.09
N CYS J 93 -44.36 -41.77 -13.34
CA CYS J 93 -43.11 -41.19 -13.83
C CYS J 93 -43.42 -39.91 -14.59
N ALA J 94 -42.39 -39.10 -14.82
CA ALA J 94 -42.54 -37.85 -15.56
C ALA J 94 -41.23 -37.41 -16.19
N SER J 95 -41.36 -36.64 -17.27
CA SER J 95 -40.20 -36.10 -17.99
C SER J 95 -40.32 -34.59 -18.10
N SER J 96 -39.19 -33.92 -18.17
CA SER J 96 -39.13 -32.47 -18.37
C SER J 96 -37.84 -32.08 -19.09
N SER J 97 -37.71 -30.79 -19.39
CA SER J 97 -36.51 -30.21 -19.99
C SER J 97 -36.19 -30.75 -21.38
N PRO J 98 -37.02 -30.38 -22.39
CA PRO J 98 -36.71 -30.70 -23.79
C PRO J 98 -35.58 -29.81 -24.31
N GLY J 99 -34.41 -30.42 -24.55
CA GLY J 99 -33.20 -29.67 -24.87
C GLY J 99 -32.63 -28.88 -23.70
N GLY J 100 -32.96 -29.30 -22.47
CA GLY J 100 -32.41 -28.70 -21.26
C GLY J 100 -33.13 -27.52 -20.65
N VAL J 101 -33.95 -26.81 -21.41
CA VAL J 101 -34.65 -25.60 -20.92
C VAL J 101 -35.70 -25.98 -19.88
N SER J 102 -35.81 -25.19 -18.81
CA SER J 102 -36.66 -25.53 -17.66
C SER J 102 -38.15 -25.46 -18.00
N THR J 103 -38.83 -26.60 -17.93
CA THR J 103 -40.27 -26.71 -18.18
C THR J 103 -40.96 -27.45 -17.03
N GLU J 104 -42.28 -27.55 -17.12
CA GLU J 104 -43.08 -28.35 -16.21
C GLU J 104 -42.75 -29.85 -16.29
N ALA J 105 -43.18 -30.59 -15.28
CA ALA J 105 -43.05 -32.06 -15.27
C ALA J 105 -44.27 -32.69 -15.94
N PHE J 106 -44.07 -33.27 -17.11
CA PHE J 106 -45.14 -33.94 -17.86
C PHE J 106 -45.28 -35.38 -17.34
N PHE J 107 -46.43 -35.67 -16.72
CA PHE J 107 -46.66 -36.99 -16.10
C PHE J 107 -47.16 -38.04 -17.09
N GLY J 108 -46.86 -39.31 -16.78
CA GLY J 108 -47.41 -40.46 -17.50
C GLY J 108 -48.72 -40.90 -16.87
N GLN J 109 -49.35 -41.90 -17.47
CA GLN J 109 -50.63 -42.44 -17.00
C GLN J 109 -50.54 -43.12 -15.62
N GLY J 110 -49.37 -43.68 -15.30
CA GLY J 110 -49.12 -44.34 -14.02
C GLY J 110 -49.27 -45.85 -14.10
N THR J 111 -48.63 -46.55 -13.16
CA THR J 111 -48.72 -48.01 -13.06
C THR J 111 -49.27 -48.38 -11.67
N ARG J 112 -50.51 -48.87 -11.65
CA ARG J 112 -51.15 -49.35 -10.42
C ARG J 112 -50.64 -50.75 -10.08
N LEU J 113 -49.68 -50.81 -9.16
CA LEU J 113 -49.14 -52.08 -8.67
C LEU J 113 -49.88 -52.50 -7.40
N THR J 114 -50.38 -53.74 -7.40
CA THR J 114 -51.00 -54.34 -6.21
C THR J 114 -50.33 -55.69 -5.95
N VAL J 115 -49.58 -55.79 -4.86
CA VAL J 115 -48.86 -57.02 -4.48
C VAL J 115 -49.76 -57.88 -3.60
N VAL J 116 -50.24 -58.99 -4.16
CA VAL J 116 -51.16 -59.90 -3.47
C VAL J 116 -50.38 -61.07 -2.87
N GLU J 117 -50.85 -61.58 -1.73
CA GLU J 117 -50.22 -62.70 -1.06
C GLU J 117 -50.46 -64.00 -1.84
N ASP J 118 -51.73 -64.30 -2.09
CA ASP J 118 -52.16 -65.49 -2.79
C ASP J 118 -52.96 -65.11 -4.04
N LEU J 119 -52.53 -65.63 -5.19
CA LEU J 119 -53.19 -65.36 -6.48
C LEU J 119 -54.63 -65.90 -6.55
N ASN J 120 -54.95 -66.89 -5.70
CA ASN J 120 -56.32 -67.44 -5.59
C ASN J 120 -57.36 -66.42 -5.14
N LYS J 121 -56.93 -65.36 -4.46
CA LYS J 121 -57.82 -64.28 -3.99
C LYS J 121 -58.22 -63.28 -5.09
N VAL J 122 -57.61 -63.37 -6.27
CA VAL J 122 -57.94 -62.51 -7.41
C VAL J 122 -59.23 -63.00 -8.07
N PHE J 123 -60.20 -62.10 -8.23
CA PHE J 123 -61.48 -62.39 -8.89
C PHE J 123 -61.88 -61.26 -9.85
N PRO J 124 -62.57 -61.60 -10.97
CA PRO J 124 -63.14 -60.58 -11.85
C PRO J 124 -64.52 -60.10 -11.36
N PRO J 125 -65.01 -58.96 -11.88
CA PRO J 125 -66.27 -58.39 -11.41
C PRO J 125 -67.50 -58.97 -12.11
N GLU J 126 -68.51 -59.33 -11.33
CA GLU J 126 -69.82 -59.68 -11.87
C GLU J 126 -70.64 -58.39 -11.99
N VAL J 127 -71.01 -58.03 -13.21
CA VAL J 127 -71.67 -56.77 -13.51
C VAL J 127 -73.17 -56.99 -13.79
N ALA J 128 -73.98 -56.01 -13.42
CA ALA J 128 -75.44 -56.07 -13.63
C ALA J 128 -76.06 -54.67 -13.69
N VAL J 129 -76.94 -54.47 -14.67
CA VAL J 129 -77.65 -53.20 -14.86
C VAL J 129 -79.06 -53.33 -14.29
N PHE J 130 -79.45 -52.36 -13.45
CA PHE J 130 -80.77 -52.30 -12.84
C PHE J 130 -81.57 -51.20 -13.53
N GLU J 131 -82.76 -51.55 -14.03
CA GLU J 131 -83.57 -50.64 -14.87
C GLU J 131 -84.24 -49.54 -14.06
N PRO J 132 -84.58 -48.39 -14.69
CA PRO J 132 -85.20 -47.26 -13.97
C PRO J 132 -86.56 -47.56 -13.33
N SER J 133 -86.90 -46.79 -12.30
CA SER J 133 -88.12 -47.00 -11.52
C SER J 133 -89.36 -46.48 -12.26
N GLU J 134 -90.50 -47.11 -11.96
CA GLU J 134 -91.80 -46.65 -12.43
C GLU J 134 -92.15 -45.31 -11.81
N ALA J 135 -91.91 -45.19 -10.50
CA ALA J 135 -92.20 -43.97 -9.74
C ALA J 135 -91.35 -42.77 -10.18
N GLU J 136 -90.09 -43.02 -10.55
CA GLU J 136 -89.18 -41.94 -10.93
C GLU J 136 -89.60 -41.26 -12.25
N ILE J 137 -90.09 -42.04 -13.20
CA ILE J 137 -90.54 -41.51 -14.50
C ILE J 137 -91.81 -40.65 -14.34
N SER J 138 -92.75 -41.13 -13.51
CA SER J 138 -93.99 -40.38 -13.23
C SER J 138 -93.73 -39.11 -12.40
N HIS J 139 -92.85 -39.21 -11.41
CA HIS J 139 -92.58 -38.10 -10.49
C HIS J 139 -91.70 -37.01 -11.12
N THR J 140 -90.50 -37.39 -11.55
CA THR J 140 -89.47 -36.43 -12.01
C THR J 140 -89.33 -36.26 -13.52
N GLN J 141 -90.00 -37.10 -14.31
CA GLN J 141 -89.86 -37.13 -15.79
C GLN J 141 -88.41 -37.38 -16.23
N LYS J 142 -87.70 -38.25 -15.50
CA LYS J 142 -86.35 -38.69 -15.81
C LYS J 142 -86.19 -40.16 -15.44
N ALA J 143 -85.16 -40.80 -15.99
CA ALA J 143 -84.95 -42.24 -15.80
C ALA J 143 -83.49 -42.55 -15.48
N THR J 144 -83.23 -43.02 -14.24
CA THR J 144 -81.88 -43.35 -13.77
C THR J 144 -81.64 -44.85 -13.82
N LEU J 145 -80.68 -45.26 -14.65
CA LEU J 145 -80.16 -46.63 -14.64
C LEU J 145 -79.04 -46.70 -13.61
N VAL J 146 -78.87 -47.87 -12.99
CA VAL J 146 -77.84 -48.10 -11.98
C VAL J 146 -77.06 -49.37 -12.32
N CYS J 147 -75.75 -49.24 -12.46
CA CYS J 147 -74.86 -50.37 -12.67
C CYS J 147 -74.20 -50.77 -11.36
N LEU J 148 -73.85 -52.05 -11.25
CA LEU J 148 -73.31 -52.61 -10.01
C LEU J 148 -72.32 -53.73 -10.30
N ALA J 149 -71.03 -53.39 -10.25
CA ALA J 149 -69.95 -54.37 -10.35
C ALA J 149 -69.62 -54.86 -8.95
N THR J 150 -69.70 -56.17 -8.73
CA THR J 150 -69.55 -56.76 -7.39
C THR J 150 -68.61 -57.97 -7.39
N GLY J 151 -67.88 -58.12 -6.30
CA GLY J 151 -67.04 -59.29 -6.07
C GLY J 151 -65.81 -59.37 -6.94
N PHE J 152 -64.97 -58.33 -6.89
CA PHE J 152 -63.69 -58.31 -7.60
C PHE J 152 -62.53 -57.92 -6.68
N TYR J 153 -61.34 -58.35 -7.05
CA TYR J 153 -60.12 -58.06 -6.29
C TYR J 153 -58.92 -58.26 -7.22
N PRO J 154 -57.93 -57.37 -7.21
CA PRO J 154 -57.90 -56.10 -6.45
C PRO J 154 -58.72 -54.99 -7.13
N ASP J 155 -58.66 -53.77 -6.59
CA ASP J 155 -59.40 -52.61 -7.15
C ASP J 155 -58.77 -52.15 -8.48
N HIS J 156 -58.99 -52.96 -9.52
CA HIS J 156 -58.40 -52.77 -10.84
C HIS J 156 -59.54 -52.72 -11.87
N VAL J 157 -60.31 -51.63 -11.87
CA VAL J 157 -61.51 -51.52 -12.72
C VAL J 157 -61.67 -50.17 -13.41
N GLU J 158 -62.26 -50.19 -14.61
CA GLU J 158 -62.61 -48.98 -15.37
C GLU J 158 -64.04 -49.13 -15.91
N LEU J 159 -65.00 -48.59 -15.18
CA LEU J 159 -66.41 -48.63 -15.56
C LEU J 159 -66.72 -47.55 -16.57
N SER J 160 -67.57 -47.88 -17.55
CA SER J 160 -67.99 -46.92 -18.57
C SER J 160 -69.35 -47.30 -19.16
N TRP J 161 -70.15 -46.29 -19.52
CA TRP J 161 -71.49 -46.48 -20.10
C TRP J 161 -71.46 -46.30 -21.62
N TRP J 162 -72.17 -47.17 -22.33
CA TRP J 162 -72.20 -47.15 -23.80
C TRP J 162 -73.64 -47.16 -24.33
N VAL J 163 -74.07 -46.05 -24.92
CA VAL J 163 -75.41 -45.90 -25.49
C VAL J 163 -75.35 -46.05 -27.01
N ASN J 164 -76.05 -47.06 -27.54
CA ASN J 164 -76.09 -47.36 -28.98
C ASN J 164 -74.70 -47.54 -29.60
N GLY J 165 -73.87 -48.34 -28.93
CA GLY J 165 -72.52 -48.62 -29.39
C GLY J 165 -71.55 -47.46 -29.36
N LYS J 166 -71.82 -46.47 -28.50
CA LYS J 166 -70.98 -45.27 -28.37
C LYS J 166 -70.92 -44.84 -26.91
N GLU J 167 -69.72 -44.56 -26.41
CA GLU J 167 -69.52 -44.18 -25.01
C GLU J 167 -70.11 -42.80 -24.75
N VAL J 168 -70.61 -42.61 -23.53
CA VAL J 168 -71.19 -41.32 -23.10
C VAL J 168 -70.67 -40.94 -21.72
N HIS J 169 -70.36 -39.65 -21.56
CA HIS J 169 -69.91 -39.09 -20.28
C HIS J 169 -70.95 -38.19 -19.61
N SER J 170 -71.84 -37.58 -20.40
CA SER J 170 -72.89 -36.71 -19.86
C SER J 170 -73.95 -37.55 -19.15
N GLY J 171 -74.40 -37.06 -17.99
CA GLY J 171 -75.40 -37.76 -17.16
C GLY J 171 -74.90 -38.99 -16.43
N VAL J 172 -73.58 -39.17 -16.36
CA VAL J 172 -72.95 -40.34 -15.73
C VAL J 172 -72.39 -39.94 -14.36
N CYS J 173 -72.45 -40.86 -13.40
CA CYS J 173 -71.73 -40.73 -12.14
C CYS J 173 -71.21 -42.10 -11.73
N THR J 174 -69.93 -42.17 -11.38
CA THR J 174 -69.31 -43.40 -10.87
C THR J 174 -68.67 -43.08 -9.52
N ASP J 175 -68.68 -44.07 -8.61
CA ASP J 175 -68.10 -43.89 -7.29
C ASP J 175 -66.59 -43.67 -7.40
N PRO J 176 -66.04 -42.74 -6.59
CA PRO J 176 -64.59 -42.52 -6.61
C PRO J 176 -63.80 -43.71 -6.05
N GLN J 177 -64.35 -44.36 -5.02
CA GLN J 177 -63.76 -45.57 -4.42
C GLN J 177 -64.83 -46.64 -4.23
N PRO J 178 -64.44 -47.93 -4.29
CA PRO J 178 -65.39 -49.01 -4.06
C PRO J 178 -65.59 -49.35 -2.59
N LEU J 179 -66.55 -50.22 -2.31
CA LEU J 179 -66.87 -50.68 -0.96
C LEU J 179 -66.34 -52.09 -0.76
N LYS J 180 -65.81 -52.37 0.43
CA LYS J 180 -65.39 -53.73 0.79
C LYS J 180 -66.61 -54.58 1.08
N GLU J 181 -66.70 -55.76 0.46
CA GLU J 181 -67.80 -56.69 0.70
C GLU J 181 -67.75 -57.29 2.11
N GLN J 182 -66.54 -57.52 2.62
CA GLN J 182 -66.33 -57.99 3.99
C GLN J 182 -65.23 -57.15 4.66
N PRO J 183 -65.58 -55.93 5.17
CA PRO J 183 -64.61 -54.96 5.71
C PRO J 183 -63.62 -55.45 6.78
N ALA J 184 -63.98 -56.50 7.53
CA ALA J 184 -63.09 -57.07 8.56
C ALA J 184 -61.80 -57.66 7.98
N LEU J 185 -61.91 -58.35 6.86
CA LEU J 185 -60.76 -59.02 6.23
C LEU J 185 -59.87 -58.04 5.45
N ASN J 186 -58.56 -58.32 5.44
CA ASN J 186 -57.58 -57.48 4.74
C ASN J 186 -57.51 -57.77 3.24
N ASP J 187 -57.88 -58.98 2.84
CA ASP J 187 -57.94 -59.39 1.43
C ASP J 187 -59.39 -59.44 0.91
N SER J 188 -60.20 -58.45 1.29
CA SER J 188 -61.63 -58.43 0.98
C SER J 188 -61.89 -58.07 -0.47
N ARG J 189 -62.95 -58.66 -1.05
CA ARG J 189 -63.41 -58.28 -2.38
C ARG J 189 -64.05 -56.90 -2.35
N TYR J 190 -64.03 -56.23 -3.50
CA TYR J 190 -64.56 -54.87 -3.64
C TYR J 190 -65.87 -54.85 -4.43
N ALA J 191 -66.58 -53.72 -4.31
CA ALA J 191 -67.84 -53.50 -5.05
C ALA J 191 -67.97 -52.02 -5.42
N LEU J 192 -68.36 -51.76 -6.66
CA LEU J 192 -68.45 -50.40 -7.22
C LEU J 192 -69.80 -50.18 -7.87
N SER J 193 -70.32 -48.96 -7.78
CA SER J 193 -71.60 -48.59 -8.37
C SER J 193 -71.50 -47.35 -9.24
N SER J 194 -72.36 -47.26 -10.25
CA SER J 194 -72.41 -46.13 -11.17
C SER J 194 -73.86 -45.88 -11.61
N ARG J 195 -74.16 -44.64 -11.98
CA ARG J 195 -75.52 -44.21 -12.31
C ARG J 195 -75.52 -43.43 -13.63
N LEU J 196 -76.37 -43.85 -14.56
CA LEU J 196 -76.59 -43.12 -15.82
C LEU J 196 -78.02 -42.61 -15.83
N ARG J 197 -78.18 -41.29 -15.96
CA ARG J 197 -79.50 -40.65 -15.95
C ARG J 197 -79.80 -40.00 -17.30
N VAL J 198 -81.02 -40.19 -17.78
CA VAL J 198 -81.52 -39.62 -19.03
C VAL J 198 -82.98 -39.20 -18.88
N SER J 199 -83.51 -38.51 -19.88
CA SER J 199 -84.92 -38.09 -19.87
C SER J 199 -85.85 -39.31 -20.00
N ALA J 200 -87.09 -39.13 -19.55
CA ALA J 200 -88.11 -40.19 -19.61
C ALA J 200 -88.42 -40.60 -21.05
N THR J 201 -88.44 -39.62 -21.97
CA THR J 201 -88.68 -39.88 -23.39
C THR J 201 -87.60 -40.76 -24.02
N PHE J 202 -86.35 -40.59 -23.58
CA PHE J 202 -85.22 -41.35 -24.12
C PHE J 202 -85.21 -42.81 -23.66
N TRP J 203 -85.52 -43.04 -22.38
CA TRP J 203 -85.62 -44.41 -21.84
C TRP J 203 -86.78 -45.21 -22.45
N GLN J 204 -87.94 -44.56 -22.59
CA GLN J 204 -89.16 -45.24 -23.08
C GLN J 204 -89.08 -45.74 -24.54
N ASP J 205 -88.20 -45.15 -25.35
CA ASP J 205 -88.01 -45.55 -26.75
C ASP J 205 -87.28 -46.90 -26.85
N PRO J 206 -87.93 -47.95 -27.42
CA PRO J 206 -87.24 -49.25 -27.57
C PRO J 206 -86.07 -49.30 -28.57
N ARG J 207 -85.89 -48.26 -29.37
CA ARG J 207 -84.72 -48.13 -30.25
C ARG J 207 -83.40 -48.08 -29.48
N ASN J 208 -83.40 -47.39 -28.34
CA ASN J 208 -82.17 -47.11 -27.59
C ASN J 208 -81.67 -48.33 -26.82
N HIS J 209 -80.34 -48.50 -26.81
CA HIS J 209 -79.67 -49.67 -26.21
C HIS J 209 -78.57 -49.21 -25.24
N PHE J 210 -78.78 -49.50 -23.96
CA PHE J 210 -77.84 -49.11 -22.89
C PHE J 210 -76.93 -50.29 -22.52
N ARG J 211 -75.71 -49.99 -22.09
CA ARG J 211 -74.75 -51.02 -21.65
C ARG J 211 -73.76 -50.44 -20.64
N CYS J 212 -73.54 -51.19 -19.55
CA CYS J 212 -72.51 -50.88 -18.58
C CYS J 212 -71.31 -51.82 -18.78
N GLN J 213 -70.21 -51.25 -19.27
CA GLN J 213 -69.01 -52.01 -19.63
C GLN J 213 -67.93 -51.77 -18.57
N VAL J 214 -67.33 -52.86 -18.07
CA VAL J 214 -66.34 -52.79 -16.98
C VAL J 214 -65.07 -53.55 -17.37
N GLN J 215 -64.01 -52.81 -17.70
CA GLN J 215 -62.68 -53.39 -17.92
C GLN J 215 -62.11 -53.79 -16.56
N PHE J 216 -61.57 -55.01 -16.49
CA PHE J 216 -60.90 -55.52 -15.29
C PHE J 216 -59.49 -55.94 -15.66
N TYR J 217 -58.51 -55.55 -14.84
CA TYR J 217 -57.11 -55.91 -15.04
C TYR J 217 -56.68 -56.89 -13.92
N GLY J 218 -56.66 -58.17 -14.26
CA GLY J 218 -56.32 -59.24 -13.32
C GLY J 218 -54.92 -59.75 -13.54
N LEU J 219 -54.82 -61.03 -13.93
CA LEU J 219 -53.53 -61.69 -14.17
C LEU J 219 -53.13 -61.63 -15.65
N SER J 220 -51.83 -61.65 -15.89
CA SER J 220 -51.28 -61.70 -17.25
C SER J 220 -51.22 -63.15 -17.74
N GLU J 221 -50.88 -63.32 -19.01
CA GLU J 221 -50.76 -64.66 -19.62
C GLU J 221 -49.60 -65.49 -19.06
N ASN J 222 -48.56 -64.82 -18.54
CA ASN J 222 -47.38 -65.49 -17.99
C ASN J 222 -47.63 -66.17 -16.63
N ASP J 223 -48.62 -65.69 -15.88
CA ASP J 223 -48.87 -66.17 -14.50
C ASP J 223 -49.46 -67.58 -14.49
N GLU J 224 -48.95 -68.42 -13.59
CA GLU J 224 -49.43 -69.80 -13.44
C GLU J 224 -50.79 -69.84 -12.74
N TRP J 225 -51.55 -70.88 -13.04
CA TRP J 225 -52.89 -71.06 -12.49
C TRP J 225 -53.20 -72.56 -12.32
N THR J 226 -53.23 -73.02 -11.07
CA THR J 226 -53.45 -74.44 -10.76
C THR J 226 -54.91 -74.79 -10.42
N GLN J 227 -55.69 -73.81 -9.94
CA GLN J 227 -57.04 -74.07 -9.43
C GLN J 227 -58.07 -74.41 -10.51
N ASP J 228 -59.19 -74.99 -10.07
CA ASP J 228 -60.19 -75.58 -10.97
C ASP J 228 -61.00 -74.57 -11.78
N ARG J 229 -61.34 -73.44 -11.17
CA ARG J 229 -62.12 -72.40 -11.85
C ARG J 229 -61.31 -71.70 -12.95
N ALA J 230 -61.99 -70.86 -13.73
CA ALA J 230 -61.37 -70.15 -14.85
C ALA J 230 -60.32 -69.16 -14.36
N LYS J 231 -59.29 -68.95 -15.19
CA LYS J 231 -58.19 -68.03 -14.86
C LYS J 231 -58.70 -66.58 -14.87
N PRO J 232 -58.52 -65.84 -13.76
CA PRO J 232 -59.02 -64.47 -13.69
C PRO J 232 -58.10 -63.48 -14.41
N VAL J 233 -58.13 -63.54 -15.74
CA VAL J 233 -57.28 -62.71 -16.60
C VAL J 233 -57.93 -61.36 -16.86
N THR J 234 -57.20 -60.49 -17.57
CA THR J 234 -57.73 -59.20 -18.01
C THR J 234 -58.90 -59.44 -18.97
N GLN J 235 -60.05 -58.85 -18.65
CA GLN J 235 -61.27 -59.04 -19.43
C GLN J 235 -62.25 -57.88 -19.26
N ILE J 236 -63.27 -57.87 -20.11
CA ILE J 236 -64.32 -56.87 -20.08
C ILE J 236 -65.65 -57.58 -19.82
N VAL J 237 -66.25 -57.28 -18.68
CA VAL J 237 -67.55 -57.85 -18.29
C VAL J 237 -68.64 -56.80 -18.46
N SER J 238 -69.64 -57.12 -19.28
CA SER J 238 -70.72 -56.19 -19.62
C SER J 238 -72.06 -56.63 -19.06
N ALA J 239 -72.95 -55.64 -18.89
CA ALA J 239 -74.36 -55.88 -18.62
C ALA J 239 -75.16 -54.78 -19.33
N GLU J 240 -76.35 -55.11 -19.81
CA GLU J 240 -77.09 -54.24 -20.72
C GLU J 240 -78.61 -54.27 -20.51
N ALA J 241 -79.29 -53.31 -21.16
CA ALA J 241 -80.75 -53.20 -21.10
C ALA J 241 -81.30 -52.34 -22.24
N TRP J 242 -82.51 -52.66 -22.68
CA TRP J 242 -83.19 -51.96 -23.78
C TRP J 242 -84.36 -51.12 -23.28
N GLY J 243 -84.83 -50.21 -24.12
CA GLY J 243 -85.95 -49.33 -23.80
C GLY J 243 -87.30 -50.03 -23.84
N ARG J 244 -88.27 -49.47 -23.13
CA ARG J 244 -89.59 -50.10 -22.95
C ARG J 244 -90.63 -49.13 -22.37
N ALA J 245 -91.89 -49.34 -22.74
CA ALA J 245 -93.00 -48.51 -22.26
C ALA J 245 -94.31 -49.28 -22.29
N SER K 9 -10.31 -6.79 44.25
CA SER K 9 -10.71 -7.44 42.97
C SER K 9 -11.42 -8.77 43.20
N GLY K 10 -12.74 -8.79 42.98
CA GLY K 10 -13.53 -10.02 43.06
C GLY K 10 -13.41 -10.87 41.80
N PRO K 11 -13.93 -12.10 41.80
CA PRO K 11 -14.59 -12.72 42.96
C PRO K 11 -13.59 -13.39 43.90
N LEU K 12 -14.10 -14.02 44.96
CA LEU K 12 -13.28 -14.76 45.92
C LEU K 12 -13.99 -16.04 46.35
N SER K 13 -13.25 -17.14 46.42
CA SER K 13 -13.81 -18.46 46.73
C SER K 13 -13.10 -19.04 47.94
N VAL K 14 -13.87 -19.40 48.98
CA VAL K 14 -13.33 -19.86 50.26
C VAL K 14 -14.04 -21.14 50.74
N PRO K 15 -13.30 -22.13 51.30
CA PRO K 15 -13.97 -23.29 51.90
C PRO K 15 -14.75 -22.98 53.18
N GLU K 16 -15.71 -23.84 53.53
CA GLU K 16 -16.51 -23.67 54.75
C GLU K 16 -15.68 -23.93 56.00
N GLY K 17 -15.79 -23.04 56.98
CA GLY K 17 -15.01 -23.12 58.22
C GLY K 17 -13.60 -22.55 58.13
N ALA K 18 -13.27 -21.92 57.01
CA ALA K 18 -11.94 -21.32 56.79
C ALA K 18 -12.00 -19.81 56.95
N ILE K 19 -10.84 -19.22 57.23
CA ILE K 19 -10.72 -17.77 57.43
C ILE K 19 -10.70 -17.08 56.07
N ALA K 20 -11.73 -16.27 55.79
CA ALA K 20 -11.79 -15.45 54.58
C ALA K 20 -11.29 -14.05 54.90
N SER K 21 -10.36 -13.54 54.08
CA SER K 21 -9.79 -12.21 54.25
C SER K 21 -10.26 -11.28 53.14
N LEU K 22 -10.70 -10.08 53.52
CA LEU K 22 -11.10 -9.04 52.57
C LEU K 22 -10.34 -7.76 52.90
N ASN K 23 -9.79 -7.11 51.88
CA ASN K 23 -8.97 -5.90 52.04
C ASN K 23 -9.46 -4.79 51.11
N CYS K 24 -9.05 -3.56 51.39
CA CYS K 24 -9.56 -2.38 50.69
C CYS K 24 -8.74 -1.12 51.00
N THR K 25 -8.14 -0.52 49.97
CA THR K 25 -7.31 0.69 50.12
C THR K 25 -8.11 1.98 49.91
N TYR K 26 -7.49 3.10 50.29
CA TYR K 26 -8.08 4.43 50.06
C TYR K 26 -6.98 5.50 49.98
N SER K 27 -7.20 6.52 49.14
CA SER K 27 -6.19 7.55 48.88
C SER K 27 -6.16 8.64 49.95
N ASP K 28 -7.33 9.17 50.30
CA ASP K 28 -7.44 10.33 51.20
C ASP K 28 -7.22 9.92 52.66
N ARG K 29 -6.11 10.37 53.25
CA ARG K 29 -5.83 10.16 54.68
C ARG K 29 -6.75 10.94 55.61
N GLY K 30 -7.39 11.99 55.09
CA GLY K 30 -8.38 12.76 55.85
C GLY K 30 -9.70 12.05 56.16
N SER K 31 -9.87 10.82 55.68
CA SER K 31 -11.04 10.00 55.96
C SER K 31 -11.14 9.64 57.45
N GLN K 32 -12.31 9.87 58.04
CA GLN K 32 -12.51 9.68 59.49
C GLN K 32 -13.18 8.35 59.82
N SER K 33 -14.42 8.17 59.35
CA SER K 33 -15.18 6.96 59.63
C SER K 33 -15.04 5.96 58.47
N PHE K 34 -14.86 4.69 58.81
CA PHE K 34 -14.74 3.60 57.83
C PHE K 34 -15.77 2.52 58.13
N PHE K 35 -16.34 1.93 57.07
CA PHE K 35 -17.46 0.98 57.20
C PHE K 35 -17.29 -0.26 56.34
N TRP K 36 -17.96 -1.33 56.75
CA TRP K 36 -18.05 -2.59 55.97
C TRP K 36 -19.52 -2.97 55.80
N TYR K 37 -19.94 -3.11 54.54
CA TYR K 37 -21.33 -3.45 54.18
C TYR K 37 -21.42 -4.86 53.60
N ARG K 38 -22.64 -5.38 53.52
CA ARG K 38 -22.92 -6.71 52.97
C ARG K 38 -24.17 -6.69 52.10
N GLN K 39 -24.00 -7.03 50.82
CA GLN K 39 -25.09 -6.99 49.84
C GLN K 39 -25.34 -8.38 49.27
N TYR K 40 -26.44 -9.00 49.69
CA TYR K 40 -26.87 -10.28 49.14
C TYR K 40 -27.48 -10.10 47.75
N SER K 41 -27.68 -11.22 47.05
CA SER K 41 -28.22 -11.24 45.69
C SER K 41 -29.57 -10.52 45.60
N GLY K 42 -29.60 -9.38 44.92
CA GLY K 42 -30.82 -8.58 44.75
C GLY K 42 -31.33 -7.88 46.01
N LYS K 43 -30.49 -7.77 47.03
CA LYS K 43 -30.85 -7.15 48.31
C LYS K 43 -30.07 -5.86 48.47
N SER K 44 -30.47 -5.05 49.45
CA SER K 44 -29.80 -3.79 49.76
C SER K 44 -28.54 -4.03 50.59
N PRO K 45 -27.55 -3.13 50.50
CA PRO K 45 -26.40 -3.22 51.40
C PRO K 45 -26.79 -2.91 52.84
N GLU K 46 -26.35 -3.75 53.77
CA GLU K 46 -26.56 -3.53 55.21
C GLU K 46 -25.21 -3.47 55.91
N LEU K 47 -25.14 -2.69 56.99
CA LEU K 47 -23.89 -2.47 57.71
C LEU K 47 -23.53 -3.67 58.57
N ILE K 48 -22.32 -4.20 58.39
CA ILE K 48 -21.80 -5.28 59.25
C ILE K 48 -21.13 -4.61 60.44
N MET K 49 -20.16 -3.74 60.14
CA MET K 49 -19.32 -3.10 61.16
C MET K 49 -18.84 -1.73 60.72
N PHE K 50 -18.45 -0.92 61.72
CA PHE K 50 -17.83 0.38 61.50
C PHE K 50 -16.56 0.47 62.35
N ILE K 51 -15.60 1.26 61.87
CA ILE K 51 -14.33 1.42 62.58
C ILE K 51 -13.71 2.79 62.25
N TYR K 52 -12.96 3.32 63.22
CA TYR K 52 -12.34 4.65 63.08
C TYR K 52 -11.08 4.91 63.95
N SER K 53 -10.91 4.17 65.05
CA SER K 53 -9.62 4.05 65.73
C SER K 53 -8.72 3.00 65.04
N ASN K 54 -7.41 3.14 65.19
CA ASN K 54 -6.44 2.15 64.67
C ASN K 54 -6.53 0.83 65.42
N GLY K 55 -6.02 -0.23 64.78
CA GLY K 55 -6.02 -1.57 65.36
C GLY K 55 -7.25 -2.37 64.98
N ASP K 56 -7.49 -3.45 65.71
CA ASP K 56 -8.56 -4.41 65.41
C ASP K 56 -9.89 -4.04 66.07
N LYS K 57 -10.97 -4.70 65.63
CA LYS K 57 -12.29 -4.59 66.23
C LYS K 57 -13.10 -5.87 66.01
N GLU K 58 -13.22 -6.68 67.06
CA GLU K 58 -13.89 -7.98 66.99
C GLU K 58 -15.39 -7.84 67.30
N ASP K 59 -16.23 -8.55 66.53
CA ASP K 59 -17.67 -8.65 66.79
C ASP K 59 -18.16 -10.05 66.36
N GLY K 60 -17.94 -11.02 67.24
CA GLY K 60 -18.27 -12.41 66.95
C GLY K 60 -17.27 -13.02 65.99
N ARG K 61 -17.75 -13.57 64.88
CA ARG K 61 -16.89 -14.17 63.86
C ARG K 61 -16.16 -13.15 63.00
N PHE K 62 -16.78 -11.98 62.79
CA PHE K 62 -16.18 -10.89 62.01
C PHE K 62 -15.12 -10.18 62.84
N THR K 63 -14.02 -9.77 62.20
CA THR K 63 -12.96 -8.99 62.85
C THR K 63 -12.40 -7.94 61.88
N ALA K 64 -12.76 -6.67 62.10
CA ALA K 64 -12.30 -5.56 61.26
C ALA K 64 -10.98 -5.00 61.75
N GLN K 65 -10.23 -4.38 60.85
CA GLN K 65 -8.92 -3.80 61.15
C GLN K 65 -8.70 -2.55 60.29
N LEU K 66 -8.19 -1.49 60.91
CA LEU K 66 -7.85 -0.25 60.22
C LEU K 66 -6.38 0.07 60.49
N ASN K 67 -5.62 0.27 59.40
CA ASN K 67 -4.22 0.71 59.48
C ASN K 67 -4.15 2.06 58.75
N LYS K 68 -4.33 3.15 59.52
CA LYS K 68 -4.38 4.50 58.95
C LYS K 68 -2.99 5.04 58.54
N ALA K 69 -1.93 4.39 59.02
CA ALA K 69 -0.57 4.66 58.55
C ALA K 69 -0.35 4.14 57.13
N SER K 70 -0.73 2.87 56.91
CA SER K 70 -0.67 2.24 55.57
C SER K 70 -1.90 2.51 54.70
N GLN K 71 -2.88 3.23 55.23
CA GLN K 71 -4.17 3.53 54.58
C GLN K 71 -4.83 2.36 53.83
N TYR K 72 -5.26 1.38 54.61
CA TYR K 72 -6.13 0.30 54.16
C TYR K 72 -7.06 -0.13 55.29
N VAL K 73 -8.23 -0.64 54.93
CA VAL K 73 -9.13 -1.31 55.87
C VAL K 73 -9.25 -2.77 55.44
N SER K 74 -9.66 -3.62 56.37
CA SER K 74 -9.80 -5.04 56.09
C SER K 74 -10.81 -5.71 57.01
N LEU K 75 -11.46 -6.76 56.48
CA LEU K 75 -12.44 -7.55 57.19
C LEU K 75 -12.01 -9.01 57.17
N LEU K 76 -12.04 -9.66 58.33
CA LEU K 76 -11.59 -11.04 58.48
C LEU K 76 -12.76 -11.89 59.00
N ILE K 77 -13.34 -12.69 58.11
CA ILE K 77 -14.47 -13.55 58.46
C ILE K 77 -13.95 -14.92 58.89
N ARG K 78 -14.05 -15.20 60.18
CA ARG K 78 -13.52 -16.43 60.78
C ARG K 78 -14.60 -17.52 60.78
N ASP K 79 -14.21 -18.76 60.48
CA ASP K 79 -15.13 -19.92 60.51
C ASP K 79 -16.36 -19.69 59.62
N SER K 80 -16.12 -19.34 58.36
CA SER K 80 -17.16 -18.84 57.46
C SER K 80 -18.16 -19.93 57.04
N GLN K 81 -19.44 -19.56 56.99
CA GLN K 81 -20.53 -20.45 56.57
C GLN K 81 -21.03 -20.06 55.17
N PRO K 82 -21.85 -20.94 54.53
CA PRO K 82 -22.50 -20.58 53.26
C PRO K 82 -23.38 -19.32 53.31
N SER K 83 -23.97 -19.04 54.48
CA SER K 83 -24.77 -17.81 54.70
C SER K 83 -23.99 -16.50 54.48
N ASP K 84 -22.67 -16.55 54.69
CA ASP K 84 -21.80 -15.38 54.47
C ASP K 84 -21.61 -15.01 53.00
N SER K 85 -21.97 -15.89 52.06
CA SER K 85 -21.84 -15.62 50.63
C SER K 85 -22.60 -14.35 50.21
N ALA K 86 -21.84 -13.32 49.89
CA ALA K 86 -22.38 -12.03 49.44
C ALA K 86 -21.27 -11.21 48.76
N THR K 87 -21.62 -10.01 48.30
CA THR K 87 -20.64 -9.03 47.85
C THR K 87 -20.39 -8.02 48.98
N TYR K 88 -19.15 -7.96 49.46
CA TYR K 88 -18.79 -7.10 50.60
C TYR K 88 -18.21 -5.78 50.12
N LEU K 89 -18.70 -4.68 50.70
CA LEU K 89 -18.40 -3.31 50.26
C LEU K 89 -17.79 -2.48 51.38
N CYS K 90 -16.55 -2.04 51.20
CA CYS K 90 -15.94 -1.07 52.11
C CYS K 90 -16.40 0.34 51.76
N ALA K 91 -16.50 1.20 52.76
CA ALA K 91 -16.94 2.59 52.56
C ALA K 91 -16.31 3.52 53.59
N LEU K 92 -16.35 4.82 53.29
CA LEU K 92 -15.75 5.83 54.19
C LEU K 92 -16.33 7.23 53.97
N THR K 93 -16.12 8.09 54.97
CA THR K 93 -16.52 9.50 54.90
C THR K 93 -15.26 10.36 54.89
N ARG K 94 -15.18 11.31 53.94
CA ARG K 94 -14.02 12.22 53.82
C ARG K 94 -14.43 13.62 53.42
N GLY K 95 -13.51 14.56 53.61
CA GLY K 95 -13.74 15.98 53.31
C GLY K 95 -14.52 16.69 54.41
N PRO K 96 -14.81 17.99 54.22
CA PRO K 96 -15.59 18.75 55.20
C PRO K 96 -17.08 18.36 55.23
N GLY K 97 -17.66 18.11 54.06
CA GLY K 97 -19.06 17.66 53.96
C GLY K 97 -19.33 16.23 54.39
N ASN K 98 -18.27 15.41 54.47
CA ASN K 98 -18.36 13.98 54.84
C ASN K 98 -19.15 13.18 53.82
N GLN K 99 -18.70 13.23 52.57
CA GLN K 99 -19.32 12.48 51.46
C GLN K 99 -19.11 10.98 51.63
N PHE K 100 -20.00 10.22 51.00
CA PHE K 100 -20.03 8.77 51.15
C PHE K 100 -19.64 8.10 49.83
N TYR K 101 -18.55 7.34 49.85
CA TYR K 101 -18.05 6.62 48.67
C TYR K 101 -17.99 5.12 48.92
N PHE K 102 -18.15 4.36 47.83
CA PHE K 102 -18.13 2.90 47.86
C PHE K 102 -16.99 2.37 46.97
N GLY K 103 -16.60 1.13 47.23
CA GLY K 103 -15.75 0.37 46.30
C GLY K 103 -16.63 -0.41 45.33
N THR K 104 -16.00 -1.03 44.34
CA THR K 104 -16.71 -1.94 43.43
C THR K 104 -17.21 -3.18 44.17
N GLY K 105 -16.40 -3.67 45.12
CA GLY K 105 -16.77 -4.81 45.96
C GLY K 105 -16.10 -6.08 45.50
N THR K 106 -16.12 -7.09 46.37
CA THR K 106 -15.59 -8.42 46.08
C THR K 106 -16.69 -9.44 46.35
N SER K 107 -17.02 -10.23 45.33
CA SER K 107 -18.07 -11.25 45.43
C SER K 107 -17.52 -12.50 46.11
N LEU K 108 -17.91 -12.70 47.37
CA LEU K 108 -17.49 -13.88 48.14
C LEU K 108 -18.51 -15.00 48.00
N THR K 109 -18.01 -16.22 47.77
CA THR K 109 -18.82 -17.43 47.83
C THR K 109 -18.10 -18.45 48.72
N VAL K 110 -18.79 -18.90 49.77
CA VAL K 110 -18.25 -19.91 50.68
C VAL K 110 -18.71 -21.30 50.20
N ILE K 111 -17.74 -22.13 49.80
CA ILE K 111 -18.00 -23.46 49.27
C ILE K 111 -18.43 -24.39 50.41
N PRO K 112 -19.66 -24.93 50.36
CA PRO K 112 -20.16 -25.75 51.45
C PRO K 112 -19.51 -27.14 51.52
N ASN K 113 -19.11 -27.55 52.73
CA ASN K 113 -18.54 -28.87 52.94
C ASN K 113 -19.67 -29.90 53.02
N ILE K 114 -19.71 -30.81 52.03
CA ILE K 114 -20.65 -31.93 52.03
C ILE K 114 -19.88 -33.19 52.44
N GLN K 115 -19.93 -33.50 53.73
CA GLN K 115 -19.15 -34.61 54.31
C GLN K 115 -19.68 -36.01 53.98
N ASN K 116 -20.91 -36.13 53.47
CA ASN K 116 -21.47 -37.40 53.02
C ASN K 116 -22.13 -37.25 51.64
N PRO K 117 -21.32 -37.34 50.56
CA PRO K 117 -21.89 -37.31 49.20
C PRO K 117 -22.69 -38.57 48.88
N ASP K 118 -23.76 -38.40 48.11
CA ASP K 118 -24.59 -39.52 47.66
C ASP K 118 -25.27 -39.14 46.33
N PRO K 119 -24.46 -38.89 45.27
CA PRO K 119 -24.98 -38.34 44.01
C PRO K 119 -26.06 -39.22 43.38
N ALA K 120 -27.14 -38.60 42.90
CA ALA K 120 -28.28 -39.33 42.36
C ALA K 120 -29.13 -38.45 41.44
N VAL K 121 -29.53 -39.01 40.29
CA VAL K 121 -30.38 -38.32 39.33
C VAL K 121 -31.78 -38.94 39.39
N TYR K 122 -32.70 -38.23 40.05
CA TYR K 122 -34.08 -38.68 40.24
C TYR K 122 -35.03 -38.07 39.22
N GLN K 123 -36.25 -38.63 39.14
CA GLN K 123 -37.30 -38.16 38.21
C GLN K 123 -38.55 -37.75 39.00
N LEU K 124 -39.23 -36.71 38.51
CA LEU K 124 -40.37 -36.08 39.21
C LEU K 124 -41.50 -35.77 38.24
N ARG K 125 -42.75 -35.75 38.74
CA ARG K 125 -43.95 -35.59 37.89
C ARG K 125 -44.88 -34.50 38.43
N SER K 133 -42.55 -33.34 33.13
CA SER K 133 -41.54 -34.18 33.78
C SER K 133 -40.21 -33.44 33.90
N VAL K 134 -39.52 -33.64 35.03
CA VAL K 134 -38.29 -32.90 35.35
C VAL K 134 -37.30 -33.77 36.14
N CYS K 135 -36.01 -33.64 35.82
CA CYS K 135 -34.94 -34.45 36.43
C CYS K 135 -34.17 -33.66 37.49
N LEU K 136 -34.13 -34.18 38.72
CA LEU K 136 -33.39 -33.57 39.83
C LEU K 136 -32.07 -34.31 40.05
N PHE K 137 -30.95 -33.60 39.91
CA PHE K 137 -29.63 -34.13 40.23
C PHE K 137 -29.18 -33.50 41.55
N THR K 138 -29.01 -34.33 42.58
CA THR K 138 -28.75 -33.83 43.95
C THR K 138 -27.81 -34.71 44.78
N ASP K 139 -27.45 -34.18 45.97
CA ASP K 139 -26.55 -34.84 46.94
C ASP K 139 -25.12 -35.10 46.41
N PHE K 140 -24.58 -34.13 45.69
CA PHE K 140 -23.22 -34.22 45.14
C PHE K 140 -22.33 -33.15 45.76
N ASP K 141 -21.06 -33.48 45.99
CA ASP K 141 -20.12 -32.56 46.65
C ASP K 141 -19.72 -31.39 45.75
N SER K 142 -19.13 -30.37 46.37
CA SER K 142 -18.88 -29.09 45.70
C SER K 142 -17.72 -29.08 44.68
N GLN K 143 -16.99 -30.19 44.57
CA GLN K 143 -16.00 -30.36 43.50
C GLN K 143 -16.68 -30.37 42.12
N THR K 144 -17.80 -31.09 42.01
CA THR K 144 -18.57 -31.20 40.76
C THR K 144 -19.34 -29.91 40.47
N ASN K 145 -19.44 -29.56 39.19
CA ASN K 145 -20.24 -28.42 38.72
C ASN K 145 -20.88 -28.73 37.36
N VAL K 146 -22.09 -28.19 37.16
CA VAL K 146 -22.93 -28.54 35.99
C VAL K 146 -22.58 -27.74 34.73
N SER K 147 -23.18 -28.16 33.61
CA SER K 147 -23.03 -27.48 32.32
C SER K 147 -24.32 -27.63 31.51
N GLN K 148 -24.69 -26.58 30.78
CA GLN K 148 -26.02 -26.46 30.16
C GLN K 148 -26.10 -26.69 28.64
N SER K 149 -24.95 -26.71 27.95
CA SER K 149 -24.93 -26.83 26.48
C SER K 149 -25.34 -28.23 25.99
N LYS K 150 -26.64 -28.49 26.00
CA LYS K 150 -27.22 -29.77 25.56
C LYS K 150 -28.01 -29.54 24.26
N ASP K 151 -29.06 -28.73 24.34
CA ASP K 151 -29.94 -28.45 23.20
C ASP K 151 -30.65 -27.11 23.39
N SER K 152 -31.37 -26.68 22.37
CA SER K 152 -32.28 -25.53 22.45
C SER K 152 -33.49 -25.87 23.32
N ASP K 153 -34.04 -27.07 23.13
CA ASP K 153 -35.23 -27.53 23.86
C ASP K 153 -34.95 -27.88 25.32
N VAL K 154 -33.75 -28.40 25.61
CA VAL K 154 -33.37 -28.80 26.96
C VAL K 154 -32.81 -27.61 27.76
N TYR K 155 -33.27 -27.46 29.01
CA TYR K 155 -32.77 -26.43 29.93
C TYR K 155 -32.13 -27.11 31.13
N ILE K 156 -31.04 -26.52 31.65
CA ILE K 156 -30.33 -27.04 32.83
C ILE K 156 -29.89 -25.85 33.70
N THR K 157 -30.30 -25.87 34.98
CA THR K 157 -29.98 -24.80 35.93
C THR K 157 -28.64 -25.03 36.61
N ASP K 158 -28.15 -23.99 37.30
CA ASP K 158 -26.88 -24.05 38.01
C ASP K 158 -27.05 -24.72 39.38
N LYS K 159 -25.97 -24.79 40.17
CA LYS K 159 -26.01 -25.37 41.51
C LYS K 159 -26.84 -24.53 42.48
N CYS K 160 -27.28 -25.16 43.57
CA CYS K 160 -28.12 -24.53 44.59
C CYS K 160 -27.88 -25.21 45.93
N VAL K 161 -27.36 -24.47 46.90
CA VAL K 161 -27.01 -25.01 48.22
C VAL K 161 -28.19 -24.85 49.18
N LEU K 162 -28.93 -25.93 49.41
CA LEU K 162 -30.03 -25.95 50.38
C LEU K 162 -29.49 -26.39 51.74
N ASP K 163 -30.06 -25.87 52.82
CA ASP K 163 -29.60 -26.15 54.19
C ASP K 163 -30.78 -26.51 55.09
N MET K 164 -30.94 -27.80 55.38
CA MET K 164 -31.96 -28.28 56.30
C MET K 164 -31.47 -28.05 57.72
N ARG K 165 -31.95 -26.96 58.32
CA ARG K 165 -31.46 -26.49 59.62
C ARG K 165 -31.80 -27.44 60.79
N SER K 166 -32.95 -28.12 60.69
CA SER K 166 -33.39 -29.04 61.74
C SER K 166 -32.49 -30.27 61.85
N MET K 167 -32.29 -30.95 60.73
CA MET K 167 -31.50 -32.19 60.67
C MET K 167 -29.99 -31.99 60.48
N ASP K 168 -29.56 -30.76 60.21
CA ASP K 168 -28.13 -30.41 59.99
C ASP K 168 -27.57 -31.17 58.78
N PHE K 169 -27.89 -30.68 57.59
CA PHE K 169 -27.58 -31.37 56.33
C PHE K 169 -27.60 -30.40 55.16
N LYS K 170 -26.44 -30.22 54.52
CA LYS K 170 -26.35 -29.50 53.25
C LYS K 170 -26.62 -30.46 52.08
N SER K 171 -27.03 -29.89 50.95
CA SER K 171 -27.37 -30.68 49.76
C SER K 171 -27.37 -29.81 48.49
N ASN K 172 -26.30 -29.92 47.70
CA ASN K 172 -26.23 -29.24 46.40
C ASN K 172 -27.12 -29.96 45.40
N SER K 173 -28.11 -29.23 44.86
CA SER K 173 -29.05 -29.78 43.87
C SER K 173 -28.96 -29.04 42.54
N ALA K 174 -29.53 -29.64 41.50
CA ALA K 174 -29.55 -29.07 40.15
C ALA K 174 -30.70 -29.68 39.34
N VAL K 175 -31.41 -28.83 38.61
CA VAL K 175 -32.66 -29.19 37.92
C VAL K 175 -32.47 -29.14 36.41
N ALA K 176 -33.17 -30.02 35.68
CA ALA K 176 -33.12 -30.04 34.22
C ALA K 176 -34.40 -30.63 33.60
N TRP K 177 -34.90 -29.99 32.55
CA TRP K 177 -36.13 -30.40 31.86
C TRP K 177 -36.13 -30.00 30.38
N SER K 178 -36.90 -30.73 29.57
CA SER K 178 -37.11 -30.39 28.16
C SER K 178 -38.57 -30.01 27.93
N ASN K 179 -38.81 -29.08 27.00
CA ASN K 179 -40.16 -28.58 26.72
C ASN K 179 -41.00 -29.66 26.05
N LYS K 180 -40.49 -30.20 24.95
CA LYS K 180 -41.12 -31.32 24.23
C LYS K 180 -40.05 -32.17 23.54
N SER K 181 -39.92 -33.43 23.99
CA SER K 181 -38.97 -34.37 23.40
C SER K 181 -39.27 -35.81 23.83
N ASP K 182 -38.47 -36.75 23.32
CA ASP K 182 -38.35 -38.09 23.91
C ASP K 182 -37.12 -38.05 24.81
N PHE K 183 -37.24 -37.27 25.87
CA PHE K 183 -36.10 -36.85 26.69
C PHE K 183 -35.60 -37.97 27.60
N ALA K 184 -34.37 -38.44 27.35
CA ALA K 184 -33.70 -39.39 28.22
C ALA K 184 -33.22 -38.68 29.48
N CYS K 185 -33.85 -38.99 30.62
CA CYS K 185 -33.50 -38.40 31.91
C CYS K 185 -32.11 -38.85 32.40
N ALA K 186 -31.72 -40.07 32.05
CA ALA K 186 -30.36 -40.57 32.31
C ALA K 186 -29.30 -39.79 31.53
N ASN K 187 -29.64 -39.37 30.31
CA ASN K 187 -28.74 -38.57 29.45
C ASN K 187 -29.12 -37.08 29.45
N ALA K 188 -29.30 -36.53 30.65
CA ALA K 188 -29.62 -35.10 30.83
C ALA K 188 -28.36 -34.32 31.21
N PHE K 189 -27.70 -34.76 32.28
CA PHE K 189 -26.46 -34.16 32.76
C PHE K 189 -25.23 -34.91 32.24
N ASN K 190 -25.21 -35.17 30.93
CA ASN K 190 -24.10 -35.88 30.27
C ASN K 190 -23.17 -34.93 29.50
N ASN K 191 -23.31 -33.62 29.76
CA ASN K 191 -22.42 -32.60 29.21
C ASN K 191 -21.29 -32.33 30.21
N SER K 192 -21.67 -32.04 31.46
CA SER K 192 -20.72 -31.82 32.55
C SER K 192 -20.13 -33.13 33.07
N ILE K 193 -18.93 -33.05 33.62
CA ILE K 193 -18.21 -34.22 34.15
C ILE K 193 -18.79 -34.55 35.54
N ILE K 194 -19.87 -35.33 35.53
CA ILE K 194 -20.54 -35.81 36.75
C ILE K 194 -19.82 -37.06 37.29
N PRO K 195 -19.97 -37.36 38.60
CA PRO K 195 -19.19 -38.47 39.19
C PRO K 195 -19.58 -39.86 38.69
N GLU K 196 -18.63 -40.79 38.72
CA GLU K 196 -18.85 -42.17 38.26
C GLU K 196 -19.78 -42.96 39.19
N ASP K 197 -19.84 -42.58 40.47
CA ASP K 197 -20.66 -43.27 41.48
C ASP K 197 -22.04 -42.61 41.68
N THR K 198 -22.73 -42.32 40.57
CA THR K 198 -24.06 -41.70 40.60
C THR K 198 -25.15 -42.79 40.62
N PHE K 199 -26.17 -42.57 41.44
CA PHE K 199 -27.28 -43.52 41.62
C PHE K 199 -28.41 -43.23 40.62
N PHE K 200 -28.47 -44.04 39.56
CA PHE K 200 -29.56 -43.98 38.58
C PHE K 200 -30.55 -45.12 38.84
N PRO K 201 -31.73 -44.81 39.42
CA PRO K 201 -32.68 -45.86 39.81
C PRO K 201 -33.39 -46.51 38.61
N SER K 202 -33.53 -47.84 38.67
CA SER K 202 -34.13 -48.62 37.58
C SER K 202 -35.38 -49.33 38.07
N ALA L 3 -39.20 5.49 59.79
CA ALA L 3 -38.22 4.57 60.43
C ALA L 3 -37.02 4.32 59.51
N GLY L 4 -37.30 3.81 58.30
CA GLY L 4 -36.27 3.53 57.30
C GLY L 4 -36.48 4.31 56.01
N VAL L 5 -35.61 4.07 55.04
CA VAL L 5 -35.72 4.66 53.71
C VAL L 5 -36.68 3.82 52.87
N SER L 6 -37.53 4.49 52.10
CA SER L 6 -38.64 3.85 51.38
C SER L 6 -38.74 4.38 49.94
N GLN L 7 -38.30 3.58 48.98
CA GLN L 7 -38.37 3.93 47.56
C GLN L 7 -39.62 3.36 46.90
N SER L 8 -40.13 4.07 45.90
CA SER L 8 -41.25 3.61 45.09
C SER L 8 -41.13 4.10 43.64
N PRO L 9 -41.56 3.31 42.64
CA PRO L 9 -42.13 1.97 42.82
C PRO L 9 -41.05 0.91 43.08
N ARG L 10 -41.49 -0.27 43.52
CA ARG L 10 -40.56 -1.35 43.89
C ARG L 10 -39.95 -1.98 42.63
N TYR L 11 -40.82 -2.30 41.67
CA TYR L 11 -40.42 -2.71 40.32
C TYR L 11 -41.10 -1.79 39.32
N LYS L 12 -40.57 -1.73 38.09
CA LYS L 12 -41.16 -0.88 37.06
C LYS L 12 -40.86 -1.38 35.64
N VAL L 13 -41.92 -1.49 34.84
CA VAL L 13 -41.83 -1.77 33.42
C VAL L 13 -42.25 -0.50 32.67
N THR L 14 -41.47 -0.11 31.66
CA THR L 14 -41.75 1.10 30.88
C THR L 14 -41.44 0.88 29.41
N LYS L 15 -42.29 1.46 28.53
CA LYS L 15 -42.08 1.39 27.09
C LYS L 15 -40.92 2.33 26.70
N ARG L 16 -40.15 1.91 25.70
CA ARG L 16 -38.95 2.64 25.28
C ARG L 16 -39.34 3.97 24.63
N GLY L 17 -38.85 5.07 25.19
CA GLY L 17 -39.20 6.42 24.74
C GLY L 17 -40.10 7.21 25.69
N GLN L 18 -40.71 6.54 26.66
CA GLN L 18 -41.50 7.19 27.70
C GLN L 18 -40.66 7.51 28.94
N ASP L 19 -41.20 8.36 29.81
CA ASP L 19 -40.49 8.84 31.00
C ASP L 19 -40.76 7.96 32.22
N VAL L 20 -39.90 8.10 33.23
CA VAL L 20 -40.07 7.44 34.54
C VAL L 20 -39.60 8.35 35.67
N ALA L 21 -40.29 8.26 36.81
CA ALA L 21 -39.94 9.02 38.01
C ALA L 21 -39.73 8.05 39.16
N LEU L 22 -38.50 7.97 39.66
CA LEU L 22 -38.14 7.09 40.78
C LEU L 22 -38.11 7.88 42.09
N ARG L 23 -39.05 7.59 42.97
CA ARG L 23 -39.18 8.26 44.27
C ARG L 23 -38.18 7.68 45.28
N CYS L 24 -37.75 8.52 46.21
CA CYS L 24 -36.90 8.12 47.34
C CYS L 24 -37.29 8.96 48.56
N ASP L 25 -37.93 8.32 49.54
CA ASP L 25 -38.38 8.96 50.78
C ASP L 25 -37.37 8.62 51.89
N PRO L 26 -36.51 9.59 52.27
CA PRO L 26 -35.44 9.30 53.23
C PRO L 26 -35.89 9.32 54.69
N ILE L 27 -34.96 9.06 55.59
CA ILE L 27 -35.21 9.11 57.04
C ILE L 27 -35.36 10.57 57.45
N SER L 28 -36.21 10.82 58.44
CA SER L 28 -36.49 12.18 58.93
C SER L 28 -35.22 12.90 59.41
N GLY L 29 -35.02 14.11 58.91
CA GLY L 29 -33.91 14.95 59.36
C GLY L 29 -32.52 14.51 58.93
N HIS L 30 -32.44 13.69 57.88
CA HIS L 30 -31.15 13.29 57.31
C HIS L 30 -30.72 14.35 56.28
N VAL L 31 -29.55 14.93 56.50
CA VAL L 31 -29.07 16.05 55.67
C VAL L 31 -28.70 15.58 54.26
N SER L 32 -27.89 14.51 54.18
CA SER L 32 -27.43 13.97 52.91
C SER L 32 -28.39 12.92 52.33
N LEU L 33 -28.48 12.90 51.00
CA LEU L 33 -29.27 11.89 50.26
C LEU L 33 -28.53 11.54 48.98
N TYR L 34 -28.30 10.24 48.76
CA TYR L 34 -27.50 9.73 47.63
C TYR L 34 -28.35 8.93 46.65
N TRP L 35 -27.93 8.91 45.39
CA TRP L 35 -28.53 8.06 44.35
C TRP L 35 -27.45 7.17 43.73
N TYR L 36 -27.81 5.91 43.47
CA TYR L 36 -26.92 4.95 42.80
C TYR L 36 -27.70 4.12 41.78
N ARG L 37 -26.99 3.60 40.78
CA ARG L 37 -27.53 2.52 39.92
C ARG L 37 -26.56 1.34 39.93
N GLN L 38 -27.10 0.14 39.73
CA GLN L 38 -26.35 -1.10 39.89
C GLN L 38 -26.72 -2.08 38.78
N ALA L 39 -25.78 -2.34 37.87
CA ALA L 39 -25.97 -3.31 36.80
C ALA L 39 -25.85 -4.74 37.35
N LEU L 40 -26.19 -5.72 36.52
CA LEU L 40 -26.19 -7.13 36.96
C LEU L 40 -24.77 -7.64 37.22
N GLY L 41 -24.50 -7.97 38.49
CA GLY L 41 -23.19 -8.45 38.92
C GLY L 41 -22.12 -7.37 38.93
N GLN L 42 -22.48 -6.18 39.45
CA GLN L 42 -21.57 -5.04 39.53
C GLN L 42 -21.84 -4.21 40.80
N GLY L 43 -20.86 -3.40 41.19
CA GLY L 43 -20.95 -2.56 42.38
C GLY L 43 -21.87 -1.35 42.17
N PRO L 44 -22.29 -0.70 43.28
CA PRO L 44 -23.17 0.47 43.11
C PRO L 44 -22.43 1.66 42.47
N GLU L 45 -22.85 2.02 41.28
CA GLU L 45 -22.31 3.19 40.57
C GLU L 45 -22.94 4.46 41.15
N PHE L 46 -22.09 5.42 41.53
CA PHE L 46 -22.51 6.74 42.00
C PHE L 46 -23.24 7.49 40.88
N LEU L 47 -24.31 8.20 41.23
CA LEU L 47 -25.04 9.04 40.28
C LEU L 47 -24.98 10.51 40.69
N THR L 48 -25.55 10.83 41.85
CA THR L 48 -25.58 12.20 42.37
C THR L 48 -25.99 12.19 43.83
N TYR L 49 -25.79 13.32 44.51
CA TYR L 49 -26.25 13.46 45.90
C TYR L 49 -26.58 14.91 46.28
N PHE L 50 -27.35 15.06 47.35
CA PHE L 50 -27.84 16.36 47.83
C PHE L 50 -27.38 16.60 49.26
N ASN L 51 -27.13 17.87 49.59
CA ASN L 51 -27.01 18.33 50.98
C ASN L 51 -28.14 19.30 51.22
N TYR L 52 -29.02 18.97 52.16
CA TYR L 52 -30.29 19.67 52.35
C TYR L 52 -31.03 19.73 51.01
N GLU L 53 -31.16 20.93 50.42
CA GLU L 53 -31.93 21.15 49.21
C GLU L 53 -31.06 21.12 47.94
N ALA L 54 -29.78 21.46 48.09
CA ALA L 54 -28.88 21.72 46.95
C ALA L 54 -28.18 20.48 46.44
N GLN L 55 -28.24 20.26 45.12
CA GLN L 55 -27.56 19.14 44.47
C GLN L 55 -26.07 19.47 44.30
N GLN L 56 -25.23 18.75 45.03
CA GLN L 56 -23.77 18.94 45.00
C GLN L 56 -23.12 17.68 44.46
N ASP L 57 -22.21 17.82 43.49
CA ASP L 57 -21.56 16.67 42.82
C ASP L 57 -22.57 15.74 42.14
N LYS L 58 -22.91 16.07 40.90
CA LYS L 58 -23.77 15.24 40.05
C LYS L 58 -22.97 14.69 38.86
N SER L 59 -21.73 14.29 39.13
CA SER L 59 -20.80 13.82 38.11
C SER L 59 -21.09 12.40 37.64
N GLY L 60 -21.75 11.62 38.49
CA GLY L 60 -22.13 10.24 38.18
C GLY L 60 -23.27 10.07 37.17
N LEU L 61 -24.01 11.15 36.90
CA LEU L 61 -25.10 11.10 35.91
C LEU L 61 -24.56 10.80 34.50
N PRO L 62 -25.15 9.81 33.81
CA PRO L 62 -24.63 9.41 32.49
C PRO L 62 -24.86 10.42 31.37
N ASN L 63 -26.02 11.08 31.35
CA ASN L 63 -26.34 12.07 30.31
C ASN L 63 -27.47 13.03 30.73
N ASP L 64 -27.72 14.05 29.91
CA ASP L 64 -28.72 15.10 30.24
C ASP L 64 -30.19 14.65 30.33
N ARG L 65 -30.51 13.43 29.85
CA ARG L 65 -31.84 12.85 30.06
C ARG L 65 -32.10 12.48 31.52
N PHE L 66 -31.04 12.14 32.25
CA PHE L 66 -31.11 11.86 33.69
C PHE L 66 -31.08 13.18 34.46
N SER L 67 -31.99 13.31 35.43
CA SER L 67 -32.03 14.49 36.30
C SER L 67 -32.64 14.12 37.64
N ALA L 68 -32.30 14.88 38.67
CA ALA L 68 -32.81 14.66 40.02
C ALA L 68 -33.12 15.98 40.71
N GLU L 69 -34.09 15.93 41.63
CA GLU L 69 -34.43 17.08 42.47
C GLU L 69 -34.67 16.64 43.91
N ARG L 70 -34.75 17.63 44.79
CA ARG L 70 -35.09 17.42 46.20
C ARG L 70 -35.62 18.76 46.75
N PRO L 71 -36.80 19.20 46.24
CA PRO L 71 -37.30 20.57 46.42
C PRO L 71 -37.64 20.96 47.87
N GLU L 72 -38.13 20.00 48.64
CA GLU L 72 -38.48 20.23 50.05
C GLU L 72 -37.31 19.96 51.00
N GLY L 73 -36.19 19.48 50.47
CA GLY L 73 -35.05 19.05 51.27
C GLY L 73 -35.21 17.67 51.90
N SER L 74 -36.22 16.91 51.45
CA SER L 74 -36.52 15.59 51.99
C SER L 74 -36.71 14.60 50.85
N ILE L 75 -37.93 14.50 50.30
CA ILE L 75 -38.24 13.48 49.28
C ILE L 75 -37.56 13.85 47.96
N SER L 76 -36.68 12.96 47.48
CA SER L 76 -35.97 13.16 46.22
C SER L 76 -36.59 12.32 45.12
N THR L 77 -36.52 12.83 43.88
CA THR L 77 -37.12 12.16 42.72
C THR L 77 -36.14 12.17 41.53
N LEU L 78 -35.63 10.98 41.19
CA LEU L 78 -34.78 10.80 40.01
C LEU L 78 -35.68 10.55 38.80
N THR L 79 -35.57 11.41 37.79
CA THR L 79 -36.43 11.37 36.60
C THR L 79 -35.58 11.11 35.36
N ILE L 80 -35.92 10.06 34.62
CA ILE L 80 -35.27 9.73 33.35
C ILE L 80 -36.26 9.99 32.23
N GLN L 81 -35.98 10.99 31.40
CA GLN L 81 -36.83 11.33 30.25
C GLN L 81 -36.41 10.51 29.04
N ARG L 82 -37.39 10.10 28.23
CA ARG L 82 -37.14 9.33 27.00
C ARG L 82 -36.22 8.12 27.22
N THR L 83 -36.77 7.10 27.88
CA THR L 83 -35.98 5.94 28.30
C THR L 83 -35.49 5.08 27.13
N GLU L 84 -34.41 4.35 27.40
CA GLU L 84 -33.83 3.40 26.44
C GLU L 84 -33.55 2.07 27.15
N GLN L 85 -33.36 1.01 26.37
CA GLN L 85 -33.12 -0.34 26.92
C GLN L 85 -31.83 -0.43 27.75
N ARG L 86 -30.82 0.35 27.38
CA ARG L 86 -29.55 0.42 28.13
C ARG L 86 -29.65 1.06 29.53
N ASP L 87 -30.73 1.82 29.78
CA ASP L 87 -30.99 2.42 31.11
C ASP L 87 -31.51 1.43 32.16
N SER L 88 -31.92 0.23 31.75
CA SER L 88 -32.48 -0.78 32.67
C SER L 88 -31.45 -1.21 33.72
N ALA L 89 -31.72 -0.90 34.99
CA ALA L 89 -30.82 -1.22 36.10
C ALA L 89 -31.54 -1.18 37.44
N MET L 90 -30.81 -1.54 38.51
CA MET L 90 -31.30 -1.49 39.88
C MET L 90 -30.90 -0.15 40.49
N TYR L 91 -31.86 0.77 40.61
CA TYR L 91 -31.60 2.12 41.13
C TYR L 91 -31.86 2.20 42.63
N ARG L 92 -30.78 2.36 43.40
CA ARG L 92 -30.87 2.49 44.87
C ARG L 92 -30.67 3.93 45.30
N CYS L 93 -31.24 4.29 46.46
CA CYS L 93 -30.98 5.56 47.12
C CYS L 93 -30.65 5.31 48.59
N ALA L 94 -30.02 6.30 49.22
CA ALA L 94 -29.62 6.18 50.61
C ALA L 94 -29.44 7.55 51.24
N SER L 95 -29.65 7.63 52.56
CA SER L 95 -29.51 8.87 53.32
C SER L 95 -28.53 8.70 54.46
N SER L 96 -27.96 9.81 54.91
CA SER L 96 -27.03 9.81 56.05
C SER L 96 -27.05 11.16 56.78
N SER L 97 -26.29 11.23 57.87
CA SER L 97 -26.12 12.45 58.68
C SER L 97 -27.42 12.95 59.33
N PRO L 98 -27.93 12.22 60.34
CA PRO L 98 -29.10 12.68 61.09
C PRO L 98 -28.75 13.87 61.98
N GLY L 99 -28.95 15.08 61.45
CA GLY L 99 -28.58 16.32 62.13
C GLY L 99 -27.28 16.95 61.61
N GLY L 100 -26.34 16.12 61.15
CA GLY L 100 -25.04 16.61 60.70
C GLY L 100 -23.87 15.65 60.90
N VAL L 101 -23.92 14.85 61.96
CA VAL L 101 -22.81 13.93 62.30
C VAL L 101 -22.61 12.83 61.25
N SER L 102 -21.35 12.55 60.91
CA SER L 102 -21.01 11.62 59.82
C SER L 102 -21.28 10.16 60.17
N THR L 103 -22.52 9.74 59.94
CA THR L 103 -22.94 8.36 60.17
C THR L 103 -22.86 7.55 58.90
N GLU L 104 -23.09 6.25 59.03
CA GLU L 104 -23.26 5.35 57.90
C GLU L 104 -24.44 5.75 57.02
N ALA L 105 -24.42 5.28 55.78
CA ALA L 105 -25.53 5.49 54.85
C ALA L 105 -26.54 4.37 55.07
N PHE L 106 -27.81 4.74 55.14
CA PHE L 106 -28.91 3.80 55.26
C PHE L 106 -29.57 3.65 53.90
N PHE L 107 -29.58 2.44 53.37
CA PHE L 107 -30.05 2.17 52.01
C PHE L 107 -31.52 1.79 51.96
N GLY L 108 -32.18 2.14 50.86
CA GLY L 108 -33.56 1.73 50.59
C GLY L 108 -33.62 0.40 49.87
N GLN L 109 -34.82 -0.14 49.74
CA GLN L 109 -35.03 -1.44 49.07
C GLN L 109 -34.72 -1.42 47.56
N GLY L 110 -34.72 -0.24 46.95
CA GLY L 110 -34.29 -0.07 45.56
C GLY L 110 -35.44 -0.22 44.57
N THR L 111 -35.22 0.30 43.37
CA THR L 111 -36.20 0.26 42.29
C THR L 111 -35.62 -0.50 41.10
N ARG L 112 -36.19 -1.68 40.82
CA ARG L 112 -35.83 -2.47 39.63
C ARG L 112 -36.55 -1.89 38.42
N LEU L 113 -35.79 -1.20 37.56
CA LEU L 113 -36.34 -0.63 36.32
C LEU L 113 -35.91 -1.48 35.13
N THR L 114 -36.89 -1.88 34.32
CA THR L 114 -36.65 -2.60 33.07
C THR L 114 -37.39 -1.89 31.94
N VAL L 115 -36.62 -1.29 31.04
CA VAL L 115 -37.18 -0.61 29.86
C VAL L 115 -37.34 -1.65 28.76
N VAL L 116 -38.58 -1.89 28.35
CA VAL L 116 -38.91 -2.86 27.31
C VAL L 116 -39.29 -2.12 26.03
N GLU L 117 -38.99 -2.72 24.88
CA GLU L 117 -39.28 -2.13 23.58
C GLU L 117 -40.78 -2.14 23.28
N ASP L 118 -41.39 -3.31 23.40
CA ASP L 118 -42.83 -3.49 23.17
C ASP L 118 -43.46 -4.09 24.43
N LEU L 119 -44.58 -3.51 24.86
CA LEU L 119 -45.32 -3.98 26.04
C LEU L 119 -45.98 -5.35 25.84
N ASN L 120 -46.19 -5.74 24.58
CA ASN L 120 -46.75 -7.06 24.24
C ASN L 120 -45.81 -8.24 24.55
N LYS L 121 -44.51 -7.96 24.72
CA LYS L 121 -43.53 -8.99 25.10
C LYS L 121 -43.54 -9.32 26.60
N VAL L 122 -44.30 -8.56 27.40
CA VAL L 122 -44.44 -8.81 28.84
C VAL L 122 -45.39 -9.98 29.07
N PHE L 123 -44.96 -10.96 29.87
CA PHE L 123 -45.79 -12.12 30.24
C PHE L 123 -45.63 -12.47 31.72
N PRO L 124 -46.70 -12.97 32.38
CA PRO L 124 -46.59 -13.47 33.74
C PRO L 124 -46.13 -14.94 33.77
N PRO L 125 -45.69 -15.44 34.95
CA PRO L 125 -45.13 -16.78 35.04
C PRO L 125 -46.17 -17.88 35.19
N GLU L 126 -45.99 -18.98 34.44
CA GLU L 126 -46.76 -20.20 34.66
C GLU L 126 -46.00 -21.04 35.67
N VAL L 127 -46.59 -21.21 36.87
CA VAL L 127 -45.94 -21.93 37.98
C VAL L 127 -46.46 -23.37 38.02
N ALA L 128 -45.58 -24.30 38.44
CA ALA L 128 -45.93 -25.72 38.52
C ALA L 128 -45.04 -26.46 39.53
N VAL L 129 -45.69 -27.13 40.50
CA VAL L 129 -44.99 -27.94 41.50
C VAL L 129 -44.83 -29.37 40.98
N PHE L 130 -43.66 -29.95 41.19
CA PHE L 130 -43.37 -31.33 40.83
C PHE L 130 -43.09 -32.13 42.10
N GLU L 131 -43.79 -33.26 42.25
CA GLU L 131 -43.78 -34.03 43.50
C GLU L 131 -42.49 -34.87 43.65
N PRO L 132 -42.07 -35.19 44.89
CA PRO L 132 -40.82 -35.93 45.13
C PRO L 132 -40.77 -37.31 44.49
N SER L 133 -39.54 -37.81 44.30
CA SER L 133 -39.31 -39.10 43.65
C SER L 133 -39.50 -40.26 44.63
N GLU L 134 -40.01 -41.38 44.11
CA GLU L 134 -40.14 -42.63 44.87
C GLU L 134 -38.76 -43.16 45.28
N ALA L 135 -37.82 -43.09 44.35
CA ALA L 135 -36.44 -43.53 44.58
C ALA L 135 -35.72 -42.71 45.66
N GLU L 136 -36.03 -41.42 45.76
CA GLU L 136 -35.40 -40.53 46.76
C GLU L 136 -35.79 -40.89 48.19
N ILE L 137 -37.07 -41.22 48.40
CA ILE L 137 -37.58 -41.53 49.75
C ILE L 137 -37.01 -42.86 50.27
N SER L 138 -36.90 -43.87 49.40
CA SER L 138 -36.32 -45.16 49.77
C SER L 138 -34.80 -45.10 49.95
N HIS L 139 -34.12 -44.32 49.12
CA HIS L 139 -32.65 -44.23 49.14
C HIS L 139 -32.12 -43.34 50.25
N THR L 140 -32.61 -42.10 50.33
CA THR L 140 -32.10 -41.08 51.25
C THR L 140 -32.97 -40.79 52.48
N GLN L 141 -34.20 -41.29 52.50
CA GLN L 141 -35.20 -40.97 53.55
C GLN L 141 -35.46 -39.46 53.66
N LYS L 142 -35.54 -38.80 52.50
CA LYS L 142 -35.87 -37.39 52.39
C LYS L 142 -36.69 -37.17 51.11
N ALA L 143 -37.41 -36.05 51.05
CA ALA L 143 -38.31 -35.74 49.93
C ALA L 143 -38.08 -34.31 49.43
N THR L 144 -37.70 -34.19 48.16
CA THR L 144 -37.42 -32.89 47.53
C THR L 144 -38.53 -32.53 46.54
N LEU L 145 -39.31 -31.50 46.89
CA LEU L 145 -40.27 -30.89 45.95
C LEU L 145 -39.52 -29.90 45.06
N VAL L 146 -39.96 -29.77 43.82
CA VAL L 146 -39.34 -28.85 42.85
C VAL L 146 -40.40 -27.98 42.20
N CYS L 147 -40.24 -26.66 42.35
CA CYS L 147 -41.11 -25.68 41.70
C CYS L 147 -40.44 -25.18 40.42
N LEU L 148 -41.26 -24.69 39.50
CA LEU L 148 -40.77 -24.30 38.18
C LEU L 148 -41.62 -23.18 37.56
N ALA L 149 -41.21 -21.93 37.82
CA ALA L 149 -41.84 -20.76 37.22
C ALA L 149 -41.28 -20.55 35.82
N THR L 150 -42.15 -20.63 34.81
CA THR L 150 -41.72 -20.67 33.41
C THR L 150 -42.49 -19.67 32.54
N GLY L 151 -41.78 -19.07 31.59
CA GLY L 151 -42.38 -18.21 30.57
C GLY L 151 -42.84 -16.86 31.08
N PHE L 152 -41.90 -16.09 31.65
CA PHE L 152 -42.18 -14.74 32.15
C PHE L 152 -41.14 -13.73 31.66
N TYR L 153 -41.57 -12.47 31.55
CA TYR L 153 -40.70 -11.37 31.14
C TYR L 153 -41.30 -10.04 31.64
N PRO L 154 -40.49 -9.13 32.22
CA PRO L 154 -39.05 -9.28 32.49
C PRO L 154 -38.77 -10.08 33.78
N ASP L 155 -37.50 -10.17 34.18
CA ASP L 155 -37.09 -10.91 35.40
C ASP L 155 -37.53 -10.16 36.68
N HIS L 156 -38.84 -10.17 36.92
CA HIS L 156 -39.48 -9.45 38.01
C HIS L 156 -40.27 -10.47 38.82
N VAL L 157 -39.56 -11.32 39.55
CA VAL L 157 -40.19 -12.43 40.29
C VAL L 157 -39.65 -12.61 41.71
N GLU L 158 -40.56 -12.97 42.62
CA GLU L 158 -40.23 -13.28 44.01
C GLU L 158 -40.87 -14.61 44.41
N LEU L 159 -40.11 -15.69 44.27
CA LEU L 159 -40.59 -17.04 44.58
C LEU L 159 -40.51 -17.30 46.09
N SER L 160 -41.49 -18.03 46.61
CA SER L 160 -41.55 -18.38 48.03
C SER L 160 -42.39 -19.64 48.28
N TRP L 161 -41.94 -20.46 49.22
CA TRP L 161 -42.64 -21.70 49.59
C TRP L 161 -43.51 -21.49 50.83
N TRP L 162 -44.72 -22.06 50.81
CA TRP L 162 -45.67 -21.96 51.92
C TRP L 162 -46.14 -23.36 52.33
N VAL L 163 -45.71 -23.79 53.53
CA VAL L 163 -46.13 -25.07 54.10
C VAL L 163 -47.22 -24.83 55.15
N ASN L 164 -48.41 -25.38 54.91
CA ASN L 164 -49.57 -25.25 55.81
C ASN L 164 -49.94 -23.78 56.07
N GLY L 165 -49.97 -22.98 55.00
CA GLY L 165 -50.32 -21.57 55.08
C GLY L 165 -49.36 -20.67 55.84
N LYS L 166 -48.10 -21.09 55.96
CA LYS L 166 -47.05 -20.30 56.61
C LYS L 166 -45.74 -20.44 55.84
N GLU L 167 -45.11 -19.30 55.56
CA GLU L 167 -43.88 -19.27 54.77
C GLU L 167 -42.74 -19.96 55.52
N VAL L 168 -41.90 -20.70 54.79
CA VAL L 168 -40.77 -21.42 55.36
C VAL L 168 -39.50 -21.09 54.60
N HIS L 169 -38.41 -20.88 55.35
CA HIS L 169 -37.09 -20.61 54.78
C HIS L 169 -36.12 -21.78 54.92
N SER L 170 -36.28 -22.59 55.96
CA SER L 170 -35.43 -23.76 56.17
C SER L 170 -35.71 -24.85 55.13
N GLY L 171 -34.65 -25.45 54.61
CA GLY L 171 -34.74 -26.48 53.56
C GLY L 171 -35.10 -25.98 52.17
N VAL L 172 -34.98 -24.67 51.94
CA VAL L 172 -35.35 -24.04 50.68
C VAL L 172 -34.11 -23.64 49.90
N CYS L 173 -34.21 -23.68 48.56
CA CYS L 173 -33.19 -23.14 47.67
C CYS L 173 -33.83 -22.66 46.38
N THR L 174 -33.50 -21.43 45.99
CA THR L 174 -33.98 -20.85 44.74
C THR L 174 -32.77 -20.42 43.91
N ASP L 175 -32.92 -20.46 42.59
CA ASP L 175 -31.84 -20.07 41.68
C ASP L 175 -31.50 -18.59 41.86
N PRO L 176 -30.20 -18.23 41.78
CA PRO L 176 -29.83 -16.81 41.86
C PRO L 176 -30.25 -16.01 40.62
N GLN L 177 -30.18 -16.63 39.44
CA GLN L 177 -30.65 -16.05 38.20
C GLN L 177 -31.47 -17.07 37.40
N PRO L 178 -32.44 -16.60 36.58
CA PRO L 178 -33.23 -17.49 35.75
C PRO L 178 -32.53 -17.83 34.43
N LEU L 179 -33.12 -18.77 33.69
CA LEU L 179 -32.61 -19.20 32.39
C LEU L 179 -33.43 -18.57 31.28
N LYS L 180 -32.76 -18.18 30.19
CA LYS L 180 -33.44 -17.70 28.98
C LYS L 180 -34.06 -18.90 28.27
N GLU L 181 -35.36 -18.83 27.97
CA GLU L 181 -36.04 -19.90 27.23
C GLU L 181 -35.57 -20.00 25.77
N GLN L 182 -35.20 -18.86 25.18
CA GLN L 182 -34.63 -18.80 23.84
C GLN L 182 -33.45 -17.82 23.84
N PRO L 183 -32.28 -18.28 24.35
CA PRO L 183 -31.09 -17.42 24.57
C PRO L 183 -30.62 -16.56 23.38
N ALA L 184 -30.87 -17.00 22.15
CA ALA L 184 -30.52 -16.23 20.94
C ALA L 184 -31.20 -14.86 20.89
N LEU L 185 -32.46 -14.79 21.31
CA LEU L 185 -33.23 -13.53 21.29
C LEU L 185 -32.88 -12.62 22.48
N ASN L 186 -32.93 -11.31 22.23
CA ASN L 186 -32.67 -10.30 23.27
C ASN L 186 -33.85 -10.14 24.22
N ASP L 187 -35.07 -10.20 23.68
CA ASP L 187 -36.31 -10.07 24.47
C ASP L 187 -36.91 -11.43 24.86
N SER L 188 -36.04 -12.36 25.25
CA SER L 188 -36.45 -13.75 25.53
C SER L 188 -37.13 -13.86 26.89
N ARG L 189 -38.08 -14.78 27.00
CA ARG L 189 -38.72 -15.08 28.28
C ARG L 189 -37.76 -15.84 29.19
N TYR L 190 -37.99 -15.72 30.49
CA TYR L 190 -37.14 -16.33 31.52
C TYR L 190 -37.80 -17.54 32.16
N ALA L 191 -37.00 -18.34 32.86
CA ALA L 191 -37.48 -19.52 33.59
C ALA L 191 -36.68 -19.69 34.89
N LEU L 192 -37.39 -19.86 36.01
CA LEU L 192 -36.78 -19.98 37.33
C LEU L 192 -37.17 -21.30 37.96
N SER L 193 -36.29 -21.85 38.80
CA SER L 193 -36.55 -23.10 39.52
C SER L 193 -36.21 -22.94 41.00
N SER L 194 -36.90 -23.72 41.84
CA SER L 194 -36.68 -23.74 43.29
C SER L 194 -36.90 -25.14 43.84
N ARG L 195 -36.29 -25.41 44.99
CA ARG L 195 -36.32 -26.74 45.62
C ARG L 195 -36.64 -26.61 47.11
N LEU L 196 -37.66 -27.33 47.58
CA LEU L 196 -37.98 -27.45 49.01
C LEU L 196 -37.76 -28.90 49.40
N ARG L 197 -36.92 -29.12 50.41
CA ARG L 197 -36.60 -30.46 50.89
C ARG L 197 -37.06 -30.65 52.33
N VAL L 198 -37.78 -31.75 52.58
CA VAL L 198 -38.27 -32.12 53.91
C VAL L 198 -38.08 -33.61 54.15
N SER L 199 -38.27 -34.04 55.40
CA SER L 199 -38.11 -35.45 55.77
C SER L 199 -39.18 -36.33 55.12
N ALA L 200 -38.87 -37.61 54.96
CA ALA L 200 -39.79 -38.59 54.36
C ALA L 200 -41.09 -38.74 55.15
N THR L 201 -40.98 -38.72 56.48
CA THR L 201 -42.14 -38.78 57.37
C THR L 201 -43.07 -37.56 57.19
N PHE L 202 -42.46 -36.38 56.98
CA PHE L 202 -43.23 -35.15 56.78
C PHE L 202 -43.98 -35.16 55.45
N TRP L 203 -43.30 -35.57 54.38
CA TRP L 203 -43.94 -35.66 53.05
C TRP L 203 -45.08 -36.69 53.01
N GLN L 204 -44.85 -37.85 53.62
CA GLN L 204 -45.82 -38.96 53.58
C GLN L 204 -47.15 -38.71 54.31
N ASP L 205 -47.17 -37.73 55.23
CA ASP L 205 -48.39 -37.36 55.95
C ASP L 205 -49.33 -36.56 55.02
N PRO L 206 -50.58 -37.03 54.81
CA PRO L 206 -51.54 -36.24 54.01
C PRO L 206 -52.03 -34.94 54.66
N ARG L 207 -51.84 -34.79 55.98
CA ARG L 207 -52.12 -33.54 56.69
C ARG L 207 -51.38 -32.32 56.14
N ASN L 208 -50.14 -32.52 55.72
CA ASN L 208 -49.28 -31.42 55.27
C ASN L 208 -49.61 -30.93 53.85
N HIS L 209 -49.71 -29.62 53.70
CA HIS L 209 -50.07 -28.96 52.44
C HIS L 209 -48.93 -28.03 52.00
N PHE L 210 -48.41 -28.27 50.79
CA PHE L 210 -47.29 -27.50 50.23
C PHE L 210 -47.78 -26.58 49.12
N ARG L 211 -47.15 -25.41 49.01
CA ARG L 211 -47.48 -24.43 47.96
C ARG L 211 -46.25 -23.64 47.52
N CYS L 212 -46.11 -23.46 46.21
CA CYS L 212 -45.10 -22.59 45.62
C CYS L 212 -45.77 -21.30 45.15
N GLN L 213 -45.43 -20.18 45.77
CA GLN L 213 -46.03 -18.87 45.49
C GLN L 213 -45.03 -17.94 44.81
N VAL L 214 -45.46 -17.32 43.71
CA VAL L 214 -44.58 -16.48 42.88
C VAL L 214 -45.23 -15.13 42.59
N GLN L 215 -44.79 -14.09 43.31
CA GLN L 215 -45.20 -12.71 43.05
C GLN L 215 -44.51 -12.22 41.80
N PHE L 216 -45.29 -11.72 40.84
CA PHE L 216 -44.77 -11.14 39.60
C PHE L 216 -45.13 -9.66 39.57
N TYR L 217 -44.23 -8.83 39.04
CA TYR L 217 -44.45 -7.39 38.90
C TYR L 217 -44.41 -7.01 37.42
N GLY L 218 -45.59 -6.82 36.84
CA GLY L 218 -45.74 -6.49 35.42
C GLY L 218 -46.15 -5.05 35.22
N LEU L 219 -47.21 -4.84 34.45
CA LEU L 219 -47.67 -3.49 34.10
C LEU L 219 -48.55 -2.92 35.21
N SER L 220 -48.55 -1.60 35.33
CA SER L 220 -49.40 -0.90 36.29
C SER L 220 -50.80 -0.68 35.71
N GLU L 221 -51.70 -0.12 36.53
CA GLU L 221 -53.06 0.18 36.08
C GLU L 221 -53.12 1.28 35.00
N ASN L 222 -52.15 2.19 35.01
CA ASN L 222 -52.10 3.30 34.04
C ASN L 222 -51.78 2.86 32.61
N ASP L 223 -51.04 1.76 32.46
CA ASP L 223 -50.58 1.30 31.14
C ASP L 223 -51.74 0.79 30.28
N GLU L 224 -51.74 1.17 29.00
CA GLU L 224 -52.76 0.72 28.05
C GLU L 224 -52.54 -0.74 27.65
N TRP L 225 -53.60 -1.36 27.13
CA TRP L 225 -53.54 -2.75 26.66
C TRP L 225 -54.56 -3.00 25.53
N THR L 226 -54.05 -3.16 24.32
CA THR L 226 -54.88 -3.35 23.12
C THR L 226 -55.07 -4.81 22.70
N GLN L 227 -54.14 -5.70 23.08
CA GLN L 227 -54.18 -7.10 22.63
C GLN L 227 -55.30 -7.92 23.26
N ASP L 228 -55.62 -9.04 22.62
CA ASP L 228 -56.78 -9.87 22.97
C ASP L 228 -56.65 -10.61 24.31
N ARG L 229 -55.44 -11.09 24.62
CA ARG L 229 -55.21 -11.86 25.85
C ARG L 229 -55.32 -11.01 27.11
N ALA L 230 -55.26 -11.66 28.27
CA ALA L 230 -55.37 -10.98 29.57
C ALA L 230 -54.18 -10.06 29.83
N LYS L 231 -54.46 -8.92 30.48
CA LYS L 231 -53.45 -7.89 30.73
C LYS L 231 -52.42 -8.40 31.75
N PRO L 232 -51.12 -8.43 31.39
CA PRO L 232 -50.10 -8.97 32.28
C PRO L 232 -49.70 -7.98 33.39
N VAL L 233 -50.57 -7.86 34.39
CA VAL L 233 -50.36 -6.93 35.51
C VAL L 233 -49.66 -7.62 36.69
N THR L 234 -49.36 -6.83 37.73
CA THR L 234 -48.80 -7.36 38.98
C THR L 234 -49.77 -8.36 39.60
N GLN L 235 -49.29 -9.59 39.82
CA GLN L 235 -50.13 -10.69 40.29
C GLN L 235 -49.30 -11.82 40.94
N ILE L 236 -49.94 -12.52 41.88
CA ILE L 236 -49.38 -13.72 42.49
C ILE L 236 -49.89 -14.94 41.71
N VAL L 237 -49.04 -15.95 41.56
CA VAL L 237 -49.41 -17.20 40.88
C VAL L 237 -48.99 -18.38 41.77
N SER L 238 -49.99 -19.08 42.32
CA SER L 238 -49.76 -20.22 43.21
C SER L 238 -49.77 -21.54 42.46
N ALA L 239 -49.16 -22.55 43.07
CA ALA L 239 -49.23 -23.93 42.61
C ALA L 239 -48.91 -24.83 43.81
N GLU L 240 -49.63 -25.94 43.94
CA GLU L 240 -49.68 -26.68 45.21
C GLU L 240 -49.77 -28.20 45.04
N ALA L 241 -49.40 -28.91 46.12
CA ALA L 241 -49.43 -30.36 46.17
C ALA L 241 -49.53 -30.86 47.61
N TRP L 242 -50.20 -32.00 47.80
CA TRP L 242 -50.43 -32.58 49.11
C TRP L 242 -49.55 -33.82 49.32
N GLY L 243 -49.49 -34.29 50.57
CA GLY L 243 -48.75 -35.51 50.91
C GLY L 243 -49.46 -36.79 50.49
N ARG L 244 -48.69 -37.88 50.41
CA ARG L 244 -49.19 -39.18 49.96
C ARG L 244 -48.24 -40.33 50.33
N ALA L 245 -48.80 -41.51 50.56
CA ALA L 245 -48.02 -42.70 50.92
C ALA L 245 -48.59 -43.95 50.26
#